data_3NIC
#
_entry.id   3NIC
#
_cell.length_a   99.870
_cell.length_b   101.346
_cell.length_c   142.346
_cell.angle_alpha   90.00
_cell.angle_beta   109.59
_cell.angle_gamma   90.00
#
_symmetry.space_group_name_H-M   'P 1 21 1'
#
loop_
_entity.id
_entity.type
_entity.pdbx_description
1 polymer Eco29kIR
2 polymer "DNA (5'-D(P*CP*GP*GP*GP*AP*GP*GP*CP*CP*CP*GP*CP*GP*GP*GP*CP*CP*GP*CP*CP*GP*C)-3')"
3 polymer "DNA (5'-D(P*GP*CP*GP*GP*CP*GP*GP*CP*CP*CP*GP*CP*GP*GP*GP*CP*CP*TP*CP*CP*CP*G)-3')"
4 non-polymer 'PHOSPHATE ION'
5 water water
#
loop_
_entity_poly.entity_id
_entity_poly.type
_entity_poly.pdbx_seq_one_letter_code
_entity_poly.pdbx_strand_id
1 'polypeptide(L)'
;MASSHHHHHHSSGLVPRGSSMGHNKKFDRSEHVYRNDSFLELIKDAVRFFSGTPVHSLPPPERFQGAGVFALYYTGHYSL
YDEYSRINRKAYNLPIYVGKAVPAGWRQSRISDHETRAGSELSNRIREHGRNIAKTSNLDLCDFSCRFVIFEATGSDMIS
TVEAALIKIYKPLWNTVVDGFGNHTPGAGRFAQAKSDWDVIHPGREWAEKCTGVHSEPYFIEERIKQYFSKSNFT
;
A,B,C,D,E,F,G,H
2 'polydeoxyribonucleotide'
;(DC)(DG)(DG)(DG)(DA)(DG)(DG)(DC)(DC)(DC)(DG)(DC)(DG)(DG)(DG)(DC)(DC)(DG)(DC)(DC)
(DG)(DC)
;
M,I,K,O
3 'polydeoxyribonucleotide'
;(DG)(DC)(DG)(DG)(DC)(DG)(DG)(DC)(DC)(DC)(DG)(DC)(DG)(DG)(DG)(DC)(DC)(DT)(DC)(DC)
(DC)(DG)
;
N,J,L,P
#
loop_
_chem_comp.id
_chem_comp.type
_chem_comp.name
_chem_comp.formula
DA DNA linking 2'-DEOXYADENOSINE-5'-MONOPHOSPHATE 'C10 H14 N5 O6 P'
DC DNA linking 2'-DEOXYCYTIDINE-5'-MONOPHOSPHATE 'C9 H14 N3 O7 P'
DG DNA linking 2'-DEOXYGUANOSINE-5'-MONOPHOSPHATE 'C10 H14 N5 O7 P'
DT DNA linking THYMIDINE-5'-MONOPHOSPHATE 'C10 H15 N2 O8 P'
PO4 non-polymer 'PHOSPHATE ION' 'O4 P -3'
#
# COMPACT_ATOMS: atom_id res chain seq x y z
N HIS A 23 -10.71 -12.02 25.95
CA HIS A 23 -9.91 -13.27 25.78
C HIS A 23 -8.84 -13.46 26.89
N ASN A 24 -8.60 -14.71 27.26
CA ASN A 24 -7.48 -15.11 28.14
C ASN A 24 -6.75 -16.37 27.66
N LYS A 25 -5.41 -16.31 27.67
CA LYS A 25 -4.59 -17.45 27.24
C LYS A 25 -4.83 -18.70 28.11
N LYS A 26 -4.39 -19.87 27.62
CA LYS A 26 -4.68 -21.18 28.21
C LYS A 26 -6.18 -21.50 28.22
N PHE A 27 -6.66 -22.08 27.13
CA PHE A 27 -7.97 -22.67 27.14
C PHE A 27 -7.88 -23.98 27.88
N ASP A 28 -8.80 -24.20 28.80
CA ASP A 28 -8.87 -25.43 29.56
C ASP A 28 -10.35 -25.73 29.78
N ARG A 29 -10.88 -26.74 29.09
CA ARG A 29 -12.32 -27.04 29.15
C ARG A 29 -12.80 -27.41 30.57
N SER A 30 -11.96 -28.14 31.32
CA SER A 30 -12.27 -28.61 32.68
C SER A 30 -12.82 -27.53 33.61
N GLU A 31 -12.43 -26.28 33.38
CA GLU A 31 -12.77 -25.19 34.28
C GLU A 31 -14.11 -24.52 33.98
N HIS A 32 -14.85 -25.05 33.00
CA HIS A 32 -16.13 -24.49 32.61
C HIS A 32 -17.24 -25.46 32.97
N VAL A 33 -16.84 -26.64 33.44
CA VAL A 33 -17.77 -27.75 33.69
C VAL A 33 -18.31 -27.64 35.09
N TYR A 34 -19.59 -27.92 35.27
CA TYR A 34 -20.20 -27.70 36.56
C TYR A 34 -20.77 -29.00 37.07
N ARG A 35 -20.08 -29.62 38.02
CA ARG A 35 -20.60 -30.83 38.65
C ARG A 35 -20.93 -30.47 40.10
N ASN A 36 -22.12 -30.86 40.54
CA ASN A 36 -22.51 -30.69 41.93
C ASN A 36 -23.67 -31.60 42.12
N ASP A 37 -23.40 -32.74 42.73
CA ASP A 37 -24.36 -33.81 42.75
C ASP A 37 -25.51 -33.56 43.72
N SER A 38 -25.26 -32.67 44.65
CA SER A 38 -26.22 -32.34 45.69
C SER A 38 -27.69 -32.43 45.30
N PHE A 39 -28.00 -32.05 44.09
CA PHE A 39 -29.41 -31.83 43.77
C PHE A 39 -30.25 -33.06 43.40
N LEU A 40 -29.67 -34.05 42.73
CA LEU A 40 -30.40 -35.25 42.33
C LEU A 40 -31.36 -35.75 43.41
N GLU A 41 -30.90 -35.84 44.65
CA GLU A 41 -31.77 -36.26 45.75
C GLU A 41 -32.93 -35.29 46.05
N LEU A 42 -32.68 -33.99 45.86
CA LEU A 42 -33.74 -32.97 45.95
C LEU A 42 -34.80 -33.24 44.92
N ILE A 43 -34.37 -33.70 43.73
CA ILE A 43 -35.31 -33.93 42.64
C ILE A 43 -36.17 -35.14 42.89
N LYS A 44 -35.54 -36.25 43.27
CA LYS A 44 -36.25 -37.47 43.58
C LYS A 44 -37.22 -37.27 44.76
N ASP A 45 -36.88 -36.39 45.68
CA ASP A 45 -37.86 -35.98 46.71
C ASP A 45 -39.12 -35.27 46.14
N ALA A 46 -38.93 -34.36 45.19
CA ALA A 46 -40.03 -33.70 44.50
C ALA A 46 -40.96 -34.67 43.73
N VAL A 47 -40.35 -35.53 42.92
CA VAL A 47 -41.02 -36.56 42.16
C VAL A 47 -41.79 -37.46 43.09
N ARG A 48 -41.12 -37.92 44.15
CA ARG A 48 -41.72 -38.79 45.15
C ARG A 48 -43.02 -38.14 45.59
N PHE A 49 -42.92 -36.93 46.09
CA PHE A 49 -44.05 -36.15 46.54
C PHE A 49 -45.14 -35.95 45.50
N PHE A 50 -44.76 -35.61 44.26
CA PHE A 50 -45.71 -35.39 43.17
C PHE A 50 -46.65 -36.56 42.99
N SER A 51 -46.08 -37.76 43.08
CA SER A 51 -46.78 -39.00 42.85
C SER A 51 -47.89 -39.32 43.80
N GLY A 52 -47.83 -38.74 44.99
CA GLY A 52 -48.83 -38.99 46.00
C GLY A 52 -49.84 -37.88 46.12
N THR A 53 -49.75 -36.86 45.28
CA THR A 53 -50.65 -35.72 45.41
C THR A 53 -52.04 -36.12 44.92
N PRO A 54 -53.09 -35.51 45.47
CA PRO A 54 -54.42 -35.96 45.03
C PRO A 54 -54.69 -35.75 43.53
N VAL A 55 -55.53 -36.60 42.97
CA VAL A 55 -55.88 -36.54 41.55
C VAL A 55 -57.20 -35.82 41.38
N HIS A 56 -57.24 -34.79 40.53
CA HIS A 56 -58.50 -34.08 40.28
C HIS A 56 -58.96 -34.17 38.84
N SER A 57 -60.19 -33.75 38.55
CA SER A 57 -60.64 -33.67 37.16
C SER A 57 -59.94 -32.54 36.41
N LEU A 58 -60.30 -32.32 35.15
CA LEU A 58 -59.67 -31.28 34.32
C LEU A 58 -60.68 -30.25 33.85
N PRO A 59 -60.52 -29.00 34.30
CA PRO A 59 -59.55 -28.50 35.26
C PRO A 59 -60.05 -28.71 36.70
N PRO A 60 -59.23 -28.37 37.71
CA PRO A 60 -59.61 -28.66 39.10
C PRO A 60 -60.87 -27.91 39.52
N PRO A 61 -61.55 -28.37 40.59
CA PRO A 61 -62.84 -27.78 40.96
C PRO A 61 -62.74 -26.35 41.44
N GLU A 62 -61.56 -25.93 41.89
CA GLU A 62 -61.37 -24.56 42.35
C GLU A 62 -60.15 -23.94 41.71
N ARG A 63 -60.10 -22.62 41.70
CA ARG A 63 -58.91 -21.95 41.23
C ARG A 63 -58.03 -21.64 42.40
N PHE A 64 -56.74 -21.44 42.10
CA PHE A 64 -55.73 -21.31 43.14
C PHE A 64 -54.48 -20.55 42.65
N GLN A 65 -53.82 -19.89 43.59
CA GLN A 65 -52.59 -19.16 43.28
C GLN A 65 -51.39 -20.06 43.40
N GLY A 66 -50.44 -19.88 42.47
CA GLY A 66 -49.18 -20.64 42.47
C GLY A 66 -48.62 -20.92 41.11
N ALA A 67 -47.33 -21.23 41.07
CA ALA A 67 -46.67 -21.74 39.88
C ALA A 67 -46.20 -23.15 40.24
N GLY A 68 -45.89 -23.98 39.23
CA GLY A 68 -45.46 -25.33 39.50
C GLY A 68 -45.55 -26.26 38.32
N VAL A 69 -45.92 -27.51 38.61
CA VAL A 69 -45.85 -28.60 37.63
C VAL A 69 -47.12 -29.41 37.71
N PHE A 70 -47.45 -30.12 36.63
CA PHE A 70 -48.71 -30.85 36.55
C PHE A 70 -48.63 -31.99 35.59
N ALA A 71 -49.57 -32.91 35.73
CA ALA A 71 -49.70 -34.04 34.87
C ALA A 71 -51.15 -34.15 34.35
N LEU A 72 -51.30 -34.60 33.11
CA LEU A 72 -52.62 -34.93 32.58
C LEU A 72 -52.76 -36.44 32.34
N TYR A 73 -53.92 -36.99 32.71
CA TYR A 73 -54.15 -38.42 32.58
C TYR A 73 -55.37 -38.64 31.77
N TYR A 74 -55.31 -39.60 30.85
CA TYR A 74 -56.47 -40.03 30.05
C TYR A 74 -57.08 -41.36 30.51
N THR A 75 -58.39 -41.49 30.46
CA THR A 75 -59.03 -42.79 30.75
C THR A 75 -60.11 -43.12 29.72
N GLY A 76 -60.18 -42.33 28.65
CA GLY A 76 -61.20 -42.52 27.65
C GLY A 76 -60.87 -43.61 26.66
N HIS A 77 -61.59 -43.63 25.54
CA HIS A 77 -61.49 -44.76 24.60
C HIS A 77 -61.30 -44.36 23.17
N TYR A 78 -60.86 -43.13 22.93
CA TYR A 78 -60.54 -42.73 21.59
C TYR A 78 -59.62 -43.80 21.04
N SER A 79 -59.96 -44.33 19.86
CA SER A 79 -59.22 -45.49 19.28
C SER A 79 -57.70 -45.49 19.51
N LEU A 80 -57.01 -44.45 19.05
CA LEU A 80 -55.54 -44.38 19.21
C LEU A 80 -55.01 -44.44 20.64
N TYR A 81 -55.84 -44.09 21.63
CA TYR A 81 -55.39 -43.94 23.01
C TYR A 81 -55.98 -44.94 23.96
N ASP A 82 -56.70 -45.92 23.44
CA ASP A 82 -57.48 -46.83 24.28
C ASP A 82 -56.64 -47.52 25.38
N GLU A 83 -55.39 -47.81 25.06
CA GLU A 83 -54.48 -48.37 26.03
C GLU A 83 -54.55 -47.68 27.42
N TYR A 84 -54.61 -46.36 27.42
CA TYR A 84 -54.62 -45.62 28.67
C TYR A 84 -55.80 -46.03 29.54
N SER A 85 -56.94 -46.33 28.94
CA SER A 85 -58.06 -46.74 29.74
C SER A 85 -57.73 -48.07 30.43
N ARG A 86 -56.81 -48.83 29.84
CA ARG A 86 -56.31 -50.06 30.40
C ARG A 86 -55.22 -49.79 31.46
N ILE A 87 -54.21 -49.01 31.05
CA ILE A 87 -53.06 -48.75 31.89
C ILE A 87 -53.54 -48.00 33.09
N ASN A 88 -54.37 -46.99 32.87
CA ASN A 88 -54.90 -46.19 33.97
C ASN A 88 -56.21 -46.68 34.63
N ARG A 89 -56.60 -47.93 34.34
CA ARG A 89 -57.86 -48.48 34.85
C ARG A 89 -57.95 -48.44 36.36
N LYS A 90 -56.85 -48.75 37.04
CA LYS A 90 -56.90 -48.94 38.46
C LYS A 90 -56.21 -47.87 39.31
N ALA A 91 -55.43 -47.02 38.67
CA ALA A 91 -54.77 -45.92 39.33
C ALA A 91 -54.37 -45.00 38.21
N TYR A 92 -54.11 -43.74 38.51
CA TYR A 92 -53.60 -42.89 37.47
C TYR A 92 -52.14 -43.12 37.37
N ASN A 93 -51.80 -44.12 36.56
CA ASN A 93 -50.41 -44.56 36.45
C ASN A 93 -49.62 -43.80 35.43
N LEU A 94 -50.11 -43.72 34.18
CA LEU A 94 -49.33 -43.12 33.12
C LEU A 94 -49.88 -41.80 32.55
N PRO A 95 -49.11 -40.71 32.67
CA PRO A 95 -49.45 -39.38 32.13
C PRO A 95 -49.48 -39.32 30.63
N ILE A 96 -50.46 -38.66 30.07
CA ILE A 96 -50.36 -38.37 28.65
C ILE A 96 -49.50 -37.15 28.44
N TYR A 97 -49.43 -36.27 29.44
CA TYR A 97 -48.76 -35.01 29.25
C TYR A 97 -48.38 -34.42 30.56
N VAL A 98 -47.28 -33.71 30.57
CA VAL A 98 -46.75 -33.11 31.77
C VAL A 98 -46.20 -31.76 31.40
N GLY A 99 -46.68 -30.72 32.08
CA GLY A 99 -46.30 -29.38 31.75
C GLY A 99 -45.75 -28.68 32.95
N LYS A 100 -45.44 -27.39 32.79
CA LYS A 100 -45.00 -26.52 33.87
C LYS A 100 -45.52 -25.10 33.70
N ALA A 101 -45.88 -24.48 34.80
CA ALA A 101 -46.28 -23.10 34.77
C ALA A 101 -45.27 -22.37 35.64
N VAL A 102 -44.42 -21.58 35.00
CA VAL A 102 -43.33 -20.89 35.66
C VAL A 102 -43.79 -19.48 36.10
N PRO A 103 -43.18 -18.90 37.15
CA PRO A 103 -43.59 -17.52 37.48
C PRO A 103 -43.43 -16.56 36.32
N ALA A 104 -44.18 -15.46 36.34
CA ALA A 104 -44.01 -14.45 35.32
C ALA A 104 -42.62 -13.83 35.44
N GLY A 105 -41.90 -13.73 34.32
CA GLY A 105 -40.58 -13.12 34.30
C GLY A 105 -39.44 -14.00 33.83
N TRP A 106 -39.76 -15.07 33.12
CA TRP A 106 -38.74 -16.06 32.71
C TRP A 106 -37.82 -15.55 31.59
N ARG A 107 -38.36 -14.69 30.72
CA ARG A 107 -37.63 -14.24 29.56
C ARG A 107 -36.96 -12.90 29.79
N GLN A 108 -37.71 -11.95 30.34
CA GLN A 108 -37.21 -10.59 30.53
C GLN A 108 -37.05 -10.22 32.00
N SER A 109 -37.62 -11.03 32.90
CA SER A 109 -37.58 -10.69 34.31
C SER A 109 -37.87 -9.19 34.56
N ARG A 110 -39.01 -8.74 34.06
CA ARG A 110 -39.45 -7.39 34.32
C ARG A 110 -40.56 -7.33 35.38
N ILE A 111 -40.21 -7.68 36.61
CA ILE A 111 -41.12 -7.52 37.73
C ILE A 111 -40.46 -6.43 38.58
N SER A 112 -40.10 -5.34 37.88
CA SER A 112 -39.07 -4.32 38.27
C SER A 112 -39.61 -3.15 39.12
N ASP A 113 -40.89 -2.84 38.98
CA ASP A 113 -41.57 -1.80 39.79
C ASP A 113 -43.07 -2.12 39.95
N HIS A 114 -43.48 -3.27 39.43
CA HIS A 114 -44.85 -3.82 39.62
C HIS A 114 -44.77 -5.28 40.11
N GLU A 115 -44.68 -5.43 41.44
CA GLU A 115 -44.30 -6.71 42.11
C GLU A 115 -45.29 -7.89 42.04
N THR A 116 -46.47 -7.71 42.67
CA THR A 116 -47.49 -8.77 42.86
C THR A 116 -48.48 -8.21 43.92
N ARG A 117 -49.69 -8.78 44.13
CA ARG A 117 -50.44 -9.76 43.30
C ARG A 117 -49.84 -11.18 43.09
N ALA A 118 -49.81 -11.99 44.16
CA ALA A 118 -49.33 -13.36 44.09
C ALA A 118 -50.08 -14.01 42.96
N GLY A 119 -49.36 -14.28 41.86
CA GLY A 119 -49.92 -14.84 40.63
C GLY A 119 -50.50 -16.25 40.74
N SER A 120 -51.22 -16.67 39.70
CA SER A 120 -51.83 -17.99 39.64
C SER A 120 -51.73 -18.58 38.23
N GLU A 121 -50.48 -18.77 37.80
CA GLU A 121 -50.17 -19.20 36.44
C GLU A 121 -50.35 -20.71 36.18
N LEU A 122 -50.19 -21.53 37.22
CA LEU A 122 -50.41 -22.98 37.12
C LEU A 122 -51.86 -23.30 36.82
N SER A 123 -52.76 -22.85 37.70
CA SER A 123 -54.22 -22.98 37.53
C SER A 123 -54.60 -22.44 36.18
N ASN A 124 -53.99 -21.35 35.76
CA ASN A 124 -54.29 -20.82 34.45
C ASN A 124 -53.88 -21.71 33.28
N ARG A 125 -52.66 -22.24 33.28
CA ARG A 125 -52.32 -23.16 32.19
C ARG A 125 -53.26 -24.32 32.20
N ILE A 126 -53.39 -24.93 33.38
CA ILE A 126 -54.12 -26.18 33.48
C ILE A 126 -55.49 -25.95 32.87
N ARG A 127 -56.14 -24.85 33.29
CA ARG A 127 -57.37 -24.39 32.69
C ARG A 127 -57.31 -24.19 31.17
N GLU A 128 -56.24 -23.55 30.70
CA GLU A 128 -56.09 -23.32 29.28
C GLU A 128 -56.10 -24.66 28.61
N HIS A 129 -55.32 -25.60 29.13
CA HIS A 129 -55.23 -26.88 28.45
C HIS A 129 -56.60 -27.57 28.43
N GLY A 130 -57.37 -27.40 29.50
CA GLY A 130 -58.72 -27.96 29.54
C GLY A 130 -59.55 -27.40 28.41
N ARG A 131 -59.41 -26.10 28.18
CA ARG A 131 -60.20 -25.46 27.18
C ARG A 131 -59.91 -26.01 25.81
N ASN A 132 -58.61 -26.11 25.48
CA ASN A 132 -58.14 -26.66 24.21
C ASN A 132 -58.65 -28.05 23.91
N ILE A 133 -58.60 -28.93 24.90
CA ILE A 133 -59.14 -30.28 24.75
C ILE A 133 -60.61 -30.18 24.42
N ALA A 134 -61.32 -29.33 25.14
CA ALA A 134 -62.77 -29.19 25.01
C ALA A 134 -63.17 -28.75 23.58
N LYS A 135 -62.24 -28.14 22.85
CA LYS A 135 -62.48 -27.76 21.46
C LYS A 135 -62.27 -28.92 20.48
N THR A 136 -61.56 -29.97 20.90
CA THR A 136 -61.30 -31.06 19.98
C THR A 136 -62.62 -31.75 19.67
N SER A 137 -62.65 -32.48 18.55
CA SER A 137 -63.90 -33.17 18.17
C SER A 137 -63.92 -34.60 18.70
N ASN A 138 -62.73 -35.14 18.96
CA ASN A 138 -62.58 -36.52 19.27
C ASN A 138 -62.08 -36.79 20.69
N LEU A 139 -62.01 -35.75 21.54
CA LEU A 139 -61.60 -35.92 22.94
C LEU A 139 -62.54 -35.23 23.88
N ASP A 140 -62.82 -35.95 24.94
CA ASP A 140 -63.85 -35.59 25.88
C ASP A 140 -63.25 -35.20 27.23
N LEU A 141 -63.37 -33.94 27.58
CA LEU A 141 -62.66 -33.44 28.74
C LEU A 141 -62.97 -34.28 29.98
N CYS A 142 -64.20 -34.79 30.08
CA CYS A 142 -64.59 -35.70 31.14
C CYS A 142 -63.66 -36.94 31.33
N ASP A 143 -62.76 -37.19 30.38
CA ASP A 143 -61.96 -38.42 30.36
C ASP A 143 -60.52 -38.12 30.70
N PHE A 144 -60.31 -36.89 31.11
CA PHE A 144 -59.03 -36.42 31.59
C PHE A 144 -59.12 -36.09 33.05
N SER A 145 -58.01 -36.28 33.75
CA SER A 145 -57.82 -35.78 35.10
C SER A 145 -56.40 -35.25 35.22
N CYS A 146 -56.08 -34.60 36.33
CA CYS A 146 -54.73 -34.13 36.53
C CYS A 146 -54.19 -34.28 37.93
N ARG A 147 -52.89 -34.03 38.04
CA ARG A 147 -52.22 -33.83 39.30
C ARG A 147 -51.43 -32.59 39.11
N PHE A 148 -51.15 -31.87 40.17
CA PHE A 148 -50.30 -30.72 40.05
C PHE A 148 -49.59 -30.45 41.38
N VAL A 149 -48.40 -29.88 41.32
CA VAL A 149 -47.71 -29.41 42.50
C VAL A 149 -47.38 -27.95 42.36
N ILE A 150 -47.54 -27.23 43.48
CA ILE A 150 -47.20 -25.84 43.60
C ILE A 150 -45.88 -25.76 44.32
N PHE A 151 -44.92 -25.11 43.69
CA PHE A 151 -43.63 -24.90 44.29
C PHE A 151 -43.63 -23.47 44.78
N GLU A 152 -43.52 -23.30 46.11
CA GLU A 152 -43.67 -21.96 46.72
C GLU A 152 -42.47 -21.06 46.52
N ALA A 153 -42.57 -19.85 47.05
CA ALA A 153 -41.47 -18.88 47.16
C ALA A 153 -40.22 -19.29 46.38
N THR A 154 -39.22 -19.84 47.08
CA THR A 154 -37.88 -20.06 46.54
C THR A 154 -37.82 -21.37 45.81
N GLY A 155 -38.64 -22.31 46.27
CA GLY A 155 -38.95 -23.54 45.52
C GLY A 155 -39.18 -23.35 44.03
N SER A 156 -39.78 -22.21 43.66
CA SER A 156 -40.11 -21.93 42.26
C SER A 156 -38.95 -22.22 41.30
N ASP A 157 -37.72 -22.01 41.74
CA ASP A 157 -36.52 -22.45 41.02
C ASP A 157 -36.48 -23.91 40.51
N MET A 158 -37.24 -24.82 41.14
CA MET A 158 -37.23 -26.24 40.76
C MET A 158 -38.13 -26.54 39.53
N ILE A 159 -39.16 -25.71 39.37
CA ILE A 159 -40.21 -26.04 38.45
C ILE A 159 -39.72 -26.82 37.21
N SER A 160 -38.78 -26.24 36.47
CA SER A 160 -38.29 -26.83 35.22
C SER A 160 -37.62 -28.15 35.42
N THR A 161 -36.75 -28.19 36.41
CA THR A 161 -35.93 -29.37 36.62
C THR A 161 -36.76 -30.58 37.00
N VAL A 162 -37.77 -30.36 37.84
CA VAL A 162 -38.71 -31.43 38.21
C VAL A 162 -39.51 -31.85 36.96
N GLU A 163 -39.91 -30.84 36.16
CA GLU A 163 -40.68 -31.15 35.00
C GLU A 163 -39.88 -32.08 34.10
N ALA A 164 -38.59 -31.81 33.93
CA ALA A 164 -37.76 -32.65 33.07
C ALA A 164 -37.66 -34.05 33.62
N ALA A 165 -37.54 -34.18 34.93
CA ALA A 165 -37.42 -35.50 35.54
C ALA A 165 -38.66 -36.29 35.26
N LEU A 166 -39.82 -35.65 35.45
CA LEU A 166 -41.07 -36.35 35.24
C LEU A 166 -41.11 -36.86 33.82
N ILE A 167 -40.61 -36.03 32.88
CA ILE A 167 -40.70 -36.36 31.47
C ILE A 167 -39.71 -37.46 31.22
N LYS A 168 -38.60 -37.41 31.93
CA LYS A 168 -37.62 -38.48 31.74
C LYS A 168 -38.17 -39.81 32.22
N ILE A 169 -38.98 -39.77 33.26
CA ILE A 169 -39.52 -41.00 33.83
C ILE A 169 -40.69 -41.61 33.05
N TYR A 170 -41.62 -40.78 32.59
CA TYR A 170 -42.84 -41.33 31.96
C TYR A 170 -42.86 -41.17 30.44
N LYS A 171 -42.07 -40.26 29.91
CA LYS A 171 -42.03 -40.01 28.46
C LYS A 171 -43.46 -39.94 27.96
N PRO A 172 -44.24 -39.03 28.52
CA PRO A 172 -45.62 -38.87 28.12
C PRO A 172 -45.76 -38.55 26.63
N LEU A 173 -46.74 -39.18 26.00
CA LEU A 173 -46.95 -39.12 24.56
C LEU A 173 -46.97 -37.71 23.93
N TRP A 174 -47.69 -36.79 24.55
CA TRP A 174 -47.74 -35.44 24.02
C TRP A 174 -46.48 -34.68 24.38
N ASN A 175 -45.52 -35.42 24.93
CA ASN A 175 -44.27 -34.82 25.32
C ASN A 175 -43.13 -35.37 24.49
N THR A 176 -43.28 -36.58 23.97
CA THR A 176 -42.13 -37.25 23.41
C THR A 176 -42.35 -37.80 22.04
N VAL A 177 -43.60 -37.74 21.57
CA VAL A 177 -44.00 -38.27 20.26
C VAL A 177 -44.87 -37.29 19.48
N VAL A 178 -45.87 -36.72 20.13
CA VAL A 178 -46.78 -35.76 19.48
C VAL A 178 -46.64 -34.31 19.98
N ASP A 179 -46.18 -33.43 19.07
CA ASP A 179 -45.86 -32.02 19.39
C ASP A 179 -47.00 -31.07 19.16
N GLY A 180 -46.95 -29.94 19.85
CA GLY A 180 -47.88 -28.88 19.60
C GLY A 180 -49.01 -28.71 20.58
N PHE A 181 -49.16 -29.62 21.54
CA PHE A 181 -50.25 -29.39 22.45
C PHE A 181 -50.13 -28.03 23.18
N GLY A 182 -48.92 -27.68 23.58
CA GLY A 182 -48.74 -26.54 24.45
C GLY A 182 -48.67 -25.19 23.75
N ASN A 183 -49.07 -25.13 22.48
CA ASN A 183 -48.79 -23.93 21.65
C ASN A 183 -49.82 -22.83 21.80
N HIS A 184 -49.38 -21.59 21.68
CA HIS A 184 -50.36 -20.53 21.56
C HIS A 184 -50.64 -20.29 20.09
N THR A 185 -51.65 -19.49 19.81
CA THR A 185 -51.88 -19.06 18.43
C THR A 185 -50.60 -18.52 17.77
N PRO A 186 -50.32 -18.86 16.50
CA PRO A 186 -49.18 -18.18 15.91
C PRO A 186 -49.45 -16.70 15.64
N GLY A 187 -50.72 -16.33 15.48
CA GLY A 187 -51.12 -14.92 15.19
C GLY A 187 -51.01 -14.57 13.72
N ALA A 188 -51.72 -13.55 13.28
CA ALA A 188 -51.42 -13.00 11.96
C ALA A 188 -49.93 -12.74 11.95
N GLY A 189 -49.34 -12.70 10.77
CA GLY A 189 -47.88 -12.59 10.75
C GLY A 189 -47.23 -13.96 10.70
N ARG A 190 -48.00 -15.01 11.02
CA ARG A 190 -47.49 -16.36 10.99
C ARG A 190 -48.54 -17.34 10.49
N PHE A 191 -49.65 -16.83 9.98
CA PHE A 191 -50.67 -17.68 9.33
C PHE A 191 -50.11 -18.69 8.35
N ALA A 192 -49.00 -18.34 7.69
CA ALA A 192 -48.38 -19.20 6.68
C ALA A 192 -47.73 -20.50 7.15
N GLN A 193 -47.53 -20.66 8.47
CA GLN A 193 -46.92 -21.86 9.02
C GLN A 193 -47.94 -22.98 9.12
N ALA A 194 -47.51 -24.13 9.65
CA ALA A 194 -48.34 -25.34 9.64
C ALA A 194 -48.82 -25.64 11.04
N LYS A 195 -50.07 -26.08 11.16
CA LYS A 195 -50.54 -26.56 12.43
C LYS A 195 -49.68 -27.74 12.83
N SER A 196 -49.76 -28.05 14.12
CA SER A 196 -48.90 -29.02 14.74
C SER A 196 -49.49 -30.36 14.47
N ASP A 197 -48.64 -31.37 14.56
CA ASP A 197 -49.13 -32.71 14.72
C ASP A 197 -50.36 -32.74 15.65
N TRP A 198 -50.33 -32.05 16.80
CA TRP A 198 -51.43 -32.25 17.77
C TRP A 198 -52.76 -31.77 17.22
N ASP A 199 -52.68 -30.73 16.40
CA ASP A 199 -53.81 -30.20 15.70
C ASP A 199 -54.27 -31.06 14.52
N VAL A 200 -53.34 -31.73 13.86
CA VAL A 200 -53.79 -32.53 12.74
C VAL A 200 -54.62 -33.71 13.23
N ILE A 201 -54.15 -34.44 14.24
CA ILE A 201 -54.95 -35.56 14.74
C ILE A 201 -56.12 -35.16 15.66
N HIS A 202 -56.01 -34.00 16.32
CA HIS A 202 -57.13 -33.49 17.11
C HIS A 202 -57.66 -32.15 16.61
N PRO A 203 -58.13 -32.08 15.36
CA PRO A 203 -58.69 -30.76 15.08
C PRO A 203 -59.74 -30.51 16.16
N GLY A 204 -60.13 -29.27 16.43
CA GLY A 204 -59.55 -28.10 15.83
C GLY A 204 -59.70 -26.94 16.80
N ARG A 205 -58.58 -26.32 17.19
CA ARG A 205 -58.64 -24.96 17.70
C ARG A 205 -58.78 -24.08 16.46
N GLU A 206 -59.56 -23.02 16.58
CA GLU A 206 -59.82 -22.18 15.44
C GLU A 206 -58.48 -21.86 14.79
N TRP A 207 -57.53 -21.31 15.54
CA TRP A 207 -56.34 -20.80 14.90
C TRP A 207 -55.61 -21.86 14.11
N ALA A 208 -55.81 -23.10 14.52
CA ALA A 208 -55.16 -24.19 13.83
C ALA A 208 -55.74 -24.33 12.44
N GLU A 209 -57.00 -23.98 12.28
CA GLU A 209 -57.64 -24.04 10.99
C GLU A 209 -57.34 -22.82 10.10
N LYS A 210 -56.70 -21.78 10.60
CA LYS A 210 -56.35 -20.62 9.72
C LYS A 210 -54.95 -20.77 9.10
N CYS A 211 -54.17 -21.74 9.56
CA CYS A 211 -52.82 -21.99 9.05
C CYS A 211 -52.76 -22.64 7.65
N THR A 212 -52.09 -21.98 6.72
CA THR A 212 -51.95 -22.51 5.38
C THR A 212 -50.78 -23.47 5.21
N GLY A 213 -49.78 -23.39 6.07
CA GLY A 213 -48.59 -24.28 5.99
C GLY A 213 -48.88 -25.77 5.91
N VAL A 214 -48.10 -26.45 5.07
CA VAL A 214 -48.21 -27.91 4.94
C VAL A 214 -47.86 -28.66 6.25
N HIS A 215 -48.87 -29.30 6.83
CA HIS A 215 -48.68 -30.10 8.04
C HIS A 215 -48.27 -31.53 7.75
N SER A 216 -48.01 -32.30 8.79
CA SER A 216 -47.74 -33.75 8.64
C SER A 216 -48.92 -34.45 8.01
N GLU A 217 -48.76 -35.71 7.63
CA GLU A 217 -49.87 -36.53 7.10
C GLU A 217 -50.36 -37.42 8.24
N PRO A 218 -51.69 -37.45 8.50
CA PRO A 218 -52.18 -38.21 9.60
C PRO A 218 -51.54 -39.58 9.75
N TYR A 219 -51.27 -40.30 8.64
CA TYR A 219 -50.70 -41.65 8.76
C TYR A 219 -49.35 -41.69 9.52
N PHE A 220 -48.47 -40.72 9.33
CA PHE A 220 -47.18 -40.77 10.00
C PHE A 220 -47.29 -40.58 11.51
N ILE A 221 -48.22 -39.71 11.90
CA ILE A 221 -48.42 -39.39 13.31
C ILE A 221 -49.03 -40.55 14.06
N GLU A 222 -50.11 -41.11 13.48
CA GLU A 222 -50.69 -42.37 13.92
C GLU A 222 -49.65 -43.49 14.04
N GLU A 223 -48.80 -43.70 13.03
CA GLU A 223 -47.71 -44.68 13.15
C GLU A 223 -46.74 -44.37 14.30
N ARG A 224 -46.39 -43.11 14.52
CA ARG A 224 -45.54 -42.84 15.66
C ARG A 224 -46.28 -43.23 16.92
N ILE A 225 -47.57 -42.96 16.97
CA ILE A 225 -48.30 -43.22 18.20
C ILE A 225 -48.30 -44.74 18.51
N LYS A 226 -48.56 -45.57 17.51
CA LYS A 226 -48.48 -47.01 17.67
C LYS A 226 -47.08 -47.44 18.14
N GLN A 227 -45.99 -46.89 17.58
CA GLN A 227 -44.66 -47.30 18.09
C GLN A 227 -44.62 -47.10 19.60
N TYR A 228 -45.17 -45.98 20.06
CA TYR A 228 -45.11 -45.59 21.46
C TYR A 228 -45.75 -46.63 22.38
N PHE A 229 -46.83 -47.26 21.93
CA PHE A 229 -47.57 -48.21 22.73
C PHE A 229 -47.09 -49.63 22.52
N SER A 230 -46.06 -49.85 21.74
CA SER A 230 -45.52 -51.21 21.61
C SER A 230 -44.65 -51.64 22.81
N LYS A 231 -43.73 -50.77 23.23
CA LYS A 231 -42.72 -51.14 24.28
C LYS A 231 -43.41 -51.69 25.54
N SER A 232 -42.90 -52.81 26.10
CA SER A 232 -43.36 -53.34 27.43
C SER A 232 -42.81 -52.51 28.61
N HIS B 23 41.05 -13.40 -28.98
CA HIS B 23 42.32 -14.13 -28.64
C HIS B 23 42.98 -13.60 -27.30
N ASN B 24 44.25 -13.92 -27.02
CA ASN B 24 45.15 -14.71 -27.86
C ASN B 24 45.91 -15.77 -27.07
N LYS B 25 45.16 -16.78 -26.60
CA LYS B 25 45.77 -17.96 -25.96
C LYS B 25 45.96 -19.01 -27.03
N LYS B 26 46.82 -20.01 -26.76
CA LYS B 26 46.76 -21.27 -27.49
C LYS B 26 45.30 -21.77 -27.45
N PHE B 27 44.93 -22.61 -28.41
CA PHE B 27 43.58 -23.13 -28.44
C PHE B 27 43.46 -24.39 -27.61
N ASP B 28 42.38 -24.52 -26.87
CA ASP B 28 42.18 -25.71 -26.09
C ASP B 28 40.70 -26.08 -26.07
N ARG B 29 40.37 -27.25 -26.61
CA ARG B 29 38.96 -27.63 -26.63
C ARG B 29 38.52 -28.04 -25.25
N SER B 30 39.39 -28.77 -24.55
CA SER B 30 39.04 -29.38 -23.26
C SER B 30 38.78 -28.27 -22.25
N GLU B 31 39.40 -27.14 -22.52
CA GLU B 31 39.21 -25.89 -21.80
C GLU B 31 37.77 -25.37 -21.87
N HIS B 32 36.99 -25.83 -22.83
CA HIS B 32 35.71 -25.21 -23.06
C HIS B 32 34.54 -26.03 -22.57
N VAL B 33 34.79 -27.20 -22.01
CA VAL B 33 33.74 -28.20 -21.78
C VAL B 33 33.15 -28.12 -20.39
N TYR B 34 31.85 -27.96 -20.31
CA TYR B 34 31.23 -27.92 -19.00
C TYR B 34 30.68 -29.30 -18.68
N ARG B 35 31.16 -29.89 -17.59
CA ARG B 35 30.51 -31.11 -17.07
C ARG B 35 30.28 -30.90 -15.58
N ASN B 36 29.06 -31.13 -15.14
CA ASN B 36 28.71 -30.99 -13.74
C ASN B 36 27.61 -32.00 -13.51
N ASP B 37 27.92 -33.04 -12.73
CA ASP B 37 27.05 -34.21 -12.64
C ASP B 37 25.88 -34.02 -11.70
N SER B 38 26.02 -33.06 -10.80
CA SER B 38 25.07 -32.79 -9.75
C SER B 38 23.62 -32.78 -10.21
N PHE B 39 23.41 -32.36 -11.43
CA PHE B 39 22.07 -32.03 -11.89
C PHE B 39 21.22 -33.23 -12.34
N LEU B 40 21.85 -34.32 -12.75
CA LEU B 40 21.13 -35.51 -13.24
C LEU B 40 20.14 -36.03 -12.22
N GLU B 41 20.62 -36.32 -11.02
CA GLU B 41 19.77 -36.79 -9.94
C GLU B 41 18.61 -35.81 -9.64
N LEU B 42 18.91 -34.52 -9.75
CA LEU B 42 17.94 -33.46 -9.55
C LEU B 42 16.80 -33.56 -10.55
N ILE B 43 17.11 -34.10 -11.74
CA ILE B 43 16.15 -34.20 -12.83
C ILE B 43 15.32 -35.45 -12.71
N LYS B 44 15.95 -36.55 -12.28
CA LYS B 44 15.26 -37.82 -12.15
C LYS B 44 14.23 -37.67 -11.04
N ASP B 45 14.53 -36.81 -10.08
CA ASP B 45 13.60 -36.48 -9.02
C ASP B 45 12.30 -35.80 -9.50
N ALA B 46 12.44 -34.86 -10.44
CA ALA B 46 11.30 -34.12 -11.01
C ALA B 46 10.35 -35.00 -11.82
N VAL B 47 10.95 -35.78 -12.73
CA VAL B 47 10.32 -36.86 -13.48
C VAL B 47 9.53 -37.75 -12.56
N ARG B 48 10.15 -38.15 -11.45
CA ARG B 48 9.57 -39.05 -10.47
C ARG B 48 8.24 -38.45 -10.06
N PHE B 49 8.35 -37.26 -9.50
CA PHE B 49 7.21 -36.47 -9.04
C PHE B 49 6.15 -36.25 -10.10
N PHE B 50 6.58 -36.00 -11.33
CA PHE B 50 5.67 -35.78 -12.43
C PHE B 50 4.79 -37.00 -12.61
N SER B 51 5.44 -38.14 -12.72
CA SER B 51 4.79 -39.42 -12.93
C SER B 51 3.68 -39.74 -11.98
N GLY B 52 3.67 -39.13 -10.80
CA GLY B 52 2.63 -39.44 -9.83
C GLY B 52 1.60 -38.36 -9.61
N THR B 53 1.64 -37.33 -10.44
CA THR B 53 0.72 -36.22 -10.28
C THR B 53 -0.66 -36.66 -10.77
N PRO B 54 -1.73 -36.08 -10.21
CA PRO B 54 -3.06 -36.50 -10.64
C PRO B 54 -3.27 -36.27 -12.13
N VAL B 55 -4.10 -37.14 -12.73
CA VAL B 55 -4.39 -37.09 -14.15
C VAL B 55 -5.75 -36.43 -14.37
N HIS B 56 -5.80 -35.44 -15.28
CA HIS B 56 -7.05 -34.72 -15.54
C HIS B 56 -7.53 -34.75 -16.98
N SER B 57 -8.76 -34.34 -17.21
CA SER B 57 -9.24 -34.18 -18.57
C SER B 57 -8.49 -33.03 -19.29
N LEU B 58 -8.68 -32.94 -20.60
CA LEU B 58 -8.08 -31.88 -21.41
C LEU B 58 -9.16 -30.91 -21.91
N PRO B 59 -9.15 -29.66 -21.44
CA PRO B 59 -8.25 -29.04 -20.47
C PRO B 59 -8.73 -29.22 -19.01
N PRO B 60 -7.87 -28.92 -18.02
CA PRO B 60 -8.27 -29.24 -16.65
C PRO B 60 -9.46 -28.41 -16.21
N PRO B 61 -10.24 -28.94 -15.25
CA PRO B 61 -11.49 -28.37 -14.78
C PRO B 61 -11.37 -26.92 -14.33
N GLU B 62 -10.16 -26.45 -14.03
CA GLU B 62 -9.98 -25.06 -13.58
C GLU B 62 -8.77 -24.42 -14.21
N ARG B 63 -8.70 -23.10 -14.16
CA ARG B 63 -7.48 -22.38 -14.55
C ARG B 63 -6.60 -22.07 -13.36
N PHE B 64 -5.31 -21.90 -13.62
CA PHE B 64 -4.31 -21.77 -12.58
C PHE B 64 -3.10 -21.01 -13.08
N GLN B 65 -2.44 -20.29 -12.17
CA GLN B 65 -1.20 -19.60 -12.50
C GLN B 65 -0.02 -20.55 -12.52
N GLY B 66 1.04 -20.20 -13.21
CA GLY B 66 2.24 -21.01 -13.19
C GLY B 66 2.75 -21.37 -14.55
N ALA B 67 4.03 -21.74 -14.60
CA ALA B 67 4.69 -22.24 -15.81
C ALA B 67 5.24 -23.63 -15.48
N GLY B 68 5.29 -24.54 -16.45
CA GLY B 68 5.80 -25.87 -16.16
C GLY B 68 5.80 -26.78 -17.36
N VAL B 69 5.59 -28.07 -17.11
CA VAL B 69 5.70 -29.12 -18.10
C VAL B 69 4.43 -29.93 -18.07
N PHE B 70 4.12 -30.64 -19.16
CA PHE B 70 2.87 -31.40 -19.22
C PHE B 70 2.85 -32.57 -20.22
N ALA B 71 1.87 -33.45 -20.00
CA ALA B 71 1.75 -34.61 -20.85
C ALA B 71 0.33 -34.72 -21.39
N LEU B 72 0.19 -35.19 -22.62
CA LEU B 72 -1.12 -35.51 -23.13
C LEU B 72 -1.22 -37.01 -23.37
N TYR B 73 -2.34 -37.59 -22.94
CA TYR B 73 -2.61 -39.01 -23.15
C TYR B 73 -3.88 -39.23 -23.94
N TYR B 74 -3.80 -40.09 -24.95
CA TYR B 74 -4.96 -40.57 -25.70
C TYR B 74 -5.52 -41.90 -25.17
N THR B 75 -6.85 -41.99 -25.10
CA THR B 75 -7.48 -43.31 -24.92
C THR B 75 -8.55 -43.65 -25.98
N GLY B 76 -8.69 -42.83 -27.02
CA GLY B 76 -9.73 -43.07 -28.00
C GLY B 76 -9.40 -44.12 -29.03
N HIS B 77 -10.20 -44.20 -30.08
CA HIS B 77 -10.08 -45.34 -31.02
C HIS B 77 -9.79 -45.00 -32.46
N TYR B 78 -9.33 -43.79 -32.72
CA TYR B 78 -9.00 -43.38 -34.06
C TYR B 78 -8.08 -44.44 -34.62
N SER B 79 -8.39 -44.94 -35.81
CA SER B 79 -7.61 -46.07 -36.43
C SER B 79 -6.08 -46.03 -36.23
N LEU B 80 -5.44 -44.91 -36.56
CA LEU B 80 -3.99 -44.87 -36.38
C LEU B 80 -3.55 -44.92 -34.93
N TYR B 81 -4.40 -44.54 -33.97
CA TYR B 81 -3.95 -44.42 -32.59
C TYR B 81 -4.52 -45.46 -31.64
N ASP B 82 -5.25 -46.42 -32.18
CA ASP B 82 -5.97 -47.40 -31.39
C ASP B 82 -5.10 -48.15 -30.34
N GLU B 83 -3.83 -48.39 -30.65
CA GLU B 83 -2.89 -48.94 -29.66
C GLU B 83 -2.97 -48.25 -28.30
N TYR B 84 -3.17 -46.94 -28.31
CA TYR B 84 -3.20 -46.17 -27.07
C TYR B 84 -4.30 -46.63 -26.13
N SER B 85 -5.46 -46.99 -26.70
CA SER B 85 -6.51 -47.41 -25.82
C SER B 85 -6.18 -48.77 -25.23
N ARG B 86 -5.18 -49.45 -25.81
CA ARG B 86 -4.72 -50.69 -25.27
C ARG B 86 -3.65 -50.40 -24.22
N ILE B 87 -2.65 -49.63 -24.64
CA ILE B 87 -1.51 -49.31 -23.81
C ILE B 87 -1.94 -48.57 -22.58
N ASN B 88 -2.86 -47.63 -22.71
CA ASN B 88 -3.33 -46.85 -21.59
C ASN B 88 -4.64 -47.32 -20.99
N ARG B 89 -4.99 -48.57 -21.21
CA ARG B 89 -6.27 -49.06 -20.74
C ARG B 89 -6.29 -49.02 -19.22
N LYS B 90 -5.25 -49.52 -18.57
CA LYS B 90 -5.28 -49.62 -17.10
C LYS B 90 -4.65 -48.45 -16.36
N ALA B 91 -3.84 -47.64 -17.04
CA ALA B 91 -3.02 -46.59 -16.42
C ALA B 91 -2.72 -45.61 -17.52
N TYR B 92 -2.45 -44.36 -17.18
CA TYR B 92 -2.01 -43.43 -18.21
C TYR B 92 -0.53 -43.64 -18.37
N ASN B 93 -0.17 -44.65 -19.13
CA ASN B 93 1.23 -45.05 -19.26
C ASN B 93 1.97 -44.31 -20.32
N LEU B 94 1.41 -44.15 -21.52
CA LEU B 94 2.20 -43.56 -22.57
C LEU B 94 1.65 -42.25 -23.12
N PRO B 95 2.42 -41.17 -23.03
CA PRO B 95 2.06 -39.86 -23.55
C PRO B 95 2.03 -39.83 -25.07
N ILE B 96 1.01 -39.24 -25.67
CA ILE B 96 1.10 -39.00 -27.07
C ILE B 96 1.89 -37.73 -27.33
N TYR B 97 2.05 -36.88 -26.31
CA TYR B 97 2.68 -35.60 -26.50
C TYR B 97 3.14 -35.02 -25.19
N VAL B 98 4.30 -34.38 -25.21
CA VAL B 98 4.89 -33.76 -24.03
C VAL B 98 5.39 -32.36 -24.33
N GLY B 99 5.01 -31.40 -23.50
CA GLY B 99 5.18 -29.98 -23.83
C GLY B 99 5.73 -29.20 -22.67
N LYS B 100 5.95 -27.90 -22.88
CA LYS B 100 6.38 -26.99 -21.83
C LYS B 100 5.76 -25.62 -21.98
N ALA B 101 5.58 -24.94 -20.86
CA ALA B 101 5.24 -23.54 -20.90
C ALA B 101 6.25 -22.80 -20.03
N VAL B 102 7.12 -22.05 -20.69
CA VAL B 102 8.16 -21.33 -20.01
C VAL B 102 7.60 -19.97 -19.58
N PRO B 103 8.11 -19.41 -18.47
CA PRO B 103 7.69 -18.03 -18.20
C PRO B 103 8.00 -17.04 -19.34
N ALA B 104 7.28 -15.93 -19.36
CA ALA B 104 7.50 -14.95 -20.42
C ALA B 104 8.92 -14.37 -20.33
N GLY B 105 9.54 -14.09 -21.46
CA GLY B 105 10.86 -13.49 -21.45
C GLY B 105 11.98 -14.37 -21.97
N TRP B 106 11.63 -15.49 -22.57
CA TRP B 106 12.64 -16.46 -22.98
C TRP B 106 13.60 -15.96 -24.09
N ARG B 107 13.09 -15.26 -25.09
CA ARG B 107 13.91 -14.88 -26.22
C ARG B 107 14.57 -13.51 -26.09
N GLN B 108 13.79 -12.51 -25.65
CA GLN B 108 14.27 -11.12 -25.51
C GLN B 108 14.40 -10.68 -24.06
N SER B 109 13.74 -11.39 -23.15
CA SER B 109 13.82 -11.08 -21.72
C SER B 109 13.48 -9.62 -21.48
N ARG B 110 12.31 -9.20 -21.94
CA ARG B 110 11.89 -7.80 -21.95
C ARG B 110 11.19 -7.44 -20.65
N ILE B 111 10.98 -8.43 -19.80
CA ILE B 111 10.36 -8.32 -18.47
C ILE B 111 11.07 -7.28 -17.54
N SER B 112 10.88 -5.99 -17.87
CA SER B 112 11.73 -4.91 -17.36
C SER B 112 11.03 -3.73 -16.65
N ASP B 113 9.69 -3.68 -16.74
CA ASP B 113 8.90 -2.65 -16.02
C ASP B 113 7.52 -3.19 -15.55
N HIS B 114 7.18 -2.97 -14.26
CA HIS B 114 6.07 -3.68 -13.52
C HIS B 114 6.16 -5.24 -13.63
N GLU B 115 6.80 -5.86 -12.62
CA GLU B 115 7.38 -7.24 -12.67
C GLU B 115 6.40 -8.39 -12.97
N THR B 116 5.59 -8.76 -11.97
CA THR B 116 4.47 -9.71 -12.12
C THR B 116 3.19 -8.84 -12.40
N ARG B 117 1.93 -9.30 -12.20
CA ARG B 117 1.49 -10.48 -11.43
C ARG B 117 1.72 -11.82 -12.16
N ALA B 118 2.21 -12.81 -11.40
CA ALA B 118 2.60 -14.12 -11.92
C ALA B 118 1.65 -14.54 -13.02
N GLY B 119 2.20 -14.68 -14.24
CA GLY B 119 1.48 -15.17 -15.40
C GLY B 119 1.02 -16.62 -15.23
N SER B 120 0.22 -17.11 -16.21
CA SER B 120 -0.31 -18.46 -16.13
C SER B 120 -0.17 -19.12 -17.49
N GLU B 121 1.06 -19.16 -17.93
CA GLU B 121 1.35 -19.62 -19.26
C GLU B 121 1.11 -21.12 -19.48
N LEU B 122 1.29 -21.95 -18.44
CA LEU B 122 1.08 -23.41 -18.57
C LEU B 122 -0.37 -23.75 -18.82
N SER B 123 -1.26 -23.30 -17.94
CA SER B 123 -2.68 -23.44 -18.16
C SER B 123 -3.03 -22.99 -19.58
N ASN B 124 -2.59 -21.80 -19.99
CA ASN B 124 -2.99 -21.28 -21.28
C ASN B 124 -2.60 -22.17 -22.43
N ARG B 125 -1.36 -22.63 -22.37
CA ARG B 125 -0.75 -23.47 -23.36
C ARG B 125 -1.49 -24.78 -23.47
N ILE B 126 -1.73 -25.41 -22.32
CA ILE B 126 -2.54 -26.64 -22.27
C ILE B 126 -3.87 -26.37 -22.93
N ARG B 127 -4.48 -25.23 -22.63
CA ARG B 127 -5.82 -24.94 -23.15
C ARG B 127 -5.81 -24.75 -24.64
N GLU B 128 -4.80 -24.08 -25.12
CA GLU B 128 -4.70 -23.91 -26.55
C GLU B 128 -4.60 -25.28 -27.21
N HIS B 129 -3.78 -26.17 -26.66
CA HIS B 129 -3.70 -27.48 -27.30
C HIS B 129 -5.05 -28.18 -27.32
N GLY B 130 -5.85 -28.00 -26.28
CA GLY B 130 -7.20 -28.58 -26.26
C GLY B 130 -8.00 -28.09 -27.45
N ARG B 131 -7.92 -26.81 -27.70
CA ARG B 131 -8.68 -26.19 -28.78
C ARG B 131 -8.27 -26.71 -30.14
N ASN B 132 -6.96 -26.71 -30.43
CA ASN B 132 -6.53 -27.27 -31.71
C ASN B 132 -7.06 -28.67 -31.97
N ILE B 133 -7.13 -29.49 -30.93
CA ILE B 133 -7.63 -30.85 -31.04
C ILE B 133 -9.08 -30.78 -31.38
N ALA B 134 -9.84 -30.04 -30.60
CA ALA B 134 -11.28 -29.88 -30.77
C ALA B 134 -11.61 -29.42 -32.19
N LYS B 135 -10.66 -28.74 -32.85
CA LYS B 135 -10.89 -28.31 -34.23
C LYS B 135 -10.81 -29.47 -35.22
N THR B 136 -10.15 -30.56 -34.83
CA THR B 136 -9.93 -31.66 -35.76
C THR B 136 -11.22 -32.33 -36.10
N SER B 137 -11.24 -33.08 -37.19
CA SER B 137 -12.48 -33.83 -37.51
C SER B 137 -12.33 -35.24 -36.99
N ASN B 138 -11.09 -35.70 -36.83
CA ASN B 138 -10.93 -37.07 -36.50
C ASN B 138 -10.48 -37.33 -35.07
N LEU B 139 -10.47 -36.30 -34.22
CA LEU B 139 -10.07 -36.49 -32.80
C LEU B 139 -11.03 -35.86 -31.86
N ASP B 140 -11.21 -36.53 -30.75
CA ASP B 140 -12.18 -36.13 -29.81
C ASP B 140 -11.53 -35.83 -28.48
N LEU B 141 -11.67 -34.56 -28.10
CA LEU B 141 -11.11 -34.06 -26.88
C LEU B 141 -11.43 -34.96 -25.69
N CYS B 142 -12.66 -35.47 -25.64
CA CYS B 142 -13.06 -36.38 -24.58
C CYS B 142 -12.14 -37.62 -24.43
N ASP B 143 -11.23 -37.83 -25.39
CA ASP B 143 -10.43 -39.04 -25.43
C ASP B 143 -9.00 -38.72 -25.06
N PHE B 144 -8.81 -37.50 -24.58
CA PHE B 144 -7.51 -36.98 -24.16
C PHE B 144 -7.56 -36.61 -22.71
N SER B 145 -6.42 -36.74 -22.04
CA SER B 145 -6.26 -36.29 -20.67
C SER B 145 -4.82 -35.77 -20.56
N CYS B 146 -4.51 -35.09 -19.47
CA CYS B 146 -3.17 -34.60 -19.29
C CYS B 146 -2.67 -34.74 -17.85
N ARG B 147 -1.35 -34.67 -17.71
CA ARG B 147 -0.74 -34.39 -16.42
C ARG B 147 0.01 -33.11 -16.62
N PHE B 148 0.18 -32.36 -15.55
CA PHE B 148 1.11 -31.25 -15.65
C PHE B 148 1.86 -30.98 -14.34
N VAL B 149 3.05 -30.38 -14.44
CA VAL B 149 3.77 -29.96 -13.24
C VAL B 149 4.08 -28.47 -13.27
N ILE B 150 3.81 -27.77 -12.17
CA ILE B 150 4.22 -26.38 -12.06
C ILE B 150 5.56 -26.29 -11.36
N PHE B 151 6.51 -25.61 -11.99
CA PHE B 151 7.80 -25.35 -11.38
C PHE B 151 7.80 -23.95 -10.86
N GLU B 152 7.81 -23.78 -9.54
CA GLU B 152 7.67 -22.44 -8.97
C GLU B 152 8.86 -21.56 -9.20
N ALA B 153 8.74 -20.32 -8.68
CA ALA B 153 9.84 -19.37 -8.51
C ALA B 153 11.13 -19.74 -9.24
N THR B 154 12.13 -20.21 -8.49
CA THR B 154 13.45 -20.38 -9.07
C THR B 154 13.54 -21.70 -9.81
N GLY B 155 12.72 -22.65 -9.36
CA GLY B 155 12.47 -23.90 -10.07
C GLY B 155 12.12 -23.74 -11.57
N SER B 156 11.52 -22.60 -11.93
CA SER B 156 11.11 -22.40 -13.31
C SER B 156 12.26 -22.57 -14.27
N ASP B 157 13.50 -22.38 -13.83
CA ASP B 157 14.71 -22.73 -14.58
C ASP B 157 14.73 -24.18 -15.12
N MET B 158 13.99 -25.08 -14.47
CA MET B 158 14.06 -26.52 -14.77
C MET B 158 13.23 -26.94 -15.99
N ILE B 159 12.28 -26.09 -16.36
CA ILE B 159 11.28 -26.48 -17.32
C ILE B 159 11.84 -27.27 -18.54
N SER B 160 12.68 -26.66 -19.36
CA SER B 160 13.25 -27.30 -20.56
C SER B 160 13.98 -28.58 -20.30
N THR B 161 14.70 -28.62 -19.20
CA THR B 161 15.54 -29.77 -18.99
C THR B 161 14.68 -30.96 -18.70
N VAL B 162 13.71 -30.78 -17.80
CA VAL B 162 12.76 -31.84 -17.49
C VAL B 162 11.97 -32.30 -18.74
N GLU B 163 11.56 -31.34 -19.56
CA GLU B 163 10.80 -31.70 -20.75
C GLU B 163 11.68 -32.57 -21.65
N ALA B 164 12.97 -32.23 -21.79
CA ALA B 164 13.83 -33.05 -22.62
C ALA B 164 13.88 -34.50 -22.10
N ALA B 165 13.83 -34.62 -20.79
CA ALA B 165 14.01 -35.89 -20.11
C ALA B 165 12.82 -36.72 -20.44
N LEU B 166 11.64 -36.17 -20.18
CA LEU B 166 10.41 -36.89 -20.46
C LEU B 166 10.38 -37.32 -21.91
N ILE B 167 10.71 -36.42 -22.82
CA ILE B 167 10.65 -36.75 -24.24
C ILE B 167 11.63 -37.85 -24.51
N LYS B 168 12.82 -37.73 -23.92
CA LYS B 168 13.84 -38.78 -24.07
C LYS B 168 13.39 -40.15 -23.50
N ILE B 169 12.56 -40.12 -22.46
CA ILE B 169 12.08 -41.34 -21.88
C ILE B 169 10.91 -41.98 -22.63
N TYR B 170 9.90 -41.18 -22.98
CA TYR B 170 8.65 -41.71 -23.56
C TYR B 170 8.59 -41.71 -25.06
N LYS B 171 9.42 -40.89 -25.70
CA LYS B 171 9.41 -40.73 -27.15
C LYS B 171 7.99 -40.54 -27.65
N PRO B 172 7.28 -39.56 -27.09
CA PRO B 172 5.92 -39.39 -27.55
C PRO B 172 5.88 -39.17 -29.04
N LEU B 173 4.77 -39.62 -29.63
CA LEU B 173 4.56 -39.63 -31.06
C LEU B 173 4.55 -38.21 -31.72
N TRP B 174 3.85 -37.28 -31.09
CA TRP B 174 3.81 -35.96 -31.64
C TRP B 174 5.15 -35.24 -31.32
N ASN B 175 6.06 -35.95 -30.67
CA ASN B 175 7.31 -35.30 -30.35
C ASN B 175 8.44 -35.81 -31.21
N THR B 176 8.37 -37.07 -31.63
CA THR B 176 9.51 -37.67 -32.26
C THR B 176 9.24 -38.24 -33.62
N VAL B 177 7.99 -38.27 -34.06
CA VAL B 177 7.61 -38.83 -35.36
C VAL B 177 6.78 -37.83 -36.14
N VAL B 178 5.63 -37.42 -35.62
CA VAL B 178 4.75 -36.48 -36.32
C VAL B 178 4.99 -35.02 -35.89
N ASP B 179 5.58 -34.20 -36.77
CA ASP B 179 5.91 -32.80 -36.44
C ASP B 179 4.75 -31.87 -36.65
N GLY B 180 4.64 -30.84 -35.83
CA GLY B 180 3.74 -29.75 -36.17
C GLY B 180 2.59 -29.36 -35.22
N PHE B 181 2.33 -30.17 -34.20
CA PHE B 181 1.20 -29.89 -33.31
C PHE B 181 1.37 -28.57 -32.59
N GLY B 182 2.55 -28.35 -32.03
CA GLY B 182 2.91 -27.13 -31.32
C GLY B 182 3.05 -25.83 -32.12
N ASN B 183 2.72 -25.82 -33.40
CA ASN B 183 2.89 -24.62 -34.24
C ASN B 183 1.80 -23.63 -34.02
N HIS B 184 2.19 -22.36 -34.05
CA HIS B 184 1.26 -21.25 -34.28
C HIS B 184 1.12 -21.00 -35.76
N THR B 185 0.10 -20.23 -36.10
CA THR B 185 -0.15 -19.87 -37.48
C THR B 185 1.08 -19.24 -38.12
N PRO B 186 1.39 -19.59 -39.38
CA PRO B 186 2.52 -18.86 -39.92
C PRO B 186 2.20 -17.38 -40.18
N GLY B 187 0.94 -17.05 -40.49
CA GLY B 187 0.58 -15.64 -40.77
C GLY B 187 0.55 -15.23 -42.24
N ALA B 188 -0.09 -14.11 -42.55
CA ALA B 188 0.18 -13.48 -43.86
C ALA B 188 1.68 -13.29 -43.85
N GLY B 189 2.30 -13.31 -45.01
CA GLY B 189 3.75 -13.20 -45.00
C GLY B 189 4.41 -14.54 -45.08
N ARG B 190 3.63 -15.59 -44.80
CA ARG B 190 4.17 -16.93 -44.71
C ARG B 190 3.21 -17.93 -45.22
N PHE B 191 2.10 -17.44 -45.77
CA PHE B 191 1.04 -18.34 -46.17
C PHE B 191 1.36 -19.20 -47.37
N ALA B 192 2.46 -18.87 -48.05
CA ALA B 192 3.03 -19.74 -49.07
C ALA B 192 3.71 -21.03 -48.54
N GLN B 193 3.81 -21.18 -47.24
CA GLN B 193 4.51 -22.35 -46.73
C GLN B 193 3.58 -23.54 -46.64
N ALA B 194 4.11 -24.71 -46.35
CA ALA B 194 3.30 -25.92 -46.34
C ALA B 194 2.83 -26.15 -44.93
N LYS B 195 1.70 -26.81 -44.74
CA LYS B 195 1.25 -27.11 -43.38
C LYS B 195 1.97 -28.34 -42.83
N SER B 196 1.92 -28.51 -41.52
CA SER B 196 2.73 -29.50 -40.85
C SER B 196 2.19 -30.86 -41.18
N ASP B 197 3.02 -31.88 -41.01
CA ASP B 197 2.55 -33.26 -41.00
C ASP B 197 1.33 -33.37 -40.12
N TRP B 198 1.33 -32.67 -38.97
CA TRP B 198 0.23 -32.83 -38.04
C TRP B 198 -1.08 -32.40 -38.64
N ASP B 199 -1.05 -31.30 -39.39
CA ASP B 199 -2.25 -30.79 -40.02
C ASP B 199 -2.72 -31.66 -41.21
N VAL B 200 -1.81 -32.43 -41.80
CA VAL B 200 -2.25 -33.27 -42.88
C VAL B 200 -3.10 -34.42 -42.39
N ILE B 201 -2.70 -35.09 -41.33
CA ILE B 201 -3.51 -36.20 -40.87
C ILE B 201 -4.68 -35.73 -39.99
N HIS B 202 -4.54 -34.55 -39.38
CA HIS B 202 -5.58 -34.03 -38.48
C HIS B 202 -6.21 -32.73 -38.91
N PRO B 203 -6.69 -32.63 -40.16
CA PRO B 203 -7.27 -31.31 -40.46
C PRO B 203 -8.40 -31.09 -39.44
N GLY B 204 -8.83 -29.84 -39.21
CA GLY B 204 -8.24 -28.67 -39.81
C GLY B 204 -8.27 -27.46 -38.85
N ARG B 205 -7.11 -27.04 -38.35
CA ARG B 205 -6.94 -25.65 -37.99
C ARG B 205 -7.12 -24.77 -39.28
N GLU B 206 -7.90 -23.72 -39.18
CA GLU B 206 -8.11 -22.89 -40.36
C GLU B 206 -6.77 -22.53 -41.00
N TRP B 207 -5.84 -21.97 -40.24
CA TRP B 207 -4.71 -21.37 -40.90
C TRP B 207 -3.98 -22.36 -41.80
N ALA B 208 -4.06 -23.64 -41.46
CA ALA B 208 -3.46 -24.68 -42.28
C ALA B 208 -4.15 -24.78 -43.65
N GLU B 209 -5.47 -24.59 -43.68
CA GLU B 209 -6.23 -24.60 -44.92
C GLU B 209 -5.86 -23.40 -45.86
N LYS B 210 -5.24 -22.34 -45.34
CA LYS B 210 -4.80 -21.25 -46.21
C LYS B 210 -3.38 -21.43 -46.75
N CYS B 211 -2.66 -22.44 -46.25
CA CYS B 211 -1.27 -22.67 -46.66
C CYS B 211 -1.15 -23.26 -48.06
N THR B 212 -0.46 -22.55 -48.93
CA THR B 212 -0.33 -22.97 -50.34
C THR B 212 0.83 -23.92 -50.65
N GLY B 213 1.80 -24.06 -49.75
CA GLY B 213 2.98 -24.89 -50.02
C GLY B 213 2.73 -26.38 -50.06
N VAL B 214 3.68 -27.11 -50.64
CA VAL B 214 3.59 -28.57 -50.81
C VAL B 214 3.89 -29.28 -49.49
N HIS B 215 2.91 -30.01 -48.95
CA HIS B 215 3.07 -30.75 -47.68
C HIS B 215 3.26 -32.25 -47.90
N SER B 216 3.70 -33.01 -46.90
CA SER B 216 3.93 -34.46 -47.07
C SER B 216 2.73 -35.20 -47.65
N GLU B 217 2.93 -36.42 -48.14
CA GLU B 217 1.81 -37.24 -48.65
C GLU B 217 1.29 -38.11 -47.54
N PRO B 218 -0.03 -38.12 -47.31
CA PRO B 218 -0.50 -38.81 -46.14
C PRO B 218 0.14 -40.17 -45.95
N TYR B 219 0.33 -40.93 -47.03
CA TYR B 219 0.94 -42.26 -46.95
C TYR B 219 2.24 -42.32 -46.14
N PHE B 220 3.13 -41.32 -46.29
CA PHE B 220 4.43 -41.33 -45.60
C PHE B 220 4.36 -41.04 -44.09
N ILE B 221 3.37 -40.23 -43.70
CA ILE B 221 3.23 -39.88 -42.32
C ILE B 221 2.69 -41.08 -41.58
N GLU B 222 1.67 -41.69 -42.17
CA GLU B 222 1.10 -42.95 -41.69
C GLU B 222 2.16 -44.03 -41.56
N GLU B 223 2.97 -44.29 -42.59
CA GLU B 223 4.11 -45.21 -42.42
C GLU B 223 4.97 -44.87 -41.21
N ARG B 224 5.43 -43.64 -41.11
CA ARG B 224 6.16 -43.30 -39.92
C ARG B 224 5.31 -43.75 -38.67
N ILE B 225 4.02 -43.47 -38.64
CA ILE B 225 3.23 -43.80 -37.44
C ILE B 225 3.14 -45.32 -37.20
N LYS B 226 3.12 -46.12 -38.27
CA LYS B 226 3.11 -47.57 -38.14
C LYS B 226 4.46 -48.05 -37.56
N GLN B 227 5.58 -47.59 -38.12
CA GLN B 227 6.90 -48.01 -37.59
C GLN B 227 6.98 -47.74 -36.11
N TYR B 228 6.24 -46.74 -35.67
CA TYR B 228 6.38 -46.29 -34.30
C TYR B 228 5.79 -47.26 -33.33
N PHE B 229 4.65 -47.85 -33.71
CA PHE B 229 3.93 -48.78 -32.86
C PHE B 229 4.41 -50.21 -33.07
N SER B 230 5.38 -50.42 -33.94
CA SER B 230 5.91 -51.74 -34.13
C SER B 230 6.77 -52.21 -32.93
N LYS B 231 7.71 -51.37 -32.50
CA LYS B 231 8.65 -51.76 -31.41
C LYS B 231 7.99 -52.14 -30.06
N SER B 232 8.45 -53.25 -29.46
CA SER B 232 7.98 -53.74 -28.13
C SER B 232 8.55 -52.93 -26.93
N HIS C 23 3.83 29.91 -5.26
CA HIS C 23 4.51 28.79 -4.55
C HIS C 23 5.30 29.30 -3.31
N ASN C 24 5.93 28.38 -2.57
CA ASN C 24 6.95 28.67 -1.52
C ASN C 24 7.93 27.49 -1.26
N LYS C 25 7.46 26.47 -0.51
CA LYS C 25 8.24 25.25 -0.15
C LYS C 25 7.87 24.04 -1.06
N LYS C 26 8.64 22.93 -0.99
CA LYS C 26 8.20 21.64 -1.58
C LYS C 26 7.03 21.03 -0.75
N PHE C 27 5.97 20.62 -1.44
CA PHE C 27 4.70 20.13 -0.85
C PHE C 27 4.76 19.15 0.35
N ASP C 28 3.89 19.37 1.34
CA ASP C 28 3.67 18.48 2.49
C ASP C 28 2.28 18.64 3.06
N ARG C 29 1.34 17.88 2.52
CA ARG C 29 -0.01 17.81 3.05
C ARG C 29 0.15 17.37 4.50
N SER C 30 -0.42 18.10 5.45
CA SER C 30 -0.22 17.78 6.90
C SER C 30 0.67 18.80 7.60
N GLU C 31 1.44 19.53 6.81
CA GLU C 31 1.91 20.81 7.25
C GLU C 31 0.72 21.80 7.12
N HIS C 32 -0.43 21.28 6.65
CA HIS C 32 -1.67 22.02 6.51
C HIS C 32 -2.82 21.42 7.35
N VAL C 33 -2.57 20.35 8.09
CA VAL C 33 -3.66 19.78 8.86
C VAL C 33 -3.76 20.47 10.21
N TYR C 34 -4.97 20.89 10.59
CA TYR C 34 -5.22 21.60 11.85
C TYR C 34 -6.14 20.85 12.80
N ARG C 35 -5.60 20.45 13.97
CA ARG C 35 -6.38 19.83 15.04
C ARG C 35 -6.46 20.74 16.26
N ASN C 36 -7.63 20.81 16.89
CA ASN C 36 -7.78 21.57 18.11
C ASN C 36 -8.80 20.96 19.03
N ASP C 37 -8.39 19.97 19.80
CA ASP C 37 -9.33 19.27 20.66
C ASP C 37 -10.05 20.23 21.60
N SER C 38 -9.33 21.21 22.14
CA SER C 38 -9.96 22.27 22.90
C SER C 38 -11.15 22.95 22.19
N PHE C 39 -10.99 23.24 20.92
CA PHE C 39 -12.08 23.86 20.13
C PHE C 39 -13.29 22.88 20.02
N LEU C 40 -12.95 21.62 19.76
CA LEU C 40 -13.93 20.59 19.68
C LEU C 40 -14.78 20.60 20.95
N GLU C 41 -14.15 20.79 22.12
CA GLU C 41 -14.92 20.85 23.38
C GLU C 41 -15.73 22.14 23.54
N LEU C 42 -15.10 23.28 23.27
CA LEU C 42 -15.80 24.58 23.22
C LEU C 42 -17.14 24.37 22.54
N ILE C 43 -17.12 23.83 21.32
CA ILE C 43 -18.34 23.46 20.61
C ILE C 43 -19.31 22.53 21.40
N LYS C 44 -18.85 21.36 21.86
CA LYS C 44 -19.68 20.47 22.68
C LYS C 44 -20.42 21.25 23.82
N ASP C 45 -19.73 22.21 24.42
CA ASP C 45 -20.31 22.94 25.52
C ASP C 45 -21.38 23.90 24.95
N ALA C 46 -21.08 24.64 23.90
CA ALA C 46 -22.14 25.44 23.27
C ALA C 46 -23.39 24.60 22.96
N VAL C 47 -23.20 23.37 22.49
CA VAL C 47 -24.33 22.49 22.19
C VAL C 47 -25.07 22.01 23.47
N ARG C 48 -24.32 21.54 24.47
CA ARG C 48 -24.92 21.26 25.77
C ARG C 48 -25.66 22.50 26.29
N PHE C 49 -25.04 23.67 26.17
CA PHE C 49 -25.75 24.88 26.54
C PHE C 49 -27.11 25.00 25.82
N PHE C 50 -27.09 24.89 24.49
CA PHE C 50 -28.31 25.08 23.71
C PHE C 50 -29.41 24.30 24.36
N SER C 51 -29.24 22.98 24.38
CA SER C 51 -30.16 22.00 24.99
C SER C 51 -30.83 22.41 26.27
N GLY C 52 -30.11 23.18 27.07
CA GLY C 52 -30.59 23.65 28.34
C GLY C 52 -31.37 24.94 28.32
N THR C 53 -31.31 25.68 27.22
CA THR C 53 -31.98 26.96 27.17
C THR C 53 -33.50 26.78 27.22
N PRO C 54 -34.24 27.74 27.81
CA PRO C 54 -35.70 27.69 27.91
C PRO C 54 -36.41 27.67 26.56
N VAL C 55 -37.53 26.95 26.55
CA VAL C 55 -38.35 26.69 25.39
C VAL C 55 -39.46 27.73 25.34
N HIS C 56 -39.59 28.43 24.22
CA HIS C 56 -40.76 29.30 23.99
C HIS C 56 -41.57 28.85 22.80
N SER C 57 -42.77 29.39 22.70
CA SER C 57 -43.60 29.19 21.53
C SER C 57 -43.05 30.02 20.37
N LEU C 58 -43.57 29.74 19.17
CA LEU C 58 -43.12 30.28 17.89
C LEU C 58 -44.13 31.32 17.48
N PRO C 59 -43.73 32.61 17.46
CA PRO C 59 -42.43 33.16 17.87
C PRO C 59 -42.41 33.39 19.37
N PRO C 60 -41.24 33.73 19.96
CA PRO C 60 -41.20 33.99 21.38
C PRO C 60 -42.02 35.21 21.73
N PRO C 61 -42.52 35.28 22.97
CA PRO C 61 -43.42 36.36 23.37
C PRO C 61 -42.84 37.80 23.20
N GLU C 62 -41.53 37.94 23.17
CA GLU C 62 -40.92 39.26 23.08
C GLU C 62 -39.91 39.29 21.97
N ARG C 63 -39.62 40.49 21.51
CA ARG C 63 -38.51 40.62 20.61
C ARG C 63 -37.20 40.89 21.32
N PHE C 64 -36.10 40.49 20.68
CA PHE C 64 -34.77 40.69 21.27
C PHE C 64 -33.80 41.05 20.20
N GLN C 65 -32.64 41.53 20.64
CA GLN C 65 -31.54 41.77 19.72
C GLN C 65 -30.58 40.57 19.84
N GLY C 66 -29.84 40.31 18.75
CA GLY C 66 -28.76 39.35 18.72
C GLY C 66 -28.81 38.50 17.46
N ALA C 67 -27.72 37.78 17.22
CA ALA C 67 -27.65 36.80 16.15
C ALA C 67 -27.32 35.50 16.86
N GLY C 68 -27.68 34.38 16.24
CA GLY C 68 -27.37 33.07 16.79
C GLY C 68 -28.10 31.95 16.06
N VAL C 69 -28.40 30.88 16.79
CA VAL C 69 -28.88 29.65 16.23
C VAL C 69 -30.24 29.40 16.85
N PHE C 70 -31.10 28.61 16.21
CA PHE C 70 -32.39 28.31 16.82
C PHE C 70 -32.91 26.98 16.31
N ALA C 71 -33.91 26.45 17.03
CA ALA C 71 -34.48 25.15 16.70
C ALA C 71 -35.94 25.25 16.84
N LEU C 72 -36.65 24.54 15.98
CA LEU C 72 -38.08 24.49 15.98
C LEU C 72 -38.54 23.11 16.44
N TYR C 73 -39.53 23.07 17.32
CA TYR C 73 -40.11 21.82 17.76
C TYR C 73 -41.58 21.69 17.39
N TYR C 74 -42.01 20.47 17.02
CA TYR C 74 -43.40 20.20 16.68
C TYR C 74 -43.99 19.27 17.67
N THR C 75 -45.21 19.56 18.11
CA THR C 75 -45.91 18.69 19.05
C THR C 75 -47.33 18.37 18.60
N GLY C 76 -47.63 18.66 17.33
CA GLY C 76 -48.99 18.56 16.80
C GLY C 76 -49.35 17.19 16.28
N HIS C 77 -50.45 17.11 15.53
CA HIS C 77 -50.98 15.81 15.14
C HIS C 77 -51.18 15.63 13.63
N TYR C 78 -50.65 16.55 12.83
CA TYR C 78 -50.67 16.40 11.37
C TYR C 78 -50.17 14.99 11.06
N SER C 79 -50.90 14.27 10.21
CA SER C 79 -50.73 12.79 10.11
C SER C 79 -49.28 12.35 9.89
N LEU C 80 -48.58 12.96 8.94
CA LEU C 80 -47.21 12.53 8.64
C LEU C 80 -46.25 12.86 9.74
N TYR C 81 -46.62 13.78 10.64
CA TYR C 81 -45.73 14.21 11.72
C TYR C 81 -46.28 13.88 13.11
N ASP C 82 -47.21 12.92 13.19
CA ASP C 82 -47.83 12.56 14.46
C ASP C 82 -46.82 12.01 15.44
N GLU C 83 -45.77 11.35 14.95
CA GLU C 83 -44.69 10.86 15.82
C GLU C 83 -44.08 11.90 16.76
N TYR C 84 -43.99 13.15 16.33
CA TYR C 84 -43.34 14.17 17.15
C TYR C 84 -44.11 14.40 18.41
N SER C 85 -45.46 14.31 18.32
CA SER C 85 -46.31 14.51 19.49
C SER C 85 -45.99 13.50 20.61
N ARG C 86 -45.57 12.30 20.23
CA ARG C 86 -45.11 11.34 21.18
C ARG C 86 -43.66 11.61 21.57
N ILE C 87 -42.78 11.82 20.59
CA ILE C 87 -41.36 12.03 20.87
C ILE C 87 -41.16 13.22 21.80
N ASN C 88 -41.93 14.28 21.54
CA ASN C 88 -41.94 15.48 22.38
C ASN C 88 -43.14 15.55 23.36
N ARG C 89 -43.61 14.40 23.83
CA ARG C 89 -44.78 14.31 24.73
C ARG C 89 -44.51 15.01 26.04
N LYS C 90 -43.35 14.73 26.65
CA LYS C 90 -43.03 15.20 27.99
C LYS C 90 -41.89 16.22 28.00
N ALA C 91 -41.28 16.50 26.85
CA ALA C 91 -39.98 17.21 26.81
C ALA C 91 -39.68 17.64 25.38
N TYR C 92 -39.01 18.78 25.21
CA TYR C 92 -38.64 19.17 23.86
C TYR C 92 -37.36 18.47 23.36
N ASN C 93 -37.49 17.21 22.97
CA ASN C 93 -36.36 16.36 22.65
C ASN C 93 -35.83 16.50 21.21
N LEU C 94 -36.69 16.26 20.21
CA LEU C 94 -36.28 16.22 18.81
C LEU C 94 -36.78 17.39 17.97
N PRO C 95 -35.87 18.23 17.45
CA PRO C 95 -36.29 19.34 16.58
C PRO C 95 -36.61 18.94 15.15
N ILE C 96 -37.57 19.64 14.56
CA ILE C 96 -37.96 19.46 13.15
C ILE C 96 -37.12 20.34 12.22
N TYR C 97 -36.60 21.45 12.72
CA TYR C 97 -35.72 22.30 11.93
C TYR C 97 -34.71 22.98 12.82
N VAL C 98 -33.54 23.25 12.26
CA VAL C 98 -32.51 24.09 12.86
C VAL C 98 -32.01 25.08 11.82
N GLY C 99 -31.93 26.36 12.15
CA GLY C 99 -31.52 27.39 11.22
C GLY C 99 -30.65 28.36 11.96
N LYS C 100 -30.16 29.40 11.29
CA LYS C 100 -29.32 30.41 11.95
C LYS C 100 -29.66 31.84 11.51
N ALA C 101 -29.12 32.84 12.21
CA ALA C 101 -29.11 34.21 11.73
C ALA C 101 -27.79 34.83 12.12
N VAL C 102 -27.05 35.29 11.15
CA VAL C 102 -25.71 35.84 11.30
C VAL C 102 -25.86 37.36 11.39
N PRO C 103 -24.97 38.08 12.10
CA PRO C 103 -25.16 39.57 12.05
C PRO C 103 -24.69 40.19 10.73
N ALA C 104 -25.09 41.43 10.47
CA ALA C 104 -24.82 42.09 9.19
C ALA C 104 -23.37 42.57 9.01
N GLY C 105 -22.53 41.79 8.33
CA GLY C 105 -21.08 42.05 8.33
C GLY C 105 -20.39 41.67 7.03
N TRP C 106 -20.25 42.67 6.15
CA TRP C 106 -19.58 42.54 4.83
C TRP C 106 -19.24 43.94 4.32
N ARG C 107 -20.30 44.75 4.11
CA ARG C 107 -20.19 46.21 3.90
C ARG C 107 -19.48 46.82 5.12
N GLN C 108 -18.16 47.01 4.98
CA GLN C 108 -17.32 47.38 6.11
C GLN C 108 -16.36 48.53 5.80
N SER C 109 -16.89 49.76 5.83
CA SER C 109 -16.05 50.96 5.87
C SER C 109 -15.68 51.20 7.34
N ARG C 110 -16.22 52.28 7.91
CA ARG C 110 -16.23 52.55 9.36
C ARG C 110 -17.32 53.61 9.59
N ILE C 111 -18.57 53.31 9.17
CA ILE C 111 -19.65 54.33 8.94
C ILE C 111 -20.09 55.32 10.05
N SER C 112 -21.21 55.03 10.69
CA SER C 112 -21.75 55.82 11.83
C SER C 112 -22.40 54.87 12.88
N ASP C 113 -22.99 55.43 13.94
CA ASP C 113 -23.64 54.61 15.03
C ASP C 113 -24.94 53.91 14.57
N HIS C 114 -24.86 53.24 13.42
CA HIS C 114 -25.96 52.48 12.79
C HIS C 114 -26.26 51.15 13.46
N GLU C 115 -25.92 51.05 14.75
CA GLU C 115 -26.48 50.05 15.65
C GLU C 115 -26.56 50.71 17.03
N THR C 116 -27.57 51.57 17.20
CA THR C 116 -27.85 52.21 18.52
C THR C 116 -28.61 51.17 19.39
N ARG C 117 -29.90 50.95 19.08
CA ARG C 117 -30.52 49.66 19.33
C ARG C 117 -30.01 48.78 18.16
N ALA C 118 -29.08 47.84 18.42
CA ALA C 118 -28.42 46.96 17.42
C ALA C 118 -29.33 45.90 16.73
N GLY C 119 -28.74 45.07 15.87
CA GLY C 119 -29.49 44.08 15.12
C GLY C 119 -30.35 43.08 15.87
N SER C 120 -31.52 42.78 15.31
CA SER C 120 -32.44 41.81 15.89
C SER C 120 -32.59 40.68 14.92
N GLU C 121 -31.48 40.29 14.29
CA GLU C 121 -31.54 39.38 13.15
C GLU C 121 -31.98 37.93 13.45
N LEU C 122 -31.80 37.45 14.67
CA LEU C 122 -32.22 36.08 15.01
C LEU C 122 -33.71 36.10 15.29
N SER C 123 -34.14 37.06 16.11
CA SER C 123 -35.54 37.20 16.47
C SER C 123 -36.38 37.38 15.20
N ASN C 124 -35.91 38.18 14.25
CA ASN C 124 -36.65 38.38 12.99
C ASN C 124 -36.81 37.08 12.21
N ARG C 125 -35.70 36.45 11.86
CA ARG C 125 -35.68 35.20 11.17
C ARG C 125 -36.67 34.20 11.79
N ILE C 126 -36.71 34.12 13.12
CA ILE C 126 -37.56 33.15 13.85
C ILE C 126 -39.00 33.55 13.58
N ARG C 127 -39.23 34.85 13.59
CA ARG C 127 -40.55 35.33 13.28
C ARG C 127 -40.96 35.05 11.83
N GLU C 128 -40.03 35.22 10.89
CA GLU C 128 -40.29 34.96 9.48
C GLU C 128 -40.68 33.52 9.34
N HIS C 129 -40.00 32.64 10.04
CA HIS C 129 -40.35 31.23 9.90
C HIS C 129 -41.75 30.93 10.41
N GLY C 130 -42.14 31.65 11.47
CA GLY C 130 -43.45 31.52 12.06
C GLY C 130 -44.45 31.87 11.01
N ARG C 131 -44.26 33.02 10.38
CA ARG C 131 -45.19 33.54 9.40
C ARG C 131 -45.44 32.52 8.30
N ASN C 132 -44.36 31.96 7.77
CA ASN C 132 -44.42 30.92 6.78
C ASN C 132 -45.20 29.68 7.16
N ILE C 133 -45.07 29.25 8.41
CA ILE C 133 -45.88 28.14 8.88
C ILE C 133 -47.33 28.56 8.92
N ALA C 134 -47.57 29.80 9.37
CA ALA C 134 -48.94 30.28 9.53
C ALA C 134 -49.66 30.31 8.19
N LYS C 135 -48.90 30.46 7.11
CA LYS C 135 -49.40 30.44 5.73
C LYS C 135 -49.77 29.06 5.15
N THR C 136 -49.35 28.00 5.84
CA THR C 136 -49.72 26.66 5.42
C THR C 136 -51.19 26.40 5.73
N SER C 137 -51.80 25.50 4.96
CA SER C 137 -53.16 25.11 5.28
C SER C 137 -53.20 23.87 6.17
N ASN C 138 -52.05 23.18 6.34
CA ASN C 138 -52.02 21.93 7.11
C ASN C 138 -51.13 21.90 8.37
N LEU C 139 -50.54 23.03 8.74
CA LEU C 139 -49.80 23.09 9.99
C LEU C 139 -50.28 24.22 10.84
N ASP C 140 -50.37 24.00 12.14
CA ASP C 140 -50.86 25.01 13.04
C ASP C 140 -49.75 25.63 13.89
N LEU C 141 -49.57 26.94 13.82
CA LEU C 141 -48.49 27.57 14.55
C LEU C 141 -48.54 27.35 16.06
N CYS C 142 -49.69 27.03 16.63
CA CYS C 142 -49.75 26.75 18.07
C CYS C 142 -49.04 25.46 18.37
N ASP C 143 -48.82 24.65 17.34
CA ASP C 143 -48.25 23.37 17.55
C ASP C 143 -46.73 23.42 17.43
N PHE C 144 -46.17 24.62 17.47
CA PHE C 144 -44.75 24.77 17.39
C PHE C 144 -44.14 25.48 18.57
N SER C 145 -42.85 25.18 18.80
CA SER C 145 -42.05 25.74 19.89
C SER C 145 -40.66 26.03 19.36
N CYS C 146 -39.90 26.87 20.04
CA CYS C 146 -38.51 27.01 19.65
C CYS C 146 -37.55 27.14 20.83
N ARG C 147 -36.30 26.78 20.59
CA ARG C 147 -35.20 27.15 21.44
C ARG C 147 -34.26 28.05 20.66
N PHE C 148 -33.60 29.00 21.32
CA PHE C 148 -32.58 29.79 20.63
C PHE C 148 -31.38 30.25 21.51
N VAL C 149 -30.25 30.49 20.86
CA VAL C 149 -29.02 30.90 21.56
C VAL C 149 -28.42 32.04 20.76
N ILE C 150 -28.13 33.11 21.48
CA ILE C 150 -27.51 34.35 20.97
C ILE C 150 -26.00 34.26 21.22
N PHE C 151 -25.23 34.42 20.16
CA PHE C 151 -23.74 34.49 20.26
C PHE C 151 -23.34 35.91 19.98
N GLU C 152 -22.73 36.57 20.96
CA GLU C 152 -22.35 37.98 20.81
C GLU C 152 -20.88 38.16 20.46
N ALA C 153 -20.60 39.34 19.93
CA ALA C 153 -19.23 39.82 19.74
C ALA C 153 -18.40 38.88 18.90
N THR C 154 -17.17 38.59 19.30
CA THR C 154 -16.34 37.73 18.46
C THR C 154 -16.84 36.29 18.42
N GLY C 155 -17.62 35.86 19.41
CA GLY C 155 -18.21 34.53 19.44
C GLY C 155 -19.24 34.26 18.36
N SER C 156 -19.59 35.28 17.59
CA SER C 156 -20.52 35.06 16.50
C SER C 156 -19.86 34.25 15.39
N ASP C 157 -18.52 34.35 15.30
CA ASP C 157 -17.71 33.56 14.37
C ASP C 157 -18.12 32.09 14.40
N MET C 158 -18.60 31.66 15.56
CA MET C 158 -18.97 30.27 15.88
C MET C 158 -20.30 29.82 15.34
N ILE C 159 -21.13 30.75 14.82
CA ILE C 159 -22.61 30.50 14.68
C ILE C 159 -22.94 29.30 13.81
N SER C 160 -22.48 29.34 12.56
CA SER C 160 -22.51 28.23 11.64
C SER C 160 -22.07 26.92 12.17
N THR C 161 -21.02 26.96 12.99
CA THR C 161 -20.45 25.73 13.40
C THR C 161 -21.41 25.04 14.31
N VAL C 162 -21.96 25.81 15.25
CA VAL C 162 -22.91 25.27 16.22
C VAL C 162 -24.14 24.80 15.45
N GLU C 163 -24.60 25.62 14.52
CA GLU C 163 -25.68 25.17 13.64
C GLU C 163 -25.38 23.78 13.00
N ALA C 164 -24.23 23.64 12.32
CA ALA C 164 -23.89 22.35 11.74
C ALA C 164 -23.78 21.26 12.82
N ALA C 165 -23.21 21.56 13.98
CA ALA C 165 -23.13 20.51 14.96
C ALA C 165 -24.54 20.05 15.33
N LEU C 166 -25.48 21.02 15.47
CA LEU C 166 -26.86 20.73 15.92
C LEU C 166 -27.62 19.94 14.90
N ILE C 167 -27.39 20.21 13.63
CA ILE C 167 -28.02 19.41 12.59
C ILE C 167 -27.38 18.04 12.56
N LYS C 168 -26.12 17.95 12.96
CA LYS C 168 -25.47 16.69 12.78
C LYS C 168 -25.98 15.75 13.85
N ILE C 169 -26.08 16.26 15.07
CA ILE C 169 -26.63 15.51 16.18
C ILE C 169 -28.08 15.14 15.96
N TYR C 170 -28.94 16.07 15.55
CA TYR C 170 -30.41 15.79 15.55
C TYR C 170 -31.01 15.33 14.23
N LYS C 171 -30.32 15.60 13.14
CA LYS C 171 -30.84 15.26 11.81
C LYS C 171 -32.32 15.66 11.62
N PRO C 172 -32.65 16.93 11.88
CA PRO C 172 -34.02 17.39 11.78
C PRO C 172 -34.65 17.16 10.40
N LEU C 173 -35.81 16.51 10.37
CA LEU C 173 -36.55 16.26 9.13
C LEU C 173 -36.46 17.38 8.07
N TRP C 174 -36.79 18.62 8.42
CA TRP C 174 -36.78 19.75 7.45
C TRP C 174 -35.39 20.16 6.96
N ASN C 175 -34.33 19.69 7.61
CA ASN C 175 -32.96 19.94 7.18
C ASN C 175 -32.42 18.81 6.32
N THR C 176 -32.95 17.60 6.49
CA THR C 176 -32.30 16.50 5.84
C THR C 176 -33.19 15.73 4.89
N VAL C 177 -34.50 15.84 5.04
CA VAL C 177 -35.35 14.97 4.24
C VAL C 177 -36.37 15.74 3.41
N VAL C 178 -37.04 16.71 4.03
CA VAL C 178 -38.07 17.44 3.39
C VAL C 178 -37.56 18.84 3.49
N ASP C 179 -36.71 19.20 2.55
CA ASP C 179 -36.15 20.50 2.59
C ASP C 179 -36.84 21.52 1.69
N GLY C 180 -36.45 22.79 1.89
CA GLY C 180 -36.99 23.90 1.19
C GLY C 180 -37.52 24.91 2.12
N PHE C 181 -37.76 24.51 3.37
CA PHE C 181 -38.28 25.44 4.38
C PHE C 181 -37.38 26.66 4.60
N GLY C 182 -36.07 26.51 4.42
CA GLY C 182 -35.21 27.67 4.60
C GLY C 182 -35.20 28.66 3.45
N ASN C 183 -35.99 28.47 2.40
CA ASN C 183 -35.88 29.33 1.23
C ASN C 183 -36.60 30.62 1.49
N HIS C 184 -35.92 31.73 1.37
CA HIS C 184 -36.64 32.95 1.09
C HIS C 184 -37.13 32.83 -0.31
N THR C 185 -38.06 33.69 -0.63
CA THR C 185 -38.59 33.76 -1.98
C THR C 185 -37.42 33.89 -2.96
N PRO C 186 -37.40 33.07 -4.01
CA PRO C 186 -36.22 33.14 -4.91
C PRO C 186 -36.18 34.41 -5.74
N GLY C 187 -37.30 35.13 -5.79
CA GLY C 187 -37.40 36.30 -6.64
C GLY C 187 -37.75 36.08 -8.10
N ALA C 188 -38.28 37.12 -8.73
CA ALA C 188 -38.30 37.21 -10.17
C ALA C 188 -36.86 36.90 -10.63
N GLY C 189 -36.65 36.34 -11.80
CA GLY C 189 -35.23 36.04 -12.04
C GLY C 189 -34.77 34.62 -11.67
N ARG C 190 -35.54 33.92 -10.83
CA ARG C 190 -35.28 32.54 -10.54
C ARG C 190 -36.62 31.73 -10.52
N PHE C 191 -37.65 32.25 -11.18
CA PHE C 191 -38.97 31.66 -11.13
C PHE C 191 -39.00 30.28 -11.80
N ALA C 192 -37.94 30.02 -12.58
CA ALA C 192 -37.83 28.84 -13.39
C ALA C 192 -37.52 27.62 -12.50
N GLN C 193 -37.02 27.87 -11.30
CA GLN C 193 -36.72 26.74 -10.42
C GLN C 193 -37.92 25.94 -9.95
N ALA C 194 -37.70 24.71 -9.49
CA ALA C 194 -38.78 23.83 -9.06
C ALA C 194 -39.12 24.20 -7.66
N LYS C 195 -40.41 24.24 -7.33
CA LYS C 195 -40.79 24.49 -5.93
C LYS C 195 -40.20 23.37 -5.10
N SER C 196 -39.68 23.69 -3.92
CA SER C 196 -39.06 22.68 -3.06
C SER C 196 -40.03 21.61 -2.55
N ASP C 197 -39.49 20.62 -1.83
CA ASP C 197 -40.28 19.47 -1.40
C ASP C 197 -41.15 19.90 -0.24
N TRP C 198 -40.64 20.84 0.56
CA TRP C 198 -41.40 21.41 1.65
C TRP C 198 -42.67 22.10 1.07
N ASP C 199 -42.52 22.77 -0.06
CA ASP C 199 -43.59 23.53 -0.58
C ASP C 199 -44.59 22.62 -1.20
N VAL C 200 -44.18 21.43 -1.61
CA VAL C 200 -45.18 20.61 -2.23
C VAL C 200 -46.06 19.98 -1.20
N ILE C 201 -45.52 19.72 0.00
CA ILE C 201 -46.38 19.09 1.00
C ILE C 201 -47.02 20.13 1.91
N HIS C 202 -46.36 21.28 1.97
CA HIS C 202 -46.89 22.42 2.68
C HIS C 202 -47.11 23.59 1.71
N PRO C 203 -48.15 23.51 0.86
CA PRO C 203 -48.55 24.77 0.21
C PRO C 203 -49.12 25.64 1.34
N GLY C 204 -49.20 26.96 1.23
CA GLY C 204 -48.56 27.71 0.21
C GLY C 204 -48.06 29.07 0.66
N ARG C 205 -46.73 29.23 0.56
CA ARG C 205 -46.16 30.54 0.38
C ARG C 205 -46.45 30.94 -1.06
N GLU C 206 -46.94 32.15 -1.23
CA GLU C 206 -47.33 32.61 -2.55
C GLU C 206 -46.21 32.37 -3.58
N TRP C 207 -45.02 32.87 -3.35
CA TRP C 207 -43.95 32.68 -4.34
C TRP C 207 -43.72 31.23 -4.83
N ALA C 208 -43.89 30.25 -3.94
CA ALA C 208 -43.79 28.85 -4.37
C ALA C 208 -44.67 28.62 -5.59
N GLU C 209 -45.92 29.10 -5.51
CA GLU C 209 -46.86 28.96 -6.61
C GLU C 209 -46.46 29.67 -7.93
N LYS C 210 -45.39 30.45 -7.90
CA LYS C 210 -44.88 31.06 -9.13
C LYS C 210 -43.70 30.29 -9.73
N CYS C 211 -43.29 29.21 -9.10
CA CYS C 211 -42.17 28.39 -9.60
C CYS C 211 -42.61 27.41 -10.72
N THR C 212 -41.86 27.38 -11.83
CA THR C 212 -42.22 26.59 -13.01
C THR C 212 -41.44 25.27 -13.16
N GLY C 213 -40.34 25.12 -12.45
CA GLY C 213 -39.61 23.85 -12.57
C GLY C 213 -40.38 22.60 -12.16
N VAL C 214 -39.96 21.46 -12.69
CA VAL C 214 -40.54 20.17 -12.33
C VAL C 214 -40.26 19.90 -10.85
N HIS C 215 -41.30 19.73 -10.03
CA HIS C 215 -41.04 19.45 -8.63
C HIS C 215 -41.20 17.98 -8.34
N SER C 216 -40.66 17.53 -7.22
CA SER C 216 -40.88 16.16 -6.73
C SER C 216 -42.35 15.93 -6.37
N GLU C 217 -42.79 14.66 -6.41
CA GLU C 217 -44.20 14.29 -6.27
C GLU C 217 -44.48 13.76 -4.85
N PRO C 218 -45.63 14.13 -4.24
CA PRO C 218 -45.94 13.81 -2.83
C PRO C 218 -45.73 12.36 -2.38
N TYR C 219 -46.32 11.40 -3.08
CA TYR C 219 -46.14 10.01 -2.74
C TYR C 219 -44.68 9.74 -2.38
N PHE C 220 -43.76 10.03 -3.28
CA PHE C 220 -42.33 9.84 -3.03
C PHE C 220 -41.76 10.57 -1.80
N ILE C 221 -42.25 11.78 -1.57
CA ILE C 221 -41.79 12.59 -0.42
C ILE C 221 -42.43 12.06 0.84
N GLU C 222 -43.47 11.27 0.71
CA GLU C 222 -44.08 10.80 1.90
C GLU C 222 -43.41 9.55 2.35
N GLU C 223 -42.92 8.77 1.40
CA GLU C 223 -42.25 7.54 1.73
C GLU C 223 -41.02 7.94 2.48
N ARG C 224 -40.39 9.00 1.98
CA ARG C 224 -39.18 9.53 2.55
C ARG C 224 -39.34 9.91 4.01
N ILE C 225 -40.48 10.55 4.33
CA ILE C 225 -40.79 10.99 5.68
C ILE C 225 -41.04 9.77 6.55
N LYS C 226 -41.90 8.89 6.05
CA LYS C 226 -42.26 7.64 6.72
C LYS C 226 -40.98 6.93 7.07
N GLN C 227 -40.05 6.95 6.12
CA GLN C 227 -38.81 6.20 6.24
C GLN C 227 -37.85 6.83 7.27
N TYR C 228 -37.89 8.14 7.44
CA TYR C 228 -37.12 8.81 8.47
C TYR C 228 -37.52 8.29 9.85
N PHE C 229 -38.82 8.06 10.07
CA PHE C 229 -39.26 7.65 11.41
C PHE C 229 -38.94 6.19 11.70
N SER C 230 -38.78 5.40 10.65
CA SER C 230 -38.67 3.96 10.80
C SER C 230 -37.26 3.41 10.62
N LYS C 231 -36.37 4.17 10.00
CA LYS C 231 -34.94 3.83 10.06
C LYS C 231 -34.16 4.85 10.86
N HIS D 23 -12.67 -37.18 -13.52
CA HIS D 23 -11.57 -36.97 -12.53
C HIS D 23 -12.12 -36.92 -11.08
N ASN D 24 -12.41 -38.09 -10.50
CA ASN D 24 -13.05 -38.20 -9.14
C ASN D 24 -12.23 -37.53 -8.03
N LYS D 25 -10.98 -37.19 -8.35
CA LYS D 25 -10.11 -36.36 -7.52
C LYS D 25 -10.52 -34.90 -7.69
N LYS D 26 -11.02 -34.28 -6.62
CA LYS D 26 -11.26 -32.84 -6.65
C LYS D 26 -9.94 -32.15 -7.02
N PHE D 27 -9.97 -31.27 -8.02
CA PHE D 27 -8.80 -30.48 -8.45
C PHE D 27 -8.15 -29.71 -7.29
N ASP D 28 -6.82 -29.71 -7.27
CA ASP D 28 -6.02 -29.22 -6.15
C ASP D 28 -4.66 -28.87 -6.72
N ARG D 29 -4.54 -27.66 -7.26
CA ARG D 29 -3.32 -27.31 -7.97
C ARG D 29 -2.06 -27.40 -7.12
N SER D 30 -2.23 -27.23 -5.82
CA SER D 30 -1.17 -27.36 -4.85
C SER D 30 -0.88 -28.84 -4.66
N GLU D 31 -0.31 -29.46 -5.70
CA GLU D 31 -0.23 -30.91 -5.88
C GLU D 31 0.39 -31.22 -7.23
N HIS D 32 0.60 -30.14 -7.99
CA HIS D 32 1.21 -30.17 -9.28
C HIS D 32 2.41 -29.26 -9.15
N VAL D 33 2.51 -28.63 -7.98
CA VAL D 33 3.59 -27.69 -7.67
C VAL D 33 4.83 -28.47 -7.27
N TYR D 34 5.93 -28.15 -7.93
CA TYR D 34 7.21 -28.67 -7.54
C TYR D 34 8.04 -27.45 -7.15
N ARG D 35 8.53 -27.45 -5.92
CA ARG D 35 9.42 -26.41 -5.44
C ARG D 35 10.84 -26.99 -5.42
N ASN D 36 11.78 -26.27 -6.03
CA ASN D 36 13.19 -26.64 -5.95
C ASN D 36 14.11 -25.43 -6.10
N ASP D 37 15.19 -25.41 -5.33
CA ASP D 37 15.99 -24.21 -5.12
C ASP D 37 17.40 -24.29 -5.68
N SER D 38 17.83 -25.51 -5.94
CA SER D 38 19.22 -25.78 -6.19
C SER D 38 19.55 -25.93 -7.64
N PHE D 39 18.55 -26.05 -8.49
CA PHE D 39 18.84 -26.16 -9.90
C PHE D 39 19.34 -24.84 -10.39
N LEU D 40 18.83 -23.79 -9.75
CA LEU D 40 19.28 -22.43 -9.97
C LEU D 40 20.80 -22.29 -9.85
N GLU D 41 21.38 -22.97 -8.85
CA GLU D 41 22.83 -22.90 -8.58
C GLU D 41 23.62 -23.55 -9.72
N LEU D 42 23.03 -24.56 -10.34
CA LEU D 42 23.61 -25.16 -11.51
C LEU D 42 23.77 -24.14 -12.63
N ILE D 43 22.68 -23.42 -12.93
CA ILE D 43 22.73 -22.33 -13.91
C ILE D 43 23.86 -21.33 -13.54
N LYS D 44 23.80 -20.83 -12.31
CA LYS D 44 24.87 -20.02 -11.80
C LYS D 44 26.25 -20.60 -12.10
N ASP D 45 26.47 -21.89 -11.84
CA ASP D 45 27.81 -22.49 -12.06
C ASP D 45 28.14 -22.53 -13.53
N ALA D 46 27.11 -22.69 -14.35
CA ALA D 46 27.31 -22.83 -15.78
C ALA D 46 27.59 -21.47 -16.36
N VAL D 47 26.92 -20.48 -15.81
CA VAL D 47 27.10 -19.10 -16.22
C VAL D 47 28.44 -18.52 -15.75
N ARG D 48 28.85 -18.85 -14.53
CA ARG D 48 30.14 -18.35 -14.09
C ARG D 48 31.24 -19.02 -14.91
N PHE D 49 31.16 -20.34 -15.07
CA PHE D 49 32.09 -21.05 -15.93
C PHE D 49 32.16 -20.40 -17.31
N PHE D 50 31.02 -20.21 -17.96
CA PHE D 50 31.08 -19.64 -19.28
C PHE D 50 32.01 -18.43 -19.27
N SER D 51 31.78 -17.51 -18.34
CA SER D 51 32.60 -16.29 -18.20
C SER D 51 34.09 -16.54 -18.12
N GLY D 52 34.46 -17.72 -17.66
CA GLY D 52 35.87 -18.02 -17.49
C GLY D 52 36.58 -18.51 -18.74
N THR D 53 35.82 -18.88 -19.75
CA THR D 53 36.38 -19.63 -20.87
C THR D 53 37.14 -18.71 -21.83
N PRO D 54 38.18 -19.24 -22.51
CA PRO D 54 39.06 -18.44 -23.35
C PRO D 54 38.33 -17.74 -24.46
N VAL D 55 38.66 -16.48 -24.69
CA VAL D 55 38.03 -15.67 -25.73
C VAL D 55 38.79 -15.92 -27.02
N HIS D 56 38.07 -16.26 -28.08
CA HIS D 56 38.72 -16.39 -29.38
C HIS D 56 38.10 -15.44 -30.41
N SER D 57 38.85 -15.15 -31.49
CA SER D 57 38.32 -14.32 -32.58
C SER D 57 37.15 -15.02 -33.29
N LEU D 58 36.59 -14.36 -34.30
CA LEU D 58 35.44 -14.95 -34.95
C LEU D 58 35.75 -15.30 -36.43
N PRO D 59 35.75 -16.62 -36.76
CA PRO D 59 35.57 -17.76 -35.88
C PRO D 59 36.87 -18.14 -35.15
N PRO D 60 36.82 -19.14 -34.25
CA PRO D 60 38.02 -19.61 -33.55
C PRO D 60 39.03 -20.24 -34.49
N PRO D 61 40.34 -20.26 -34.11
CA PRO D 61 41.48 -20.71 -34.93
C PRO D 61 41.34 -22.10 -35.51
N GLU D 62 40.62 -22.96 -34.81
CA GLU D 62 40.49 -24.35 -35.20
C GLU D 62 39.04 -24.75 -35.19
N ARG D 63 38.76 -25.81 -35.92
CA ARG D 63 37.46 -26.44 -35.81
C ARG D 63 37.45 -27.44 -34.67
N PHE D 64 36.30 -27.64 -34.04
CA PHE D 64 36.23 -28.58 -32.95
C PHE D 64 34.94 -29.35 -33.07
N GLN D 65 34.80 -30.40 -32.26
CA GLN D 65 33.56 -31.12 -32.19
C GLN D 65 32.77 -30.75 -30.95
N GLY D 66 31.45 -30.80 -31.04
CA GLY D 66 30.60 -30.56 -29.86
C GLY D 66 29.39 -29.71 -30.09
N ALA D 67 28.49 -29.76 -29.13
CA ALA D 67 27.28 -28.93 -29.13
C ALA D 67 27.29 -28.01 -27.93
N GLY D 68 26.60 -26.87 -28.00
CA GLY D 68 26.42 -26.07 -26.78
C GLY D 68 26.19 -24.61 -27.06
N VAL D 69 26.77 -23.75 -26.23
CA VAL D 69 26.42 -22.33 -26.26
C VAL D 69 27.61 -21.40 -26.62
N PHE D 70 27.33 -20.23 -27.19
CA PHE D 70 28.40 -19.29 -27.51
C PHE D 70 27.92 -17.86 -27.35
N ALA D 71 28.87 -16.93 -27.24
CA ALA D 71 28.61 -15.50 -27.25
C ALA D 71 29.53 -14.79 -28.22
N LEU D 72 29.03 -13.75 -28.85
CA LEU D 72 29.82 -12.89 -29.71
C LEU D 72 30.17 -11.56 -29.04
N TYR D 73 31.35 -11.04 -29.29
CA TYR D 73 31.73 -9.74 -28.73
C TYR D 73 32.21 -8.76 -29.79
N TYR D 74 31.78 -7.51 -29.65
CA TYR D 74 32.22 -6.44 -30.53
C TYR D 74 33.21 -5.49 -29.86
N THR D 75 34.14 -4.98 -30.65
CA THR D 75 35.14 -4.07 -30.12
C THR D 75 35.40 -2.95 -31.12
N GLY D 76 34.57 -2.91 -32.17
CA GLY D 76 34.78 -2.00 -33.27
C GLY D 76 34.26 -0.58 -33.08
N HIS D 77 34.30 0.19 -34.17
CA HIS D 77 33.99 1.60 -34.12
C HIS D 77 32.90 2.00 -35.10
N TYR D 78 32.07 1.07 -35.53
CA TYR D 78 30.91 1.44 -36.33
C TYR D 78 30.05 2.36 -35.47
N SER D 79 29.65 3.51 -36.02
CA SER D 79 29.09 4.63 -35.22
C SER D 79 28.17 4.16 -34.10
N LEU D 80 27.07 3.48 -34.47
CA LEU D 80 26.03 3.02 -33.53
C LEU D 80 26.51 2.08 -32.42
N TYR D 81 27.64 1.40 -32.68
CA TYR D 81 28.17 0.39 -31.77
C TYR D 81 29.46 0.87 -31.12
N ASP D 82 29.78 2.14 -31.34
CA ASP D 82 31.01 2.72 -30.84
C ASP D 82 31.21 2.54 -29.34
N GLU D 83 30.14 2.62 -28.55
CA GLU D 83 30.17 2.33 -27.10
C GLU D 83 30.83 1.00 -26.68
N TYR D 84 30.76 -0.02 -27.55
CA TYR D 84 31.34 -1.33 -27.23
C TYR D 84 32.85 -1.25 -27.11
N SER D 85 33.48 -0.45 -27.98
CA SER D 85 34.93 -0.31 -27.98
C SER D 85 35.39 0.31 -26.69
N ARG D 86 34.41 0.60 -25.85
CA ARG D 86 34.62 1.30 -24.60
C ARG D 86 34.19 0.46 -23.40
N ILE D 87 33.05 -0.23 -23.52
CA ILE D 87 32.63 -1.23 -22.53
C ILE D 87 33.56 -2.44 -22.58
N ASN D 88 33.91 -2.86 -23.78
CA ASN D 88 34.80 -4.00 -23.96
C ASN D 88 36.30 -3.67 -24.08
N ARG D 89 36.66 -2.40 -23.84
CA ARG D 89 38.06 -1.94 -23.87
C ARG D 89 39.01 -2.86 -23.08
N LYS D 90 38.70 -3.12 -21.81
CA LYS D 90 39.56 -3.86 -20.87
C LYS D 90 39.41 -5.39 -20.91
N ALA D 91 38.20 -5.86 -21.16
CA ALA D 91 37.88 -7.27 -21.06
C ALA D 91 36.68 -7.54 -21.93
N TYR D 92 36.33 -8.81 -22.14
CA TYR D 92 35.18 -9.09 -22.97
C TYR D 92 33.93 -9.19 -22.11
N ASN D 93 33.36 -8.03 -21.82
CA ASN D 93 32.35 -7.88 -20.80
C ASN D 93 30.94 -8.11 -21.32
N LEU D 94 30.57 -7.33 -22.32
CA LEU D 94 29.21 -7.30 -22.80
C LEU D 94 29.14 -7.94 -24.19
N PRO D 95 28.43 -9.08 -24.29
CA PRO D 95 28.17 -9.71 -25.59
C PRO D 95 27.12 -8.91 -26.42
N ILE D 96 27.19 -9.02 -27.74
CA ILE D 96 26.26 -8.33 -28.64
C ILE D 96 25.18 -9.33 -29.05
N TYR D 97 25.55 -10.62 -29.02
CA TYR D 97 24.63 -11.68 -29.32
C TYR D 97 25.05 -12.99 -28.67
N VAL D 98 24.04 -13.76 -28.24
CA VAL D 98 24.23 -15.09 -27.64
C VAL D 98 23.32 -16.12 -28.32
N GLY D 99 23.92 -17.24 -28.76
CA GLY D 99 23.15 -18.27 -29.41
C GLY D 99 23.53 -19.66 -28.96
N LYS D 100 22.79 -20.65 -29.47
CA LYS D 100 23.10 -22.07 -29.23
C LYS D 100 23.22 -22.92 -30.50
N ALA D 101 23.81 -24.08 -30.35
CA ALA D 101 23.77 -25.13 -31.36
C ALA D 101 23.57 -26.45 -30.62
N VAL D 102 22.62 -27.22 -31.11
CA VAL D 102 22.16 -28.38 -30.39
C VAL D 102 22.62 -29.59 -31.23
N PRO D 103 22.69 -30.80 -30.63
CA PRO D 103 23.26 -31.82 -31.55
C PRO D 103 22.26 -32.30 -32.61
N ALA D 104 22.78 -32.66 -33.79
CA ALA D 104 22.01 -33.23 -34.91
C ALA D 104 21.07 -34.41 -34.53
N GLY D 105 19.82 -34.27 -34.97
CA GLY D 105 18.78 -35.25 -34.68
C GLY D 105 18.37 -35.00 -33.25
N TRP D 106 17.92 -33.81 -32.97
CA TRP D 106 17.60 -33.49 -31.61
C TRP D 106 16.13 -33.18 -31.50
N ARG D 107 15.56 -32.68 -32.61
CA ARG D 107 14.15 -32.24 -32.68
C ARG D 107 13.23 -33.45 -32.48
N GLN D 108 13.69 -34.63 -32.86
CA GLN D 108 12.92 -35.87 -32.73
C GLN D 108 13.68 -36.85 -31.86
N SER D 109 14.40 -36.30 -30.88
CA SER D 109 15.23 -37.07 -29.96
C SER D 109 15.91 -38.32 -30.59
N ARG D 110 16.60 -38.12 -31.72
CA ARG D 110 17.35 -39.20 -32.40
C ARG D 110 18.74 -39.36 -31.74
N ILE D 111 19.79 -38.77 -32.33
CA ILE D 111 21.13 -38.66 -31.70
C ILE D 111 21.67 -39.95 -31.02
N SER D 112 21.23 -41.12 -31.51
CA SER D 112 21.58 -42.40 -30.85
C SER D 112 21.85 -43.58 -31.80
N ASP D 113 20.94 -43.84 -32.75
CA ASP D 113 21.00 -45.03 -33.66
C ASP D 113 22.28 -45.12 -34.53
N HIS D 114 22.82 -43.93 -34.86
CA HIS D 114 24.17 -43.70 -35.38
C HIS D 114 24.54 -42.27 -34.98
N GLU D 115 23.63 -41.64 -34.21
CA GLU D 115 23.66 -40.22 -33.86
C GLU D 115 24.47 -39.94 -32.59
N THR D 116 25.18 -40.96 -32.11
CA THR D 116 26.20 -40.78 -31.07
C THR D 116 27.47 -40.15 -31.66
N ARG D 117 27.30 -39.14 -32.53
CA ARG D 117 28.39 -38.27 -32.94
C ARG D 117 28.90 -37.37 -31.77
N ALA D 118 30.15 -36.86 -31.86
CA ALA D 118 31.08 -36.85 -33.04
C ALA D 118 30.87 -35.63 -33.99
N GLY D 119 29.75 -34.93 -33.78
CA GLY D 119 29.35 -33.77 -34.58
C GLY D 119 30.04 -32.51 -34.12
N SER D 120 29.98 -31.49 -34.98
CA SER D 120 30.60 -30.22 -34.70
C SER D 120 29.61 -29.07 -34.97
N GLU D 121 28.43 -29.18 -34.41
CA GLU D 121 27.42 -28.19 -34.71
C GLU D 121 27.67 -26.82 -34.04
N LEU D 122 28.35 -26.80 -32.89
CA LEU D 122 28.71 -25.52 -32.30
C LEU D 122 29.66 -24.72 -33.18
N SER D 123 30.77 -25.37 -33.56
CA SER D 123 31.86 -24.79 -34.36
C SER D 123 31.33 -24.29 -35.68
N ASN D 124 30.50 -25.11 -36.33
CA ASN D 124 29.97 -24.80 -37.66
C ASN D 124 29.00 -23.69 -37.66
N ARG D 125 28.15 -23.68 -36.64
CA ARG D 125 27.15 -22.68 -36.46
C ARG D 125 27.80 -21.34 -36.11
N ILE D 126 28.81 -21.34 -35.23
CA ILE D 126 29.59 -20.14 -34.99
C ILE D 126 30.11 -19.57 -36.32
N ARG D 127 30.65 -20.43 -37.18
CA ARG D 127 31.22 -19.95 -38.43
C ARG D 127 30.20 -19.32 -39.36
N GLU D 128 29.04 -19.95 -39.52
CA GLU D 128 27.95 -19.36 -40.30
C GLU D 128 27.63 -17.96 -39.82
N HIS D 129 27.73 -17.75 -38.52
CA HIS D 129 27.58 -16.39 -38.04
C HIS D 129 28.66 -15.45 -38.54
N GLY D 130 29.91 -15.93 -38.45
CA GLY D 130 31.08 -15.23 -38.93
C GLY D 130 30.79 -14.74 -40.32
N ARG D 131 30.43 -15.62 -41.24
CA ARG D 131 30.33 -15.14 -42.62
C ARG D 131 29.14 -14.26 -42.88
N ASN D 132 28.03 -14.53 -42.19
CA ASN D 132 26.92 -13.60 -42.27
C ASN D 132 27.34 -12.18 -41.97
N ILE D 133 28.13 -12.03 -40.92
CA ILE D 133 28.85 -10.79 -40.69
C ILE D 133 29.78 -10.40 -41.85
N ALA D 134 30.57 -11.33 -42.38
CA ALA D 134 31.49 -10.95 -43.50
C ALA D 134 30.71 -10.31 -44.64
N LYS D 135 29.44 -10.72 -44.77
CA LYS D 135 28.58 -10.23 -45.85
C LYS D 135 27.99 -8.81 -45.63
N THR D 136 27.96 -8.33 -44.40
CA THR D 136 27.56 -6.95 -44.16
C THR D 136 28.54 -5.96 -44.76
N SER D 137 28.01 -4.82 -45.19
CA SER D 137 28.86 -3.82 -45.80
C SER D 137 29.53 -2.96 -44.73
N ASN D 138 28.87 -2.86 -43.57
CA ASN D 138 29.28 -1.94 -42.49
C ASN D 138 29.82 -2.56 -41.20
N LEU D 139 30.04 -3.87 -41.17
CA LEU D 139 30.73 -4.51 -40.03
C LEU D 139 31.97 -5.29 -40.45
N ASP D 140 32.98 -5.30 -39.59
CA ASP D 140 34.25 -5.90 -39.93
C ASP D 140 34.52 -7.07 -39.02
N LEU D 141 34.75 -8.24 -39.61
CA LEU D 141 34.91 -9.50 -38.88
C LEU D 141 36.00 -9.48 -37.80
N CYS D 142 37.06 -8.70 -38.06
CA CYS D 142 38.17 -8.59 -37.14
C CYS D 142 37.78 -7.93 -35.82
N ASP D 143 36.63 -7.25 -35.83
CA ASP D 143 36.17 -6.48 -34.68
C ASP D 143 35.36 -7.32 -33.74
N PHE D 144 35.28 -8.62 -34.07
CA PHE D 144 34.44 -9.54 -33.33
C PHE D 144 35.23 -10.65 -32.71
N SER D 145 34.82 -11.01 -31.51
CA SER D 145 35.44 -12.11 -30.83
C SER D 145 34.32 -12.97 -30.27
N CYS D 146 34.66 -14.14 -29.74
CA CYS D 146 33.65 -15.03 -29.18
C CYS D 146 34.13 -15.92 -28.03
N ARG D 147 33.15 -16.31 -27.19
CA ARG D 147 33.32 -17.35 -26.16
C ARG D 147 32.33 -18.48 -26.40
N PHE D 148 32.69 -19.72 -26.07
CA PHE D 148 31.75 -20.82 -26.23
C PHE D 148 31.99 -21.92 -25.21
N VAL D 149 30.94 -22.68 -24.96
CA VAL D 149 30.96 -23.76 -23.97
C VAL D 149 30.36 -25.00 -24.61
N ILE D 150 31.05 -26.12 -24.46
CA ILE D 150 30.55 -27.39 -24.93
C ILE D 150 29.94 -28.14 -23.75
N PHE D 151 28.69 -28.55 -23.89
CA PHE D 151 28.04 -29.44 -22.94
C PHE D 151 28.13 -30.81 -23.52
N GLU D 152 28.69 -31.77 -22.77
CA GLU D 152 28.78 -33.16 -23.28
C GLU D 152 27.44 -33.84 -23.18
N ALA D 153 27.33 -34.95 -23.90
CA ALA D 153 26.18 -35.85 -23.89
C ALA D 153 25.47 -35.79 -22.54
N THR D 154 24.15 -35.72 -22.54
CA THR D 154 23.37 -35.74 -21.27
C THR D 154 23.46 -34.47 -20.49
N GLY D 155 24.42 -33.62 -20.83
CA GLY D 155 24.40 -32.28 -20.28
C GLY D 155 23.69 -31.47 -21.35
N SER D 156 23.57 -32.03 -22.55
CA SER D 156 23.04 -31.23 -23.64
C SER D 156 21.59 -30.90 -23.52
N ASP D 157 20.87 -31.58 -22.62
CA ASP D 157 19.53 -31.17 -22.22
C ASP D 157 19.46 -29.74 -21.73
N MET D 158 20.56 -29.24 -21.20
CA MET D 158 20.63 -27.89 -20.62
C MET D 158 20.86 -26.73 -21.58
N ILE D 159 21.50 -26.99 -22.71
CA ILE D 159 21.94 -25.95 -23.64
C ILE D 159 20.95 -24.77 -23.75
N SER D 160 19.76 -25.09 -24.21
CA SER D 160 18.59 -24.20 -24.13
C SER D 160 18.51 -23.26 -22.91
N THR D 161 18.71 -23.81 -21.72
CA THR D 161 18.48 -23.03 -20.52
C THR D 161 19.66 -22.15 -20.21
N VAL D 162 20.85 -22.58 -20.60
CA VAL D 162 22.02 -21.76 -20.32
C VAL D 162 21.96 -20.53 -21.21
N GLU D 163 21.68 -20.79 -22.50
CA GLU D 163 21.46 -19.71 -23.47
C GLU D 163 20.48 -18.69 -22.96
N ALA D 164 19.35 -19.13 -22.44
CA ALA D 164 18.34 -18.21 -21.93
C ALA D 164 18.84 -17.42 -20.75
N ALA D 165 19.50 -18.08 -19.80
CA ALA D 165 19.96 -17.35 -18.62
C ALA D 165 20.96 -16.27 -19.03
N LEU D 166 21.94 -16.64 -19.87
CA LEU D 166 22.93 -15.68 -20.35
C LEU D 166 22.23 -14.49 -20.97
N ILE D 167 21.18 -14.75 -21.75
CA ILE D 167 20.41 -13.68 -22.36
C ILE D 167 19.74 -12.81 -21.30
N LYS D 168 19.29 -13.43 -20.21
CA LYS D 168 18.69 -12.67 -19.14
C LYS D 168 19.70 -11.81 -18.40
N ILE D 169 20.95 -12.24 -18.37
CA ILE D 169 21.95 -11.55 -17.59
C ILE D 169 22.57 -10.39 -18.34
N TYR D 170 22.94 -10.61 -19.61
CA TYR D 170 23.56 -9.60 -20.42
C TYR D 170 22.61 -8.81 -21.32
N LYS D 171 21.44 -9.36 -21.62
CA LYS D 171 20.50 -8.72 -22.55
C LYS D 171 21.23 -8.21 -23.80
N PRO D 172 21.89 -9.10 -24.55
CA PRO D 172 22.68 -8.59 -25.67
C PRO D 172 21.83 -7.86 -26.70
N LEU D 173 22.33 -6.71 -27.15
CA LEU D 173 21.62 -5.87 -28.11
C LEU D 173 20.95 -6.63 -29.27
N TRP D 174 21.61 -7.64 -29.81
CA TRP D 174 21.00 -8.33 -30.91
C TRP D 174 19.88 -9.28 -30.50
N ASN D 175 19.95 -9.85 -29.32
CA ASN D 175 18.84 -10.68 -28.90
C ASN D 175 17.66 -9.85 -28.44
N THR D 176 17.94 -8.75 -27.78
CA THR D 176 16.92 -8.02 -27.07
C THR D 176 16.44 -6.74 -27.76
N VAL D 177 17.26 -6.16 -28.65
CA VAL D 177 16.87 -4.93 -29.37
C VAL D 177 16.87 -5.13 -30.89
N VAL D 178 18.04 -5.30 -31.48
CA VAL D 178 18.16 -5.31 -32.94
C VAL D 178 18.04 -6.73 -33.40
N ASP D 179 16.78 -7.16 -33.44
CA ASP D 179 16.33 -8.49 -33.79
C ASP D 179 16.73 -8.96 -35.15
N GLY D 180 17.11 -10.22 -35.29
CA GLY D 180 17.17 -10.77 -36.64
C GLY D 180 18.42 -11.42 -37.15
N PHE D 181 19.57 -11.16 -36.54
CA PHE D 181 20.80 -11.89 -36.89
C PHE D 181 20.69 -13.43 -36.86
N GLY D 182 19.63 -13.95 -36.24
CA GLY D 182 19.52 -15.38 -35.98
C GLY D 182 18.89 -16.07 -37.13
N ASN D 183 18.41 -15.30 -38.10
CA ASN D 183 17.60 -15.88 -39.13
C ASN D 183 18.49 -16.63 -40.09
N HIS D 184 18.22 -17.93 -40.27
CA HIS D 184 18.62 -18.54 -41.56
C HIS D 184 17.71 -17.99 -42.65
N THR D 185 18.09 -18.21 -43.91
CA THR D 185 17.22 -17.81 -45.01
C THR D 185 15.78 -18.31 -44.78
N PRO D 186 14.77 -17.40 -44.82
CA PRO D 186 13.39 -17.91 -44.58
C PRO D 186 12.94 -18.81 -45.72
N GLY D 187 13.45 -18.55 -46.90
CA GLY D 187 13.13 -19.39 -48.05
C GLY D 187 11.81 -18.94 -48.65
N ALA D 188 11.49 -19.46 -49.83
CA ALA D 188 10.21 -19.13 -50.43
C ALA D 188 9.09 -19.51 -49.44
N GLY D 189 7.86 -19.16 -49.76
CA GLY D 189 6.86 -19.59 -48.81
C GLY D 189 6.83 -18.69 -47.60
N ARG D 190 7.96 -18.03 -47.30
CA ARG D 190 8.02 -16.95 -46.31
C ARG D 190 8.46 -15.57 -46.90
N PHE D 191 8.60 -15.45 -48.22
CA PHE D 191 9.01 -14.19 -48.87
C PHE D 191 8.15 -12.99 -48.55
N ALA D 192 6.98 -13.18 -47.98
CA ALA D 192 6.15 -12.01 -47.73
C ALA D 192 6.37 -11.43 -46.36
N GLN D 193 7.32 -11.91 -45.59
CA GLN D 193 7.54 -11.27 -44.29
C GLN D 193 8.47 -10.03 -44.37
N ALA D 194 8.48 -9.24 -43.31
CA ALA D 194 9.23 -7.98 -43.25
C ALA D 194 10.73 -8.21 -43.15
N LYS D 195 11.54 -7.25 -43.54
CA LYS D 195 12.97 -7.38 -43.42
C LYS D 195 13.21 -7.27 -41.94
N SER D 196 14.22 -7.94 -41.40
CA SER D 196 14.51 -7.83 -39.96
C SER D 196 15.28 -6.56 -39.65
N ASP D 197 15.13 -6.11 -38.40
CA ASP D 197 15.86 -4.95 -37.94
C ASP D 197 17.35 -5.14 -38.19
N TRP D 198 17.95 -6.20 -37.66
CA TRP D 198 19.34 -6.54 -38.02
C TRP D 198 19.68 -6.31 -39.49
N ASP D 199 18.82 -6.77 -40.40
CA ASP D 199 19.07 -6.62 -41.82
C ASP D 199 18.92 -5.17 -42.24
N VAL D 200 17.88 -4.49 -41.74
CA VAL D 200 17.71 -3.14 -42.21
C VAL D 200 18.94 -2.27 -41.94
N ILE D 201 19.61 -2.48 -40.82
CA ILE D 201 20.79 -1.66 -40.48
C ILE D 201 22.09 -2.27 -41.03
N HIS D 202 22.08 -3.58 -41.22
CA HIS D 202 23.25 -4.23 -41.79
C HIS D 202 22.90 -4.95 -43.08
N PRO D 203 22.55 -4.20 -44.14
CA PRO D 203 22.46 -4.92 -45.38
C PRO D 203 23.87 -5.44 -45.75
N GLY D 204 23.95 -6.50 -46.54
CA GLY D 204 22.78 -7.20 -47.06
C GLY D 204 23.11 -8.67 -47.19
N ARG D 205 22.31 -9.50 -46.52
CA ARG D 205 22.30 -10.89 -46.82
C ARG D 205 21.32 -11.02 -47.98
N GLU D 206 21.84 -11.40 -49.14
CA GLU D 206 21.02 -11.77 -50.33
C GLU D 206 19.51 -11.93 -50.01
N TRP D 207 19.18 -12.88 -49.15
CA TRP D 207 17.78 -13.25 -48.93
C TRP D 207 16.93 -12.18 -48.25
N ALA D 208 17.55 -11.28 -47.50
CA ALA D 208 16.74 -10.23 -46.86
C ALA D 208 16.07 -9.36 -47.93
N GLU D 209 16.75 -9.14 -49.05
CA GLU D 209 16.21 -8.29 -50.11
C GLU D 209 14.95 -8.89 -50.71
N LYS D 210 14.75 -10.19 -50.55
CA LYS D 210 13.53 -10.85 -51.02
C LYS D 210 12.24 -10.66 -50.18
N CYS D 211 12.40 -10.24 -48.92
CA CYS D 211 11.28 -9.92 -48.02
C CYS D 211 10.49 -8.65 -48.44
N THR D 212 9.18 -8.74 -48.48
CA THR D 212 8.36 -7.66 -49.00
C THR D 212 7.44 -7.13 -47.91
N GLY D 213 7.40 -7.81 -46.79
CA GLY D 213 6.74 -7.24 -45.62
C GLY D 213 7.21 -5.81 -45.35
N VAL D 214 6.30 -5.02 -44.80
CA VAL D 214 6.61 -3.68 -44.36
C VAL D 214 7.41 -3.76 -43.07
N HIS D 215 8.62 -3.22 -43.13
CA HIS D 215 9.64 -3.40 -42.10
C HIS D 215 9.77 -2.17 -41.21
N SER D 216 10.51 -2.30 -40.10
CA SER D 216 10.87 -1.19 -39.21
C SER D 216 11.57 -0.07 -39.94
N GLU D 217 11.63 1.10 -39.33
CA GLU D 217 12.30 2.22 -39.97
C GLU D 217 13.64 2.55 -39.32
N PRO D 218 14.69 2.71 -40.13
CA PRO D 218 16.05 2.96 -39.62
C PRO D 218 16.18 3.95 -38.45
N TYR D 219 15.49 5.09 -38.49
CA TYR D 219 15.53 6.06 -37.40
C TYR D 219 15.17 5.40 -36.08
N PHE D 220 14.10 4.61 -36.06
CA PHE D 220 13.59 4.06 -34.81
C PHE D 220 14.42 2.90 -34.28
N ILE D 221 15.08 2.20 -35.18
CA ILE D 221 16.06 1.19 -34.81
C ILE D 221 17.34 1.85 -34.30
N GLU D 222 17.77 2.94 -34.94
CA GLU D 222 18.96 3.64 -34.47
C GLU D 222 18.59 4.24 -33.12
N GLU D 223 17.32 4.60 -32.95
CA GLU D 223 16.90 5.29 -31.77
C GLU D 223 16.96 4.36 -30.61
N ARG D 224 16.33 3.20 -30.80
CA ARG D 224 16.35 2.11 -29.84
C ARG D 224 17.76 1.70 -29.41
N ILE D 225 18.71 1.60 -30.36
CA ILE D 225 20.10 1.26 -30.03
C ILE D 225 20.68 2.32 -29.09
N LYS D 226 20.55 3.59 -29.47
CA LYS D 226 21.01 4.71 -28.64
C LYS D 226 20.38 4.59 -27.25
N GLN D 227 19.17 4.05 -27.18
CA GLN D 227 18.41 3.95 -25.93
C GLN D 227 18.92 2.85 -25.02
N TYR D 228 19.29 1.71 -25.61
CA TYR D 228 19.94 0.61 -24.91
C TYR D 228 21.18 1.12 -24.19
N PHE D 229 21.92 2.03 -24.81
CA PHE D 229 23.19 2.44 -24.21
C PHE D 229 23.11 3.56 -23.18
N SER D 230 21.93 3.82 -22.63
CA SER D 230 21.79 4.80 -21.54
C SER D 230 20.90 4.32 -20.37
N LYS D 231 20.37 3.11 -20.47
CA LYS D 231 19.42 2.51 -19.49
C LYS D 231 18.52 3.55 -18.76
N GLY E 22 76.30 19.16 -12.03
CA GLY E 22 77.20 18.09 -11.51
C GLY E 22 76.49 16.97 -10.74
N HIS E 23 77.27 16.26 -9.89
CA HIS E 23 76.87 14.99 -9.27
C HIS E 23 77.44 14.92 -7.81
N ASN E 24 76.70 14.38 -6.84
CA ASN E 24 77.36 14.02 -5.55
C ASN E 24 78.25 12.74 -5.61
N LYS E 25 77.76 11.64 -5.02
CA LYS E 25 78.55 10.41 -4.78
C LYS E 25 78.06 9.22 -5.62
N LYS E 26 78.74 8.07 -5.48
CA LYS E 26 78.25 6.81 -6.08
C LYS E 26 76.79 6.53 -5.66
N PHE E 27 75.90 6.38 -6.64
CA PHE E 27 74.49 6.14 -6.35
C PHE E 27 74.22 5.04 -5.31
N ASP E 28 73.08 5.15 -4.60
CA ASP E 28 72.64 4.20 -3.56
C ASP E 28 71.19 4.48 -3.11
N ARG E 29 70.26 3.60 -3.42
CA ARG E 29 68.84 3.90 -3.21
C ARG E 29 68.46 4.02 -1.73
N SER E 30 69.10 3.21 -0.88
CA SER E 30 68.72 3.13 0.55
C SER E 30 68.91 4.47 1.27
N GLU E 31 69.98 5.14 0.92
CA GLU E 31 70.30 6.51 1.25
C GLU E 31 69.12 7.52 1.09
N HIS E 32 68.20 7.19 0.20
CA HIS E 32 67.12 8.09 -0.18
C HIS E 32 65.80 7.72 0.47
N VAL E 33 65.78 6.61 1.24
CA VAL E 33 64.51 6.03 1.72
C VAL E 33 64.16 6.51 3.12
N TYR E 34 62.99 7.08 3.32
CA TYR E 34 62.59 7.55 4.66
C TYR E 34 61.67 6.54 5.33
N ARG E 35 62.06 6.03 6.49
CA ARG E 35 61.19 5.16 7.25
C ARG E 35 61.11 5.66 8.69
N ASN E 36 59.89 5.88 9.16
CA ASN E 36 59.70 6.17 10.57
C ASN E 36 58.47 5.46 11.07
N ASP E 37 58.65 4.37 11.79
CA ASP E 37 57.51 3.55 12.17
C ASP E 37 56.47 4.29 12.96
N SER E 38 56.84 5.35 13.64
CA SER E 38 55.88 5.98 14.51
C SER E 38 54.82 6.65 13.69
N PHE E 39 55.10 6.82 12.39
CA PHE E 39 54.14 7.46 11.52
C PHE E 39 52.81 6.71 11.47
N LEU E 40 52.88 5.38 11.54
CA LEU E 40 51.65 4.61 11.56
C LEU E 40 50.77 4.93 12.75
N GLU E 41 51.35 5.24 13.91
CA GLU E 41 50.57 5.54 15.08
C GLU E 41 49.93 6.93 15.02
N LEU E 42 50.67 7.87 14.44
CA LEU E 42 50.20 9.25 14.27
C LEU E 42 49.05 9.34 13.26
N ILE E 43 49.09 8.52 12.22
CA ILE E 43 48.03 8.57 11.21
C ILE E 43 46.82 7.75 11.64
N LYS E 44 47.05 6.63 12.34
CA LYS E 44 46.00 5.99 13.13
C LYS E 44 45.24 7.00 14.03
N ASP E 45 45.96 7.93 14.65
CA ASP E 45 45.35 8.94 15.50
C ASP E 45 44.55 10.01 14.72
N ALA E 46 45.06 10.44 13.57
CA ALA E 46 44.32 11.44 12.83
C ALA E 46 43.04 10.81 12.35
N VAL E 47 43.12 9.62 11.77
CA VAL E 47 41.94 8.91 11.27
C VAL E 47 40.90 8.57 12.37
N ARG E 48 41.35 8.25 13.58
CA ARG E 48 40.47 7.99 14.73
C ARG E 48 39.67 9.21 15.07
N PHE E 49 40.38 10.33 15.10
CA PHE E 49 39.86 11.60 15.50
C PHE E 49 38.82 12.00 14.48
N PHE E 50 39.18 11.89 13.21
CA PHE E 50 38.21 12.17 12.16
C PHE E 50 36.91 11.41 12.37
N SER E 51 37.03 10.10 12.48
CA SER E 51 35.90 9.21 12.54
C SER E 51 34.94 9.49 13.67
N GLY E 52 35.40 10.23 14.69
CA GLY E 52 34.59 10.53 15.86
C GLY E 52 34.12 11.96 15.98
N THR E 53 34.36 12.79 14.96
CA THR E 53 33.85 14.15 14.95
C THR E 53 32.34 14.13 14.66
N PRO E 54 31.57 15.12 15.16
CA PRO E 54 30.10 15.04 15.04
C PRO E 54 29.66 15.06 13.58
N VAL E 55 28.56 14.38 13.27
CA VAL E 55 28.13 14.26 11.88
C VAL E 55 27.01 15.25 11.68
N HIS E 56 27.20 16.15 10.71
CA HIS E 56 26.19 17.18 10.40
C HIS E 56 25.62 16.97 9.04
N SER E 57 24.41 17.48 8.80
CA SER E 57 23.83 17.37 7.46
C SER E 57 24.70 18.15 6.47
N LEU E 58 24.37 18.05 5.18
CA LEU E 58 25.19 18.69 4.16
C LEU E 58 24.45 19.83 3.47
N PRO E 59 24.87 21.10 3.69
CA PRO E 59 25.95 21.57 4.54
C PRO E 59 25.59 21.64 6.03
N PRO E 60 26.61 21.84 6.88
CA PRO E 60 26.45 21.96 8.34
C PRO E 60 25.57 23.16 8.66
N PRO E 61 24.87 23.12 9.82
CA PRO E 61 23.94 24.18 10.20
C PRO E 61 24.57 25.56 10.17
N GLU E 62 25.81 25.69 10.60
CA GLU E 62 26.44 27.00 10.60
C GLU E 62 27.67 27.05 9.76
N ARG E 63 28.11 28.29 9.47
CA ARG E 63 29.41 28.55 8.87
C ARG E 63 30.49 28.71 9.93
N PHE E 64 31.74 28.63 9.52
CA PHE E 64 32.87 28.53 10.43
C PHE E 64 34.15 28.73 9.64
N GLN E 65 35.14 29.31 10.27
CA GLN E 65 36.38 29.57 9.60
C GLN E 65 37.27 28.37 9.66
N GLY E 66 38.24 28.26 8.76
CA GLY E 66 39.31 27.30 8.91
C GLY E 66 39.42 26.44 7.69
N ALA E 67 40.51 25.71 7.60
CA ALA E 67 40.78 24.82 6.48
C ALA E 67 40.94 23.40 6.98
N GLY E 68 40.73 22.41 6.09
CA GLY E 68 41.04 21.03 6.44
C GLY E 68 40.48 20.00 5.49
N VAL E 69 39.92 18.95 6.07
CA VAL E 69 39.52 17.75 5.35
C VAL E 69 38.04 17.47 5.61
N PHE E 70 37.37 16.73 4.73
CA PHE E 70 35.97 16.38 4.97
C PHE E 70 35.57 15.08 4.29
N ALA E 71 34.39 14.59 4.67
CA ALA E 71 33.85 13.38 4.10
C ALA E 71 32.34 13.55 3.96
N LEU E 72 31.82 13.07 2.83
CA LEU E 72 30.40 13.04 2.56
C LEU E 72 29.83 11.64 2.75
N TYR E 73 28.66 11.55 3.39
CA TYR E 73 27.99 10.25 3.54
C TYR E 73 26.66 10.24 2.84
N TYR E 74 26.23 9.09 2.35
CA TYR E 74 24.95 8.97 1.68
C TYR E 74 24.14 7.92 2.38
N THR E 75 22.87 8.23 2.58
CA THR E 75 21.96 7.30 3.23
C THR E 75 20.71 7.10 2.40
N GLY E 76 20.68 7.67 1.19
CA GLY E 76 19.50 7.63 0.35
C GLY E 76 19.20 6.27 -0.28
N HIS E 77 18.31 6.30 -1.27
CA HIS E 77 17.81 5.10 -1.93
C HIS E 77 17.91 5.22 -3.46
N TYR E 78 18.68 6.17 -3.97
CA TYR E 78 18.92 6.19 -5.41
C TYR E 78 19.38 4.79 -5.86
N SER E 79 18.70 4.23 -6.85
CA SER E 79 18.88 2.82 -7.16
C SER E 79 20.34 2.38 -7.12
N LEU E 80 21.19 2.97 -7.94
CA LEU E 80 22.60 2.56 -7.94
C LEU E 80 23.31 2.57 -6.54
N TYR E 81 22.83 3.38 -5.61
CA TYR E 81 23.54 3.69 -4.37
C TYR E 81 22.81 3.11 -3.19
N ASP E 82 21.88 2.23 -3.47
CA ASP E 82 21.05 1.69 -2.43
C ASP E 82 21.84 1.01 -1.30
N GLU E 83 22.88 0.29 -1.67
CA GLU E 83 23.68 -0.39 -0.66
C GLU E 83 24.01 0.49 0.55
N TYR E 84 24.19 1.80 0.31
CA TYR E 84 24.67 2.72 1.35
C TYR E 84 23.71 2.86 2.52
N SER E 85 22.42 3.00 2.23
CA SER E 85 21.38 3.04 3.27
C SER E 85 21.46 1.80 4.14
N ARG E 86 22.03 0.73 3.59
CA ARG E 86 22.34 -0.48 4.35
C ARG E 86 23.67 -0.33 5.13
N ILE E 87 24.76 -0.03 4.44
CA ILE E 87 26.04 0.16 5.13
C ILE E 87 25.91 1.23 6.21
N ASN E 88 25.40 2.40 5.86
CA ASN E 88 25.22 3.47 6.84
C ASN E 88 23.90 3.42 7.66
N ARG E 89 23.19 2.29 7.60
CA ARG E 89 21.97 2.09 8.39
C ARG E 89 22.08 2.53 9.87
N LYS E 90 23.12 2.06 10.55
CA LYS E 90 23.27 2.24 12.01
C LYS E 90 24.26 3.36 12.41
N ALA E 91 25.14 3.72 11.49
CA ALA E 91 26.21 4.67 11.75
C ALA E 91 26.71 5.27 10.43
N TYR E 92 27.44 6.37 10.53
CA TYR E 92 28.04 6.93 9.36
C TYR E 92 29.37 6.25 9.08
N ASN E 93 29.28 5.05 8.52
CA ASN E 93 30.43 4.18 8.32
C ASN E 93 31.21 4.48 7.06
N LEU E 94 30.60 4.28 5.89
CA LEU E 94 31.32 4.44 4.62
C LEU E 94 31.09 5.79 3.94
N PRO E 95 32.13 6.65 3.81
CA PRO E 95 31.97 7.85 2.96
C PRO E 95 31.88 7.51 1.47
N ILE E 96 31.22 8.38 0.70
CA ILE E 96 31.04 8.22 -0.71
C ILE E 96 32.05 9.12 -1.39
N TYR E 97 32.60 10.05 -0.61
CA TYR E 97 33.50 11.06 -1.15
C TYR E 97 34.34 11.69 -0.04
N VAL E 98 35.62 11.98 -0.35
CA VAL E 98 36.53 12.63 0.58
C VAL E 98 37.37 13.69 -0.15
N GLY E 99 37.53 14.86 0.43
CA GLY E 99 38.19 15.98 -0.21
C GLY E 99 38.79 16.89 0.84
N LYS E 100 39.25 18.05 0.43
CA LYS E 100 39.96 18.91 1.34
C LYS E 100 39.85 20.32 0.87
N ALA E 101 40.28 21.24 1.72
CA ALA E 101 40.45 22.64 1.34
C ALA E 101 41.68 23.21 2.06
N VAL E 102 42.70 23.55 1.28
CA VAL E 102 43.95 24.10 1.81
C VAL E 102 43.76 25.59 2.18
N PRO E 103 44.51 26.13 3.15
CA PRO E 103 44.29 27.59 3.42
C PRO E 103 44.85 28.58 2.38
N ALA E 104 44.30 29.79 2.37
CA ALA E 104 44.90 31.05 1.79
C ALA E 104 46.09 30.88 0.86
N GLY E 105 47.27 31.31 1.35
CA GLY E 105 48.56 31.33 0.61
C GLY E 105 48.83 30.29 -0.49
N TRP E 106 49.19 29.06 -0.12
CA TRP E 106 49.52 28.67 1.26
C TRP E 106 51.00 28.93 1.45
N ARG E 107 51.72 28.93 0.33
CA ARG E 107 53.06 29.49 0.23
C ARG E 107 52.93 30.92 0.74
N GLN E 108 53.27 31.15 2.02
CA GLN E 108 52.90 32.38 2.74
C GLN E 108 53.13 33.68 1.93
N SER E 109 52.13 34.06 1.11
CA SER E 109 52.13 35.30 0.29
C SER E 109 52.04 36.60 1.14
N ARG E 110 52.47 37.76 0.60
CA ARG E 110 52.44 39.04 1.37
C ARG E 110 50.99 39.48 1.74
N ILE E 111 50.83 40.54 2.55
CA ILE E 111 49.49 40.90 3.08
C ILE E 111 49.11 42.39 3.04
N SER E 112 47.80 42.66 3.15
CA SER E 112 47.18 44.02 2.97
C SER E 112 47.55 45.12 4.01
N ASP E 113 46.60 46.02 4.29
CA ASP E 113 46.80 47.12 5.27
C ASP E 113 47.04 46.64 6.73
N HIS E 114 46.31 45.59 7.13
CA HIS E 114 46.60 44.84 8.37
C HIS E 114 46.63 43.33 8.03
N GLU E 115 47.64 42.62 8.55
CA GLU E 115 47.96 41.23 8.16
C GLU E 115 46.82 40.19 8.38
N THR E 116 45.75 40.60 9.09
CA THR E 116 44.57 39.77 9.42
C THR E 116 43.90 39.08 8.20
N ARG E 117 44.13 37.77 8.09
CA ARG E 117 43.74 37.00 6.88
C ARG E 117 43.30 35.54 7.15
N ALA E 118 42.53 35.35 8.23
CA ALA E 118 41.94 34.04 8.57
C ALA E 118 40.63 33.82 7.80
N GLY E 119 40.58 32.81 6.94
CA GLY E 119 39.42 32.58 6.09
C GLY E 119 38.62 31.33 6.39
N SER E 120 37.63 31.05 5.56
CA SER E 120 36.81 29.89 5.83
C SER E 120 36.61 29.04 4.60
N GLU E 121 37.73 28.52 4.12
CA GLU E 121 37.76 27.82 2.85
C GLU E 121 37.16 26.40 2.89
N LEU E 122 37.27 25.71 4.04
CA LEU E 122 36.70 24.37 4.15
C LEU E 122 35.18 24.44 4.18
N SER E 123 34.65 25.32 5.05
CA SER E 123 33.22 25.57 5.17
C SER E 123 32.67 25.88 3.80
N ASN E 124 33.27 26.85 3.11
CA ASN E 124 32.84 27.21 1.76
C ASN E 124 32.87 26.05 0.81
N ARG E 125 34.02 25.40 0.68
CA ARG E 125 34.15 24.34 -0.29
C ARG E 125 33.11 23.21 -0.10
N ILE E 126 32.86 22.86 1.17
CA ILE E 126 31.77 21.91 1.50
C ILE E 126 30.42 22.37 0.91
N ARG E 127 30.07 23.64 1.14
CA ARG E 127 28.80 24.17 0.61
C ARG E 127 28.74 24.07 -0.95
N GLU E 128 29.84 24.40 -1.62
CA GLU E 128 29.95 24.18 -3.08
C GLU E 128 29.53 22.75 -3.40
N HIS E 129 30.01 21.80 -2.63
CA HIS E 129 29.58 20.43 -2.89
C HIS E 129 28.10 20.18 -2.71
N GLY E 130 27.51 20.77 -1.68
CA GLY E 130 26.05 20.70 -1.46
C GLY E 130 25.28 21.16 -2.68
N ARG E 131 25.59 22.37 -3.11
CA ARG E 131 24.94 22.98 -4.25
C ARG E 131 24.96 22.10 -5.50
N ASN E 132 26.13 21.58 -5.86
CA ASN E 132 26.25 20.73 -7.01
C ASN E 132 25.36 19.52 -6.87
N ILE E 133 25.19 19.03 -5.67
CA ILE E 133 24.33 17.90 -5.53
C ILE E 133 22.91 18.38 -5.72
N ALA E 134 22.61 19.60 -5.27
CA ALA E 134 21.23 20.12 -5.33
C ALA E 134 20.79 20.25 -6.80
N LYS E 135 21.75 20.58 -7.65
CA LYS E 135 21.56 20.71 -9.10
C LYS E 135 21.31 19.40 -9.86
N THR E 136 21.63 18.24 -9.28
CA THR E 136 21.36 16.98 -9.98
C THR E 136 19.87 16.79 -9.95
N SER E 137 19.37 15.95 -10.84
CA SER E 137 17.94 15.67 -10.77
C SER E 137 17.67 14.41 -9.95
N ASN E 138 18.65 13.53 -9.84
CA ASN E 138 18.38 12.22 -9.27
C ASN E 138 18.88 11.98 -7.85
N LEU E 139 19.64 12.92 -7.29
CA LEU E 139 20.06 12.84 -5.89
C LEU E 139 19.36 13.93 -5.10
N ASP E 140 19.04 13.66 -3.84
CA ASP E 140 18.35 14.60 -2.94
C ASP E 140 19.26 14.90 -1.74
N LEU E 141 19.64 16.17 -1.61
CA LEU E 141 20.68 16.58 -0.66
C LEU E 141 20.43 16.09 0.75
N CYS E 142 19.18 16.10 1.18
CA CYS E 142 18.81 15.64 2.50
C CYS E 142 19.33 14.26 2.81
N ASP E 143 19.68 13.48 1.78
CA ASP E 143 20.22 12.13 1.96
C ASP E 143 21.72 12.13 2.22
N PHE E 144 22.30 13.32 2.31
CA PHE E 144 23.72 13.46 2.50
C PHE E 144 24.07 14.04 3.84
N SER E 145 25.17 13.53 4.41
CA SER E 145 25.73 14.08 5.62
C SER E 145 27.23 14.27 5.45
N CYS E 146 27.86 15.02 6.35
CA CYS E 146 29.30 15.19 6.31
C CYS E 146 29.93 15.12 7.68
N ARG E 147 31.21 14.79 7.66
CA ARG E 147 32.11 14.96 8.78
C ARG E 147 33.19 15.86 8.22
N PHE E 148 33.76 16.71 9.06
CA PHE E 148 34.92 17.51 8.64
C PHE E 148 35.83 17.71 9.83
N VAL E 149 37.12 17.91 9.57
CA VAL E 149 38.09 18.31 10.57
C VAL E 149 38.84 19.52 10.11
N ILE E 150 39.06 20.43 11.05
CA ILE E 150 39.84 21.63 10.84
C ILE E 150 41.25 21.46 11.38
N PHE E 151 42.24 21.84 10.57
CA PHE E 151 43.64 21.92 11.00
C PHE E 151 44.07 23.39 11.11
N GLU E 152 44.27 23.86 12.34
CA GLU E 152 44.72 25.24 12.57
C GLU E 152 46.04 25.47 11.88
N ALA E 153 46.34 26.75 11.65
CA ALA E 153 47.64 27.18 11.13
C ALA E 153 48.81 26.35 11.71
N THR E 154 49.81 26.03 10.91
CA THR E 154 50.92 25.12 11.33
C THR E 154 50.52 23.68 11.35
N GLY E 155 49.22 23.40 11.36
CA GLY E 155 48.75 22.03 11.19
C GLY E 155 48.46 21.80 9.72
N SER E 156 48.35 22.90 8.98
CA SER E 156 47.89 22.82 7.63
C SER E 156 48.72 21.82 6.79
N ASP E 157 50.04 21.78 6.97
CA ASP E 157 50.82 20.82 6.22
C ASP E 157 50.09 19.40 6.19
N MET E 158 49.60 18.98 7.36
CA MET E 158 48.91 17.68 7.52
C MET E 158 47.63 17.40 6.67
N ILE E 159 46.94 18.44 6.20
CA ILE E 159 45.67 18.27 5.53
C ILE E 159 45.82 17.24 4.44
N SER E 160 46.74 17.48 3.51
CA SER E 160 47.03 16.52 2.44
C SER E 160 47.20 15.07 2.86
N THR E 161 47.80 14.87 4.02
CA THR E 161 48.15 13.50 4.34
C THR E 161 47.02 12.70 5.05
N VAL E 162 46.29 13.36 5.94
CA VAL E 162 45.03 12.80 6.40
C VAL E 162 44.08 12.55 5.22
N GLU E 163 43.86 13.53 4.34
CA GLU E 163 43.00 13.25 3.18
C GLU E 163 43.48 11.97 2.51
N ALA E 164 44.78 11.88 2.23
CA ALA E 164 45.29 10.74 1.48
C ALA E 164 45.08 9.45 2.26
N ALA E 165 45.26 9.48 3.57
CA ALA E 165 44.90 8.29 4.36
C ALA E 165 43.43 7.88 4.19
N LEU E 166 42.50 8.85 4.30
CA LEU E 166 41.08 8.52 4.22
C LEU E 166 40.72 7.89 2.88
N ILE E 167 41.29 8.42 1.80
CA ILE E 167 40.91 7.90 0.51
C ILE E 167 41.41 6.50 0.49
N LYS E 168 42.55 6.25 1.10
CA LYS E 168 43.13 4.94 0.99
C LYS E 168 42.39 3.95 1.87
N ILE E 169 41.90 4.43 2.99
CA ILE E 169 41.19 3.53 3.88
C ILE E 169 39.82 3.17 3.29
N TYR E 170 39.04 4.15 2.83
CA TYR E 170 37.63 3.93 2.56
C TYR E 170 37.38 3.74 1.08
N LYS E 171 38.36 4.14 0.27
CA LYS E 171 38.26 4.09 -1.21
C LYS E 171 36.93 4.58 -1.71
N PRO E 172 36.63 5.85 -1.45
CA PRO E 172 35.20 6.17 -1.63
C PRO E 172 34.83 6.17 -3.11
N LEU E 173 33.54 5.97 -3.39
CA LEU E 173 33.06 5.75 -4.74
C LEU E 173 33.36 6.95 -5.64
N TRP E 174 33.10 8.14 -5.15
CA TRP E 174 33.28 9.34 -5.98
C TRP E 174 34.71 9.78 -6.05
N ASN E 175 35.59 9.01 -5.45
CA ASN E 175 36.98 9.28 -5.61
C ASN E 175 37.58 8.22 -6.51
N THR E 176 36.96 7.06 -6.62
CA THR E 176 37.73 6.03 -7.24
C THR E 176 37.06 5.38 -8.42
N VAL E 177 35.76 5.46 -8.51
CA VAL E 177 35.08 4.74 -9.57
C VAL E 177 34.29 5.72 -10.44
N VAL E 178 33.56 6.63 -9.78
CA VAL E 178 32.75 7.64 -10.45
C VAL E 178 33.36 9.06 -10.30
N ASP E 179 34.53 9.25 -10.92
CA ASP E 179 35.29 10.51 -10.98
C ASP E 179 34.50 11.68 -11.43
N GLY E 180 34.95 12.87 -11.01
CA GLY E 180 34.41 14.11 -11.54
C GLY E 180 33.72 15.04 -10.57
N PHE E 181 33.25 14.51 -9.44
CA PHE E 181 32.57 15.39 -8.48
C PHE E 181 33.45 16.56 -8.00
N GLY E 182 34.75 16.32 -7.81
CA GLY E 182 35.66 17.40 -7.43
C GLY E 182 36.10 18.35 -8.53
N ASN E 183 35.57 18.21 -9.74
CA ASN E 183 35.90 19.15 -10.81
C ASN E 183 35.39 20.53 -10.45
N HIS E 184 36.27 21.51 -10.52
CA HIS E 184 35.80 22.85 -10.65
C HIS E 184 35.50 23.01 -12.12
N THR E 185 34.59 23.92 -12.43
CA THR E 185 34.33 24.29 -13.81
C THR E 185 35.65 24.43 -14.62
N PRO E 186 35.82 23.59 -15.66
CA PRO E 186 37.09 23.48 -16.40
C PRO E 186 37.37 24.77 -17.20
N GLY E 187 36.31 25.43 -17.60
CA GLY E 187 36.37 26.76 -18.16
C GLY E 187 36.58 26.70 -19.63
N ALA E 188 36.54 27.87 -20.27
CA ALA E 188 36.89 27.93 -21.70
C ALA E 188 38.35 27.52 -21.75
N GLY E 189 38.89 27.32 -22.93
CA GLY E 189 40.23 26.74 -22.89
C GLY E 189 40.23 25.23 -22.68
N ARG E 190 39.22 24.70 -22.01
CA ARG E 190 39.11 23.24 -21.87
C ARG E 190 37.81 22.66 -22.49
N PHE E 191 37.09 23.48 -23.27
CA PHE E 191 35.73 23.16 -23.74
C PHE E 191 35.61 21.88 -24.58
N ALA E 192 36.77 21.41 -25.07
CA ALA E 192 36.83 20.26 -25.94
C ALA E 192 37.02 18.97 -25.16
N GLN E 193 37.09 19.09 -23.85
CA GLN E 193 37.19 17.88 -23.06
C GLN E 193 35.85 17.22 -22.86
N ALA E 194 35.93 15.95 -22.46
CA ALA E 194 34.79 15.10 -22.20
C ALA E 194 34.14 15.50 -20.91
N LYS E 195 32.88 15.18 -20.66
CA LYS E 195 32.39 15.37 -19.32
C LYS E 195 32.82 14.22 -18.42
N SER E 196 32.69 14.42 -17.11
CA SER E 196 33.14 13.41 -16.17
C SER E 196 32.06 12.35 -16.05
N ASP E 197 32.44 11.16 -15.56
CA ASP E 197 31.53 10.04 -15.39
C ASP E 197 30.45 10.47 -14.38
N TRP E 198 30.86 11.15 -13.31
CA TRP E 198 29.93 11.66 -12.28
C TRP E 198 28.88 12.47 -12.99
N ASP E 199 29.31 13.38 -13.86
CA ASP E 199 28.37 14.23 -14.56
C ASP E 199 27.46 13.48 -15.46
N VAL E 200 27.98 12.48 -16.15
CA VAL E 200 27.11 11.71 -17.04
C VAL E 200 25.93 11.06 -16.27
N ILE E 201 26.15 10.51 -15.08
CA ILE E 201 25.03 9.89 -14.38
C ILE E 201 24.35 10.82 -13.36
N HIS E 202 24.92 11.99 -13.13
CA HIS E 202 24.29 12.95 -12.22
C HIS E 202 24.21 14.32 -12.89
N PRO E 203 23.61 14.38 -14.08
CA PRO E 203 23.48 15.72 -14.65
C PRO E 203 22.49 16.50 -13.78
N GLY E 204 22.62 17.82 -13.69
CA GLY E 204 23.47 18.60 -14.53
C GLY E 204 23.99 19.88 -13.89
N ARG E 205 25.28 19.85 -13.60
CA ARG E 205 26.04 21.08 -13.44
C ARG E 205 25.99 21.64 -14.82
N GLU E 206 25.74 22.95 -14.89
CA GLU E 206 25.50 23.61 -16.16
C GLU E 206 26.69 23.49 -17.08
N TRP E 207 27.89 23.57 -16.50
CA TRP E 207 29.13 23.50 -17.29
C TRP E 207 29.52 22.14 -17.89
N ALA E 208 29.00 21.04 -17.38
CA ALA E 208 29.19 19.76 -18.06
C ALA E 208 28.54 19.73 -19.45
N GLU E 209 27.40 20.40 -19.63
CA GLU E 209 26.79 20.46 -20.95
C GLU E 209 27.67 21.20 -21.95
N LYS E 210 28.47 22.14 -21.46
CA LYS E 210 29.35 22.91 -22.32
C LYS E 210 30.64 22.10 -22.64
N CYS E 211 30.70 20.86 -22.14
CA CYS E 211 31.80 19.95 -22.41
C CYS E 211 31.48 19.02 -23.57
N THR E 212 32.32 18.99 -24.60
CA THR E 212 31.89 18.37 -25.84
C THR E 212 32.70 17.16 -26.37
N GLY E 213 33.72 16.74 -25.61
CA GLY E 213 34.48 15.53 -25.91
C GLY E 213 33.60 14.32 -25.75
N VAL E 214 34.10 13.17 -26.17
CA VAL E 214 33.35 11.93 -26.10
C VAL E 214 33.52 11.40 -24.69
N HIS E 215 32.42 11.28 -23.97
CA HIS E 215 32.44 10.82 -22.57
C HIS E 215 32.08 9.33 -22.44
N SER E 216 32.18 8.79 -21.24
CA SER E 216 31.64 7.46 -20.94
C SER E 216 30.13 7.39 -21.12
N GLU E 217 29.65 6.24 -21.57
CA GLU E 217 28.19 5.96 -21.60
C GLU E 217 27.79 5.32 -20.27
N PRO E 218 26.53 5.51 -19.88
CA PRO E 218 26.03 5.01 -18.59
C PRO E 218 26.26 3.51 -18.27
N TYR E 219 25.91 2.60 -19.17
CA TYR E 219 26.29 1.19 -19.01
C TYR E 219 27.63 0.93 -18.27
N PHE E 220 28.72 1.49 -18.81
CA PHE E 220 30.07 1.26 -18.32
C PHE E 220 30.23 1.71 -16.88
N ILE E 221 29.83 2.94 -16.62
CA ILE E 221 29.88 3.48 -15.26
C ILE E 221 29.05 2.58 -14.37
N GLU E 222 27.82 2.31 -14.81
CA GLU E 222 26.89 1.57 -13.98
C GLU E 222 27.35 0.16 -13.61
N GLU E 223 28.06 -0.51 -14.51
CA GLU E 223 28.75 -1.76 -14.17
C GLU E 223 29.91 -1.60 -13.19
N ARG E 224 30.64 -0.51 -13.28
CA ARG E 224 31.73 -0.30 -12.36
C ARG E 224 31.24 -0.06 -10.94
N ILE E 225 30.17 0.75 -10.80
CA ILE E 225 29.44 0.84 -9.53
C ILE E 225 29.09 -0.58 -9.06
N LYS E 226 28.19 -1.26 -9.77
CA LYS E 226 27.80 -2.63 -9.40
C LYS E 226 29.01 -3.39 -8.81
N GLN E 227 30.13 -3.35 -9.52
CA GLN E 227 31.36 -4.05 -9.14
C GLN E 227 31.81 -3.62 -7.77
N TYR E 228 31.76 -2.32 -7.51
CA TYR E 228 32.23 -1.76 -6.25
C TYR E 228 31.51 -2.40 -5.06
N PHE E 229 30.22 -2.67 -5.25
CA PHE E 229 29.39 -3.25 -4.19
C PHE E 229 29.25 -4.79 -4.29
N SER E 230 28.86 -5.27 -5.48
CA SER E 230 28.53 -6.69 -5.66
C SER E 230 29.77 -7.43 -6.12
N HIS F 23 22.80 15.00 10.48
CA HIS F 23 22.85 15.75 11.80
C HIS F 23 23.20 14.85 13.03
N ASN F 24 23.56 15.52 14.12
CA ASN F 24 23.88 14.88 15.42
C ASN F 24 23.22 15.64 16.60
N LYS F 25 23.93 16.63 17.15
CA LYS F 25 23.47 17.48 18.29
C LYS F 25 23.83 18.97 18.04
N LYS F 26 23.92 19.77 19.11
CA LYS F 26 24.34 21.18 18.99
C LYS F 26 25.70 21.33 18.24
N PHE F 27 25.81 22.31 17.34
CA PHE F 27 27.08 22.62 16.64
C PHE F 27 28.15 23.16 17.60
N ASP F 28 29.42 22.85 17.30
CA ASP F 28 30.55 23.23 18.14
C ASP F 28 31.83 23.04 17.35
N ARG F 29 32.33 24.15 16.83
CA ARG F 29 33.51 24.17 15.99
C ARG F 29 34.71 23.56 16.71
N SER F 30 34.83 23.85 17.99
CA SER F 30 35.92 23.27 18.78
C SER F 30 36.08 21.73 18.67
N GLU F 31 34.96 21.00 18.63
CA GLU F 31 35.01 19.55 18.49
C GLU F 31 35.62 18.96 17.18
N HIS F 32 35.82 19.83 16.19
CA HIS F 32 36.25 19.41 14.89
C HIS F 32 37.71 19.79 14.70
N VAL F 33 38.30 20.45 15.70
CA VAL F 33 39.66 20.95 15.55
C VAL F 33 40.63 19.88 16.02
N TYR F 34 41.72 19.69 15.28
CA TYR F 34 42.64 18.62 15.53
C TYR F 34 44.07 19.11 15.44
N ARG F 35 44.80 18.98 16.56
CA ARG F 35 46.24 19.22 16.54
C ARG F 35 46.98 18.03 17.01
N ASN F 36 48.19 17.85 16.47
CA ASN F 36 49.10 16.80 16.87
C ASN F 36 50.51 17.31 16.76
N ASP F 37 51.08 17.76 17.86
CA ASP F 37 52.42 18.35 17.76
C ASP F 37 53.45 17.33 17.35
N SER F 38 53.23 16.07 17.72
CA SER F 38 54.11 15.00 17.34
C SER F 38 54.06 14.80 15.85
N PHE F 39 52.89 14.98 15.26
CA PHE F 39 52.79 14.88 13.81
C PHE F 39 53.57 16.05 13.16
N LEU F 40 53.50 17.24 13.74
CA LEU F 40 54.27 18.35 13.20
C LEU F 40 55.76 18.07 13.17
N GLU F 41 56.29 17.47 14.23
CA GLU F 41 57.70 17.07 14.29
C GLU F 41 58.13 15.96 13.30
N LEU F 42 57.32 14.91 13.16
CA LEU F 42 57.55 13.86 12.15
C LEU F 42 57.80 14.48 10.80
N ILE F 43 56.93 15.41 10.42
CA ILE F 43 57.11 16.15 9.20
C ILE F 43 58.45 16.91 9.19
N LYS F 44 58.76 17.66 10.26
CA LYS F 44 60.04 18.37 10.36
C LYS F 44 61.25 17.46 10.09
N ASP F 45 61.13 16.20 10.50
CA ASP F 45 62.17 15.21 10.33
C ASP F 45 62.35 14.72 8.86
N ALA F 46 61.24 14.52 8.14
CA ALA F 46 61.33 14.11 6.76
C ALA F 46 61.97 15.24 5.97
N VAL F 47 61.59 16.47 6.31
CA VAL F 47 62.15 17.64 5.63
C VAL F 47 63.65 17.82 5.91
N ARG F 48 64.06 17.69 7.18
CA ARG F 48 65.47 17.74 7.47
C ARG F 48 66.20 16.52 6.81
N PHE F 49 65.58 15.35 6.89
CA PHE F 49 66.15 14.20 6.17
C PHE F 49 66.38 14.53 4.66
N PHE F 50 65.36 15.08 4.02
CA PHE F 50 65.45 15.40 2.61
C PHE F 50 66.69 16.19 2.31
N SER F 51 66.86 17.30 3.03
CA SER F 51 68.02 18.20 2.91
C SER F 51 69.38 17.57 2.89
N GLY F 52 69.46 16.38 3.49
CA GLY F 52 70.72 15.69 3.63
C GLY F 52 70.99 14.61 2.63
N THR F 53 69.99 14.26 1.83
CA THR F 53 70.16 13.13 0.94
C THR F 53 71.12 13.51 -0.18
N PRO F 54 71.89 12.54 -0.73
CA PRO F 54 72.83 12.85 -1.78
C PRO F 54 72.24 13.52 -3.01
N VAL F 55 72.93 14.55 -3.47
CA VAL F 55 72.64 15.25 -4.69
C VAL F 55 73.07 14.43 -5.90
N HIS F 56 72.26 14.36 -6.93
CA HIS F 56 72.71 13.74 -8.17
C HIS F 56 72.38 14.64 -9.35
N SER F 57 73.07 14.39 -10.47
CA SER F 57 72.73 15.11 -11.69
C SER F 57 71.28 14.78 -12.13
N LEU F 58 70.81 15.47 -13.18
CA LEU F 58 69.45 15.28 -13.65
C LEU F 58 69.51 14.71 -15.06
N PRO F 59 69.05 13.46 -15.27
CA PRO F 59 68.51 12.59 -14.22
C PRO F 59 69.65 11.85 -13.52
N PRO F 60 69.32 11.15 -12.42
CA PRO F 60 70.24 10.31 -11.66
C PRO F 60 70.84 9.24 -12.54
N PRO F 61 72.03 8.76 -12.17
CA PRO F 61 72.79 7.80 -13.00
C PRO F 61 72.08 6.43 -13.19
N GLU F 62 71.06 6.19 -12.38
CA GLU F 62 70.38 4.90 -12.37
C GLU F 62 68.90 5.04 -12.25
N ARG F 63 68.21 4.07 -12.82
CA ARG F 63 66.80 3.96 -12.58
C ARG F 63 66.58 3.30 -11.21
N PHE F 64 65.38 3.47 -10.65
CA PHE F 64 65.06 2.96 -9.31
C PHE F 64 63.56 2.95 -9.01
N GLN F 65 63.15 2.09 -8.08
CA GLN F 65 61.74 1.95 -7.79
C GLN F 65 61.31 2.85 -6.65
N GLY F 66 60.12 3.46 -6.74
CA GLY F 66 59.54 4.14 -5.61
C GLY F 66 58.66 5.32 -5.93
N ALA F 67 57.96 5.81 -4.93
CA ALA F 67 57.23 7.07 -5.01
C ALA F 67 57.80 8.00 -3.97
N GLY F 68 57.69 9.30 -4.17
CA GLY F 68 58.31 10.25 -3.26
C GLY F 68 58.37 11.67 -3.82
N VAL F 69 59.33 12.45 -3.35
CA VAL F 69 59.34 13.87 -3.55
C VAL F 69 60.68 14.15 -4.19
N PHE F 70 60.83 15.24 -4.94
CA PHE F 70 62.14 15.57 -5.49
C PHE F 70 62.28 17.06 -5.67
N ALA F 71 63.51 17.51 -5.88
CA ALA F 71 63.79 18.93 -5.99
C ALA F 71 64.80 19.08 -7.08
N LEU F 72 64.71 20.16 -7.85
CA LEU F 72 65.67 20.38 -8.91
C LEU F 72 66.56 21.57 -8.58
N TYR F 73 67.84 21.51 -8.91
CA TYR F 73 68.71 22.65 -8.65
C TYR F 73 69.40 23.16 -9.90
N TYR F 74 69.58 24.47 -10.00
CA TYR F 74 70.25 25.07 -11.14
C TYR F 74 71.58 25.66 -10.75
N THR F 75 72.63 25.39 -11.52
CA THR F 75 73.90 26.06 -11.25
C THR F 75 74.43 26.82 -12.46
N GLY F 76 73.64 26.93 -13.52
CA GLY F 76 74.08 27.43 -14.84
C GLY F 76 74.09 28.93 -14.91
N HIS F 77 74.29 29.50 -16.11
CA HIS F 77 74.50 30.94 -16.21
C HIS F 77 73.51 31.65 -17.09
N TYR F 78 72.43 30.98 -17.47
CA TYR F 78 71.38 31.63 -18.22
C TYR F 78 71.00 32.92 -17.52
N SER F 79 70.96 34.01 -18.29
CA SER F 79 70.97 35.37 -17.73
C SER F 79 69.99 35.58 -16.56
N LEU F 80 68.71 35.31 -16.78
CA LEU F 80 67.69 35.61 -15.78
C LEU F 80 67.90 34.80 -14.53
N TYR F 81 68.64 33.67 -14.65
CA TYR F 81 68.88 32.71 -13.56
C TYR F 81 70.32 32.68 -13.02
N ASP F 82 71.13 33.68 -13.39
CA ASP F 82 72.57 33.60 -13.14
C ASP F 82 72.84 33.58 -11.66
N GLU F 83 71.88 34.06 -10.90
CA GLU F 83 72.02 34.16 -9.45
C GLU F 83 72.06 32.80 -8.73
N TYR F 84 71.52 31.76 -9.36
CA TYR F 84 71.60 30.43 -8.76
C TYR F 84 73.04 29.93 -8.74
N SER F 85 73.78 30.23 -9.81
CA SER F 85 75.17 29.79 -9.89
C SER F 85 75.96 30.32 -8.70
N ARG F 86 75.50 31.41 -8.10
CA ARG F 86 76.15 31.93 -6.93
C ARG F 86 75.53 31.31 -5.68
N ILE F 87 74.21 31.29 -5.60
CA ILE F 87 73.51 30.77 -4.41
C ILE F 87 73.95 29.33 -4.19
N ASN F 88 74.06 28.59 -5.30
CA ASN F 88 74.49 27.19 -5.28
C ASN F 88 75.97 26.96 -5.68
N ARG F 89 76.84 27.92 -5.44
CA ARG F 89 78.24 27.79 -5.81
C ARG F 89 78.95 26.69 -5.02
N LYS F 90 78.65 26.60 -3.73
CA LYS F 90 79.37 25.72 -2.79
C LYS F 90 78.52 24.56 -2.30
N ALA F 91 77.21 24.63 -2.52
CA ALA F 91 76.27 23.67 -1.89
C ALA F 91 74.95 23.71 -2.63
N TYR F 92 74.18 22.65 -2.50
CA TYR F 92 72.92 22.66 -3.15
C TYR F 92 71.81 23.28 -2.25
N ASN F 93 71.90 24.60 -2.13
CA ASN F 93 71.13 25.40 -1.21
C ASN F 93 69.70 25.74 -1.67
N LEU F 94 69.50 26.34 -2.86
CA LEU F 94 68.14 26.71 -3.25
C LEU F 94 67.58 25.95 -4.43
N PRO F 95 66.50 25.18 -4.21
CA PRO F 95 65.88 24.50 -5.35
C PRO F 95 65.20 25.49 -6.29
N ILE F 96 65.05 25.09 -7.55
CA ILE F 96 64.36 25.89 -8.56
C ILE F 96 63.00 25.27 -8.81
N TYR F 97 62.80 24.02 -8.40
CA TYR F 97 61.51 23.36 -8.49
C TYR F 97 61.44 22.22 -7.51
N VAL F 98 60.23 21.96 -7.02
CA VAL F 98 59.92 20.82 -6.18
C VAL F 98 58.66 20.12 -6.69
N GLY F 99 58.65 18.80 -6.74
CA GLY F 99 57.57 18.05 -7.37
C GLY F 99 57.46 16.71 -6.67
N LYS F 100 56.41 15.94 -6.95
CA LYS F 100 56.20 14.62 -6.36
C LYS F 100 55.76 13.56 -7.37
N ALA F 101 55.84 12.30 -6.99
CA ALA F 101 55.25 11.22 -7.76
C ALA F 101 54.65 10.23 -6.78
N VAL F 102 53.35 10.10 -6.85
CA VAL F 102 52.56 9.34 -5.90
C VAL F 102 52.50 7.90 -6.39
N PRO F 103 52.49 6.90 -5.49
CA PRO F 103 52.62 5.53 -6.03
C PRO F 103 51.42 5.14 -6.85
N ALA F 104 50.31 5.73 -6.49
CA ALA F 104 48.96 5.24 -6.80
C ALA F 104 48.77 4.07 -7.87
N GLY F 105 47.78 3.21 -7.69
CA GLY F 105 47.09 3.08 -6.42
C GLY F 105 45.86 3.94 -6.25
N TRP F 106 44.68 3.35 -6.40
CA TRP F 106 44.42 1.92 -6.71
C TRP F 106 42.97 1.91 -7.19
N ARG F 107 42.32 3.03 -6.87
CA ARG F 107 40.94 3.31 -7.20
C ARG F 107 40.04 2.07 -6.97
N GLN F 108 40.20 1.48 -5.78
CA GLN F 108 39.27 0.49 -5.19
C GLN F 108 38.84 -0.71 -6.02
N SER F 109 39.75 -1.67 -6.14
CA SER F 109 39.52 -2.95 -6.84
C SER F 109 40.09 -4.05 -5.95
N ARG F 110 39.49 -5.23 -5.97
CA ARG F 110 39.83 -6.33 -5.05
C ARG F 110 41.31 -6.77 -5.02
N ILE F 111 42.12 -6.12 -5.88
CA ILE F 111 43.54 -6.45 -6.16
C ILE F 111 43.57 -7.77 -6.98
N SER F 112 43.46 -7.66 -8.32
CA SER F 112 43.39 -8.83 -9.23
C SER F 112 44.71 -9.06 -10.02
N ASP F 113 45.58 -9.93 -9.48
CA ASP F 113 46.95 -10.11 -9.97
C ASP F 113 47.97 -9.09 -9.37
N HIS F 114 47.47 -7.94 -8.91
CA HIS F 114 48.26 -6.78 -8.45
C HIS F 114 48.94 -6.80 -7.04
N GLU F 115 49.79 -5.80 -6.80
CA GLU F 115 50.71 -5.80 -5.64
C GLU F 115 52.18 -6.14 -6.06
N THR F 116 52.57 -5.66 -7.26
CA THR F 116 53.85 -6.03 -7.89
C THR F 116 53.84 -5.83 -9.42
N ARG F 117 55.03 -5.77 -10.02
CA ARG F 117 56.30 -5.83 -9.28
C ARG F 117 57.40 -4.99 -9.94
N ALA F 118 57.52 -3.69 -9.63
CA ALA F 118 56.62 -2.84 -8.83
C ALA F 118 57.08 -1.40 -9.13
N GLY F 119 56.15 -0.45 -9.15
CA GLY F 119 56.39 0.90 -9.67
C GLY F 119 57.67 1.70 -9.39
N SER F 120 58.10 2.42 -10.40
CA SER F 120 59.29 3.23 -10.22
C SER F 120 58.93 4.62 -10.71
N GLU F 121 57.83 5.13 -10.13
CA GLU F 121 57.19 6.34 -10.61
C GLU F 121 57.89 7.67 -10.32
N LEU F 122 58.63 7.77 -9.23
CA LEU F 122 59.45 8.96 -8.94
C LEU F 122 60.56 9.09 -9.96
N SER F 123 61.29 7.99 -10.17
CA SER F 123 62.38 7.92 -11.13
C SER F 123 61.89 8.37 -12.48
N ASN F 124 60.77 7.83 -12.95
CA ASN F 124 60.22 8.27 -14.24
C ASN F 124 59.96 9.77 -14.37
N ARG F 125 59.14 10.35 -13.50
CA ARG F 125 58.88 11.77 -13.62
C ARG F 125 60.21 12.50 -13.70
N ILE F 126 61.15 12.17 -12.79
CA ILE F 126 62.40 12.93 -12.73
C ILE F 126 62.96 12.94 -14.14
N ARG F 127 62.90 11.76 -14.77
CA ARG F 127 63.42 11.65 -16.10
C ARG F 127 62.64 12.51 -17.10
N GLU F 128 61.31 12.52 -16.93
CA GLU F 128 60.43 13.31 -17.79
C GLU F 128 60.76 14.79 -17.68
N HIS F 129 61.07 15.27 -16.48
CA HIS F 129 61.37 16.68 -16.31
C HIS F 129 62.65 17.00 -17.02
N GLY F 130 63.63 16.11 -16.93
CA GLY F 130 64.89 16.29 -17.65
C GLY F 130 64.70 16.40 -19.14
N ARG F 131 63.92 15.49 -19.73
CA ARG F 131 63.66 15.52 -21.16
C ARG F 131 63.07 16.87 -21.58
N ASN F 132 62.26 17.45 -20.69
CA ASN F 132 61.62 18.72 -20.96
C ASN F 132 62.56 19.90 -20.95
N ILE F 133 63.51 19.89 -20.04
CA ILE F 133 64.58 20.86 -20.10
C ILE F 133 65.41 20.58 -21.38
N ALA F 134 65.65 19.31 -21.69
CA ALA F 134 66.51 18.99 -22.85
C ALA F 134 65.95 19.64 -24.12
N LYS F 135 64.67 19.98 -24.06
CA LYS F 135 63.92 20.37 -25.22
C LYS F 135 63.98 21.86 -25.40
N THR F 136 64.43 22.56 -24.37
CA THR F 136 64.50 24.01 -24.41
C THR F 136 65.71 24.37 -25.25
N SER F 137 65.73 25.59 -25.78
CA SER F 137 66.90 26.01 -26.52
C SER F 137 67.79 26.80 -25.59
N ASN F 138 67.28 27.19 -24.42
CA ASN F 138 68.01 28.10 -23.55
C ASN F 138 68.44 27.61 -22.13
N LEU F 139 68.11 26.37 -21.77
CA LEU F 139 68.63 25.78 -20.54
C LEU F 139 69.32 24.51 -20.88
N ASP F 140 70.48 24.30 -20.26
CA ASP F 140 71.32 23.13 -20.48
C ASP F 140 71.16 22.09 -19.34
N LEU F 141 70.77 20.88 -19.71
CA LEU F 141 70.55 19.84 -18.70
C LEU F 141 71.76 19.57 -17.83
N CYS F 142 72.94 19.80 -18.37
CA CYS F 142 74.16 19.70 -17.58
C CYS F 142 74.11 20.56 -16.33
N ASP F 143 73.30 21.62 -16.37
CA ASP F 143 73.32 22.64 -15.34
C ASP F 143 72.30 22.40 -14.26
N PHE F 144 71.71 21.20 -14.28
CA PHE F 144 70.76 20.81 -13.28
C PHE F 144 71.22 19.62 -12.45
N SER F 145 70.75 19.59 -11.21
CA SER F 145 71.00 18.49 -10.32
C SER F 145 69.71 18.23 -9.58
N CYS F 146 69.61 17.10 -8.89
CA CYS F 146 68.41 16.88 -8.15
C CYS F 146 68.63 16.15 -6.83
N ARG F 147 67.76 16.42 -5.86
CA ARG F 147 67.62 15.54 -4.72
C ARG F 147 66.27 14.88 -4.77
N PHE F 148 66.17 13.72 -4.15
CA PHE F 148 64.89 13.03 -4.06
C PHE F 148 64.78 12.12 -2.82
N VAL F 149 63.55 11.96 -2.34
CA VAL F 149 63.33 11.04 -1.24
C VAL F 149 62.21 10.11 -1.58
N ILE F 150 62.37 8.84 -1.22
CA ILE F 150 61.37 7.78 -1.44
C ILE F 150 60.54 7.49 -0.18
N PHE F 151 59.22 7.60 -0.28
CA PHE F 151 58.35 7.22 0.85
C PHE F 151 57.66 5.92 0.55
N GLU F 152 57.88 4.92 1.41
CA GLU F 152 57.35 3.60 1.08
C GLU F 152 56.17 3.24 1.94
N ALA F 153 55.41 2.27 1.47
CA ALA F 153 54.25 1.73 2.18
C ALA F 153 53.29 2.78 2.76
N THR F 154 52.94 2.63 4.02
CA THR F 154 51.99 3.51 4.64
C THR F 154 52.48 4.95 4.69
N GLY F 155 53.80 5.12 4.69
CA GLY F 155 54.39 6.42 4.77
C GLY F 155 54.20 7.25 3.55
N SER F 156 53.81 6.64 2.44
CA SER F 156 53.51 7.41 1.24
C SER F 156 52.35 8.35 1.41
N ASP F 157 51.44 8.06 2.35
CA ASP F 157 50.41 9.04 2.77
C ASP F 157 50.97 10.47 2.91
N MET F 158 52.24 10.59 3.25
CA MET F 158 52.92 11.86 3.54
C MET F 158 53.43 12.65 2.34
N ILE F 159 53.35 12.09 1.14
CA ILE F 159 54.13 12.65 0.02
C ILE F 159 53.78 14.10 -0.27
N SER F 160 52.53 14.36 -0.56
CA SER F 160 52.02 15.72 -0.66
C SER F 160 52.37 16.68 0.45
N THR F 161 52.31 16.23 1.70
CA THR F 161 52.66 17.07 2.81
C THR F 161 54.13 17.53 2.73
N VAL F 162 55.05 16.59 2.60
CA VAL F 162 56.48 16.92 2.53
C VAL F 162 56.76 17.81 1.33
N GLU F 163 56.19 17.44 0.19
CA GLU F 163 56.24 18.33 -0.97
C GLU F 163 55.85 19.76 -0.61
N ALA F 164 54.68 19.94 -0.01
CA ALA F 164 54.20 21.28 0.33
C ALA F 164 55.13 21.94 1.37
N ALA F 165 55.60 21.18 2.33
CA ALA F 165 56.41 21.78 3.36
C ALA F 165 57.63 22.34 2.67
N LEU F 166 58.15 21.60 1.69
CA LEU F 166 59.37 22.00 0.96
C LEU F 166 59.12 23.26 0.16
N ILE F 167 58.03 23.30 -0.56
CA ILE F 167 57.72 24.50 -1.30
C ILE F 167 57.53 25.69 -0.33
N LYS F 168 57.10 25.43 0.90
CA LYS F 168 56.73 26.55 1.74
C LYS F 168 58.04 27.17 2.17
N ILE F 169 58.95 26.30 2.59
CA ILE F 169 60.27 26.67 3.02
C ILE F 169 61.13 27.33 1.94
N TYR F 170 61.12 26.85 0.70
CA TYR F 170 62.08 27.34 -0.32
C TYR F 170 61.53 28.26 -1.41
N LYS F 171 60.22 28.19 -1.60
CA LYS F 171 59.57 29.03 -2.58
C LYS F 171 60.35 28.96 -3.92
N PRO F 172 60.41 27.76 -4.51
CA PRO F 172 61.20 27.63 -5.75
C PRO F 172 60.57 28.46 -6.88
N LEU F 173 61.40 29.15 -7.66
CA LEU F 173 60.92 30.03 -8.73
C LEU F 173 59.82 29.41 -9.58
N TRP F 174 60.03 28.19 -10.06
CA TRP F 174 59.10 27.49 -10.96
C TRP F 174 57.82 27.03 -10.27
N ASN F 175 57.83 26.99 -8.94
CA ASN F 175 56.64 26.65 -8.20
C ASN F 175 55.77 27.89 -7.92
N THR F 176 56.42 29.03 -7.65
CA THR F 176 55.67 30.17 -7.14
C THR F 176 55.68 31.43 -7.98
N VAL F 177 56.53 31.48 -9.00
CA VAL F 177 56.66 32.71 -9.82
C VAL F 177 56.50 32.41 -11.31
N VAL F 178 57.12 31.35 -11.79
CA VAL F 178 57.12 31.07 -13.21
C VAL F 178 56.66 29.62 -13.41
N ASP F 179 55.38 29.46 -13.16
CA ASP F 179 54.56 28.35 -13.54
C ASP F 179 54.61 27.69 -14.92
N GLY F 180 54.39 26.36 -14.88
CA GLY F 180 53.87 25.59 -15.98
C GLY F 180 54.78 24.45 -16.26
N PHE F 181 55.96 24.51 -15.66
CA PHE F 181 56.87 23.40 -15.81
C PHE F 181 56.22 22.10 -15.38
N GLY F 182 55.29 22.17 -14.45
CA GLY F 182 54.58 20.99 -13.99
C GLY F 182 53.62 20.35 -14.98
N ASN F 183 53.31 20.99 -16.11
CA ASN F 183 52.22 20.51 -16.98
C ASN F 183 52.70 19.40 -17.83
N HIS F 184 51.97 18.32 -17.81
CA HIS F 184 52.03 17.42 -18.94
C HIS F 184 51.32 18.06 -20.10
N THR F 185 51.24 17.35 -21.22
CA THR F 185 50.56 17.84 -22.38
C THR F 185 49.13 18.02 -21.95
N PRO F 186 48.59 19.25 -22.11
CA PRO F 186 47.18 19.44 -21.85
C PRO F 186 46.34 18.45 -22.69
N GLY F 187 46.82 18.14 -23.88
CA GLY F 187 46.06 17.29 -24.82
C GLY F 187 45.13 18.02 -25.78
N ALA F 188 44.81 17.37 -26.90
CA ALA F 188 43.65 17.71 -27.69
C ALA F 188 42.52 17.92 -26.68
N GLY F 189 41.51 18.72 -26.97
CA GLY F 189 40.51 18.84 -25.93
C GLY F 189 40.82 19.88 -24.87
N ARG F 190 42.09 20.32 -24.76
CA ARG F 190 42.48 21.46 -23.91
C ARG F 190 43.36 22.51 -24.64
N PHE F 191 43.33 22.47 -25.96
CA PHE F 191 44.23 23.29 -26.73
C PHE F 191 43.98 24.82 -26.53
N ALA F 192 42.83 25.15 -25.95
CA ALA F 192 42.34 26.50 -25.98
C ALA F 192 42.94 27.24 -24.79
N GLN F 193 43.66 26.51 -23.94
CA GLN F 193 44.27 27.19 -22.81
C GLN F 193 45.52 27.98 -23.21
N ALA F 194 45.87 28.94 -22.36
CA ALA F 194 47.00 29.82 -22.60
C ALA F 194 48.28 29.10 -22.24
N LYS F 195 49.28 29.16 -23.12
CA LYS F 195 50.57 28.53 -22.81
C LYS F 195 51.09 29.14 -21.53
N SER F 196 51.75 28.34 -20.71
CA SER F 196 52.16 28.81 -19.41
C SER F 196 53.37 29.75 -19.50
N ASP F 197 53.67 30.48 -18.39
CA ASP F 197 54.77 31.45 -18.33
C ASP F 197 56.10 30.79 -18.47
N TRP F 198 56.18 29.55 -17.99
CA TRP F 198 57.37 28.74 -18.21
C TRP F 198 57.56 28.48 -19.72
N ASP F 199 56.50 28.09 -20.41
CA ASP F 199 56.63 27.79 -21.81
C ASP F 199 56.96 29.02 -22.60
N VAL F 200 56.49 30.17 -22.14
CA VAL F 200 56.77 31.39 -22.88
C VAL F 200 58.20 31.81 -22.78
N ILE F 201 58.84 31.57 -21.64
CA ILE F 201 60.27 31.93 -21.59
C ILE F 201 61.24 30.80 -21.97
N HIS F 202 60.73 29.58 -22.01
CA HIS F 202 61.52 28.41 -22.35
C HIS F 202 60.85 27.59 -23.45
N PRO F 203 60.63 28.19 -24.65
CA PRO F 203 60.11 27.29 -25.69
C PRO F 203 61.21 26.22 -25.96
N GLY F 204 60.86 25.07 -26.54
CA GLY F 204 59.50 24.72 -26.78
C GLY F 204 59.25 23.23 -26.60
N ARG F 205 58.44 22.88 -25.62
CA ARG F 205 57.81 21.62 -25.71
C ARG F 205 56.82 21.81 -26.86
N GLU F 206 56.89 20.94 -27.85
CA GLU F 206 56.07 21.07 -29.05
C GLU F 206 54.60 21.27 -28.72
N TRP F 207 54.07 20.69 -27.66
CA TRP F 207 52.62 20.91 -27.37
C TRP F 207 52.25 22.34 -27.04
N ALA F 208 53.10 23.04 -26.30
CA ALA F 208 52.83 24.43 -25.97
C ALA F 208 52.51 25.30 -27.21
N GLU F 209 52.93 24.86 -28.38
CA GLU F 209 52.69 25.69 -29.52
C GLU F 209 51.34 25.46 -30.16
N LYS F 210 50.61 24.48 -29.66
CA LYS F 210 49.23 24.24 -30.07
C LYS F 210 48.24 24.88 -29.08
N CYS F 211 48.76 25.51 -28.02
CA CYS F 211 47.96 26.34 -27.12
C CYS F 211 47.56 27.67 -27.74
N THR F 212 46.26 27.95 -27.84
CA THR F 212 45.79 29.15 -28.51
C THR F 212 45.46 30.32 -27.56
N GLY F 213 45.20 30.04 -26.29
CA GLY F 213 44.87 31.12 -25.33
C GLY F 213 45.90 32.24 -25.17
N VAL F 214 45.45 33.33 -24.54
CA VAL F 214 46.23 34.55 -24.27
C VAL F 214 47.30 34.34 -23.16
N HIS F 215 48.58 34.40 -23.51
CA HIS F 215 49.59 34.16 -22.51
C HIS F 215 50.12 35.46 -21.98
N SER F 216 50.75 35.48 -20.80
CA SER F 216 51.54 36.67 -20.38
C SER F 216 52.73 36.96 -21.31
N GLU F 217 53.27 38.18 -21.21
CA GLU F 217 54.41 38.63 -22.04
C GLU F 217 55.74 38.50 -21.36
N PRO F 218 56.79 38.15 -22.11
CA PRO F 218 58.15 37.98 -21.53
C PRO F 218 58.62 39.18 -20.66
N TYR F 219 58.36 40.40 -21.10
CA TYR F 219 58.77 41.54 -20.33
C TYR F 219 58.34 41.38 -18.89
N PHE F 220 57.05 41.14 -18.70
CA PHE F 220 56.44 41.03 -17.40
C PHE F 220 56.90 39.85 -16.59
N ILE F 221 56.97 38.69 -17.21
CA ILE F 221 57.49 37.52 -16.50
C ILE F 221 58.94 37.76 -16.05
N GLU F 222 59.73 38.42 -16.88
CA GLU F 222 61.06 38.74 -16.48
C GLU F 222 61.13 39.69 -15.29
N GLU F 223 60.28 40.71 -15.25
CA GLU F 223 60.23 41.60 -14.09
C GLU F 223 60.04 40.79 -12.84
N ARG F 224 59.11 39.86 -12.89
CA ARG F 224 58.79 39.03 -11.74
C ARG F 224 60.00 38.19 -11.30
N ILE F 225 60.70 37.57 -12.25
CA ILE F 225 61.90 36.78 -11.93
C ILE F 225 62.97 37.61 -11.20
N LYS F 226 63.21 38.79 -11.73
CA LYS F 226 64.09 39.74 -11.12
C LYS F 226 63.58 40.12 -9.74
N GLN F 227 62.26 40.27 -9.61
CA GLN F 227 61.64 40.74 -8.37
C GLN F 227 61.74 39.67 -7.32
N TYR F 228 61.78 38.43 -7.78
CA TYR F 228 62.00 37.32 -6.91
C TYR F 228 63.37 37.42 -6.19
N PHE F 229 64.43 37.72 -6.92
CA PHE F 229 65.75 37.77 -6.30
C PHE F 229 65.90 39.00 -5.43
N SER F 230 65.13 40.01 -5.79
CA SER F 230 65.14 41.33 -5.17
C SER F 230 64.41 41.38 -3.86
N LYS F 231 63.19 40.82 -3.84
CA LYS F 231 62.15 40.97 -2.79
C LYS F 231 61.47 42.33 -2.79
N HIS G 23 -44.22 27.96 25.31
CA HIS G 23 -43.37 28.35 26.48
C HIS G 23 -43.36 27.25 27.53
N ASN G 24 -44.13 27.52 28.60
CA ASN G 24 -43.97 27.01 29.98
C ASN G 24 -42.94 27.88 30.75
N LYS G 25 -42.08 28.59 30.00
CA LYS G 25 -41.00 29.44 30.52
C LYS G 25 -41.44 30.78 31.19
N LYS G 26 -40.55 31.77 31.22
CA LYS G 26 -40.85 33.15 31.63
C LYS G 26 -39.74 34.00 31.04
N PHE G 27 -40.01 34.66 29.91
CA PHE G 27 -38.96 35.20 29.03
C PHE G 27 -37.86 36.06 29.67
N ASP G 28 -36.62 35.60 29.62
CA ASP G 28 -35.46 36.41 30.04
C ASP G 28 -34.34 36.20 29.03
N ARG G 29 -33.85 37.29 28.44
CA ARG G 29 -32.94 37.17 27.31
C ARG G 29 -31.59 36.60 27.65
N SER G 30 -31.07 36.86 28.83
CA SER G 30 -29.69 36.47 29.17
C SER G 30 -29.56 34.96 29.22
N GLU G 31 -30.56 34.31 29.83
CA GLU G 31 -30.72 32.87 29.76
C GLU G 31 -30.18 32.18 28.48
N HIS G 32 -30.13 32.96 27.40
CA HIS G 32 -30.02 32.46 26.02
C HIS G 32 -28.66 32.85 25.44
N VAL G 33 -27.94 33.70 26.16
CA VAL G 33 -26.66 34.25 25.67
C VAL G 33 -25.51 33.29 26.01
N TYR G 34 -24.78 32.83 25.01
CA TYR G 34 -23.63 31.98 25.30
C TYR G 34 -22.38 32.85 25.33
N ARG G 35 -21.61 32.80 26.40
CA ARG G 35 -20.35 33.55 26.46
C ARG G 35 -19.25 32.67 27.02
N ASN G 36 -18.19 32.50 26.25
CA ASN G 36 -17.04 31.75 26.73
C ASN G 36 -15.76 32.43 26.35
N ASP G 37 -15.19 33.21 27.29
CA ASP G 37 -14.04 34.09 26.95
C ASP G 37 -12.91 33.40 26.24
N SER G 38 -12.77 32.10 26.44
CA SER G 38 -11.63 31.40 25.96
C SER G 38 -11.69 31.18 24.47
N PHE G 39 -12.86 31.38 23.86
CA PHE G 39 -12.97 31.24 22.41
C PHE G 39 -12.01 32.17 21.64
N LEU G 40 -11.88 33.40 22.11
CA LEU G 40 -10.89 34.34 21.55
C LEU G 40 -9.48 33.73 21.43
N GLU G 41 -9.02 32.97 22.43
CA GLU G 41 -7.71 32.34 22.34
C GLU G 41 -7.66 31.21 21.34
N LEU G 42 -8.80 30.51 21.23
CA LEU G 42 -8.97 29.46 20.28
C LEU G 42 -8.96 29.90 18.79
N ILE G 43 -9.79 30.88 18.35
CA ILE G 43 -9.63 31.30 16.92
C ILE G 43 -8.38 32.12 16.69
N LYS G 44 -7.94 32.88 17.69
CA LYS G 44 -6.58 33.41 17.56
C LYS G 44 -5.61 32.27 17.14
N ASP G 45 -5.74 31.10 17.71
CA ASP G 45 -4.95 29.94 17.28
C ASP G 45 -5.26 29.39 15.88
N ALA G 46 -6.52 29.28 15.51
CA ALA G 46 -6.78 28.79 14.18
C ALA G 46 -6.17 29.74 13.13
N VAL G 47 -6.45 31.03 13.25
CA VAL G 47 -6.00 32.02 12.25
C VAL G 47 -4.48 32.07 12.11
N ARG G 48 -3.76 31.93 13.23
CA ARG G 48 -2.30 32.00 13.27
C ARG G 48 -1.75 30.78 12.58
N PHE G 49 -2.36 29.64 12.89
CA PHE G 49 -1.99 28.41 12.23
C PHE G 49 -2.21 28.62 10.73
N PHE G 50 -3.36 29.14 10.36
CA PHE G 50 -3.61 29.38 8.93
C PHE G 50 -2.52 30.23 8.27
N SER G 51 -2.32 31.43 8.80
CA SER G 51 -1.33 32.34 8.29
C SER G 51 0.06 31.75 8.16
N GLY G 52 0.34 30.66 8.88
CA GLY G 52 1.68 30.04 8.86
C GLY G 52 1.84 28.85 7.93
N THR G 53 0.76 28.42 7.30
CA THR G 53 0.81 27.24 6.46
C THR G 53 1.44 27.69 5.14
N PRO G 54 2.20 26.80 4.49
CA PRO G 54 3.03 27.16 3.34
C PRO G 54 2.27 27.58 2.11
N VAL G 55 2.66 28.73 1.56
CA VAL G 55 2.02 29.32 0.36
C VAL G 55 2.33 28.52 -0.89
N HIS G 56 1.30 28.30 -1.70
CA HIS G 56 1.42 27.55 -2.94
C HIS G 56 0.77 28.28 -4.09
N SER G 57 1.32 28.06 -5.30
CA SER G 57 0.72 28.65 -6.49
C SER G 57 -0.69 28.10 -6.64
N LEU G 58 -1.46 28.71 -7.55
CA LEU G 58 -2.83 28.32 -7.76
C LEU G 58 -2.94 27.61 -9.10
N PRO G 59 -3.24 26.29 -9.10
CA PRO G 59 -3.47 25.39 -7.97
C PRO G 59 -2.19 24.79 -7.41
N PRO G 60 -2.25 24.23 -6.18
CA PRO G 60 -1.07 23.63 -5.60
C PRO G 60 -0.52 22.52 -6.51
N PRO G 61 0.80 22.37 -6.55
CA PRO G 61 1.51 21.45 -7.42
C PRO G 61 0.92 20.04 -7.45
N GLU G 62 0.34 19.59 -6.35
CA GLU G 62 -0.16 18.24 -6.27
C GLU G 62 -1.58 18.21 -5.75
N ARG G 63 -2.25 17.08 -5.95
CA ARG G 63 -3.60 16.85 -5.40
C ARG G 63 -3.55 16.16 -4.04
N PHE G 64 -4.61 16.31 -3.25
CA PHE G 64 -4.63 15.85 -1.86
C PHE G 64 -6.05 15.67 -1.35
N GLN G 65 -6.20 14.89 -0.29
CA GLN G 65 -7.51 14.55 0.28
C GLN G 65 -7.85 15.41 1.47
N GLY G 66 -9.10 15.85 1.57
CA GLY G 66 -9.53 16.60 2.76
C GLY G 66 -10.50 17.71 2.45
N ALA G 67 -11.18 18.16 3.49
CA ALA G 67 -12.08 19.32 3.41
C ALA G 67 -11.52 20.43 4.32
N GLY G 68 -11.93 21.67 4.10
CA GLY G 68 -11.35 22.76 4.88
C GLY G 68 -11.53 24.13 4.29
N VAL G 69 -10.54 24.99 4.47
CA VAL G 69 -10.70 26.42 4.21
C VAL G 69 -9.54 26.88 3.33
N PHE G 70 -9.68 27.96 2.59
CA PHE G 70 -8.56 28.40 1.75
C PHE G 70 -8.56 29.90 1.51
N ALA G 71 -7.44 30.39 1.00
CA ALA G 71 -7.31 31.81 0.68
C ALA G 71 -6.49 31.97 -0.60
N LEU G 72 -6.95 32.83 -1.48
CA LEU G 72 -6.29 33.18 -2.71
C LEU G 72 -5.55 34.50 -2.59
N TYR G 73 -4.36 34.60 -3.17
CA TYR G 73 -3.60 35.86 -3.08
C TYR G 73 -3.22 36.34 -4.48
N TYR G 74 -3.25 37.66 -4.67
CA TYR G 74 -2.89 38.26 -5.93
C TYR G 74 -1.61 39.04 -5.76
N THR G 75 -0.75 38.93 -6.77
CA THR G 75 0.46 39.74 -6.81
C THR G 75 0.74 40.37 -8.17
N GLY G 76 -0.22 40.28 -9.09
CA GLY G 76 -0.06 40.84 -10.44
C GLY G 76 -0.28 42.34 -10.55
N HIS G 77 -0.45 42.80 -11.79
CA HIS G 77 -0.47 44.24 -12.08
C HIS G 77 -1.71 44.64 -12.87
N TYR G 78 -2.79 43.85 -12.79
CA TYR G 78 -4.06 44.28 -13.37
C TYR G 78 -4.41 45.64 -12.81
N SER G 79 -4.78 46.58 -13.65
CA SER G 79 -4.83 47.97 -13.19
C SER G 79 -5.58 48.16 -11.88
N LEU G 80 -6.79 47.63 -11.81
CA LEU G 80 -7.60 47.75 -10.60
C LEU G 80 -6.95 47.11 -9.36
N TYR G 81 -6.14 46.09 -9.55
CA TYR G 81 -5.68 45.31 -8.43
C TYR G 81 -4.20 45.59 -8.16
N ASP G 82 -3.66 46.59 -8.84
CA ASP G 82 -2.27 46.94 -8.63
C ASP G 82 -1.83 47.02 -7.16
N GLU G 83 -2.56 47.76 -6.33
CA GLU G 83 -2.24 47.82 -4.91
C GLU G 83 -1.70 46.50 -4.35
N TYR G 84 -2.32 45.36 -4.72
CA TYR G 84 -1.91 44.05 -4.21
C TYR G 84 -0.41 43.68 -4.44
N SER G 85 0.15 43.94 -5.63
CA SER G 85 1.57 43.67 -5.84
C SER G 85 2.40 44.49 -4.87
N ARG G 86 1.80 45.53 -4.28
CA ARG G 86 2.51 46.29 -3.24
C ARG G 86 2.23 45.65 -1.88
N ILE G 87 0.95 45.55 -1.48
CA ILE G 87 0.63 44.99 -0.17
C ILE G 87 1.27 43.63 0.01
N ASN G 88 1.21 42.81 -1.03
CA ASN G 88 1.91 41.51 -1.03
C ASN G 88 3.38 41.54 -1.59
N ARG G 89 4.03 42.71 -1.65
CA ARG G 89 5.42 42.77 -2.15
C ARG G 89 6.38 41.77 -1.46
N LYS G 90 6.34 41.72 -0.12
CA LYS G 90 7.29 40.94 0.69
C LYS G 90 6.66 39.67 1.31
N ALA G 91 5.34 39.60 1.33
CA ALA G 91 4.64 38.54 2.07
C ALA G 91 3.26 38.34 1.47
N TYR G 92 2.74 37.12 1.54
CA TYR G 92 1.36 36.90 1.21
C TYR G 92 0.44 37.36 2.36
N ASN G 93 0.21 38.67 2.41
CA ASN G 93 -0.48 39.34 3.51
C ASN G 93 -2.00 39.37 3.38
N LEU G 94 -2.50 40.03 2.34
CA LEU G 94 -3.92 40.25 2.16
C LEU G 94 -4.56 39.29 1.14
N PRO G 95 -5.50 38.44 1.59
CA PRO G 95 -6.23 37.58 0.62
C PRO G 95 -7.21 38.38 -0.22
N ILE G 96 -7.41 37.97 -1.47
CA ILE G 96 -8.40 38.61 -2.34
C ILE G 96 -9.71 37.81 -2.27
N TYR G 97 -9.63 36.57 -1.77
CA TYR G 97 -10.79 35.71 -1.64
C TYR G 97 -10.54 34.61 -0.59
N VAL G 98 -11.59 34.29 0.20
CA VAL G 98 -11.60 33.25 1.22
C VAL G 98 -12.88 32.41 1.11
N GLY G 99 -12.72 31.08 1.03
CA GLY G 99 -13.86 30.19 0.91
C GLY G 99 -13.55 28.89 1.60
N LYS G 100 -14.39 27.89 1.36
CA LYS G 100 -14.24 26.61 2.03
C LYS G 100 -14.72 25.46 1.17
N ALA G 101 -14.48 24.23 1.62
CA ALA G 101 -15.16 23.07 1.09
C ALA G 101 -15.39 22.06 2.20
N VAL G 102 -16.67 21.74 2.41
CA VAL G 102 -17.14 20.88 3.50
C VAL G 102 -17.06 19.38 3.15
N PRO G 103 -16.92 18.46 4.14
CA PRO G 103 -16.98 17.04 3.75
C PRO G 103 -18.30 16.64 3.07
N ALA G 104 -18.17 15.82 2.04
CA ALA G 104 -19.33 15.29 1.32
C ALA G 104 -20.25 14.46 2.20
N GLY G 105 -21.53 14.83 2.21
CA GLY G 105 -22.61 14.00 2.75
C GLY G 105 -22.54 13.68 4.23
N TRP G 106 -22.41 14.73 5.04
CA TRP G 106 -22.60 16.06 4.54
C TRP G 106 -22.23 17.11 5.60
N ARG G 107 -22.38 18.40 5.26
CA ARG G 107 -22.61 19.43 6.28
C ARG G 107 -24.01 19.18 6.90
N GLN G 108 -24.82 18.38 6.16
CA GLN G 108 -26.10 17.76 6.59
C GLN G 108 -25.94 16.29 7.04
N SER G 109 -26.58 15.37 6.31
CA SER G 109 -26.84 13.96 6.74
C SER G 109 -25.66 13.11 7.31
N ARG G 110 -25.69 11.81 7.02
CA ARG G 110 -24.59 10.87 7.28
C ARG G 110 -25.00 9.54 6.64
N ILE G 111 -25.42 9.58 5.36
CA ILE G 111 -26.25 8.54 4.69
C ILE G 111 -25.62 7.14 4.53
N SER G 112 -24.67 7.01 3.59
CA SER G 112 -23.94 5.75 3.36
C SER G 112 -22.51 5.83 3.91
N ASP G 113 -22.18 4.92 4.85
CA ASP G 113 -20.88 4.96 5.60
C ASP G 113 -20.41 3.61 6.21
N HIS G 114 -19.84 3.62 7.42
CA HIS G 114 -19.51 4.84 8.16
C HIS G 114 -18.09 5.24 7.80
N GLU G 115 -17.97 6.07 6.76
CA GLU G 115 -16.69 6.37 6.11
C GLU G 115 -16.19 5.22 5.20
N THR G 116 -16.76 5.13 3.99
CA THR G 116 -16.25 4.28 2.91
C THR G 116 -15.88 5.19 1.73
N ARG G 117 -15.33 6.36 2.07
CA ARG G 117 -14.97 7.36 1.08
C ARG G 117 -14.46 8.66 1.72
N ALA G 118 -13.18 8.68 2.10
CA ALA G 118 -12.47 9.93 2.36
C ALA G 118 -12.25 10.63 1.00
N GLY G 119 -12.93 11.76 0.79
CA GLY G 119 -12.89 12.45 -0.51
C GLY G 119 -11.85 13.55 -0.55
N SER G 120 -11.79 14.30 -1.65
CA SER G 120 -10.84 15.40 -1.73
C SER G 120 -11.45 16.68 -2.27
N GLU G 121 -12.37 17.21 -1.45
CA GLU G 121 -13.20 18.31 -1.85
C GLU G 121 -12.54 19.70 -1.74
N LEU G 122 -11.58 19.88 -0.86
CA LEU G 122 -10.89 21.16 -0.80
C LEU G 122 -10.01 21.31 -2.03
N SER G 123 -9.20 20.26 -2.31
CA SER G 123 -8.30 20.30 -3.47
C SER G 123 -9.10 20.55 -4.73
N ASN G 124 -10.18 19.79 -4.91
CA ASN G 124 -11.10 20.00 -6.05
C ASN G 124 -11.64 21.45 -6.18
N ARG G 125 -12.22 21.98 -5.10
CA ARG G 125 -12.71 23.33 -5.13
C ARG G 125 -11.67 24.34 -5.56
N ILE G 126 -10.48 24.28 -4.95
CA ILE G 126 -9.43 25.26 -5.21
C ILE G 126 -9.11 25.23 -6.70
N ARG G 127 -9.09 24.03 -7.30
CA ARG G 127 -8.68 23.89 -8.70
C ARG G 127 -9.75 24.49 -9.61
N GLU G 128 -11.02 24.35 -9.22
CA GLU G 128 -12.10 24.94 -10.02
C GLU G 128 -12.01 26.46 -9.97
N HIS G 129 -11.56 27.00 -8.86
CA HIS G 129 -11.33 28.43 -8.84
C HIS G 129 -10.20 28.82 -9.76
N GLY G 130 -9.13 28.02 -9.72
CA GLY G 130 -8.03 28.20 -10.65
C GLY G 130 -8.53 28.27 -12.07
N ARG G 131 -9.36 27.30 -12.44
CA ARG G 131 -9.87 27.23 -13.81
C ARG G 131 -10.72 28.40 -14.21
N ASN G 132 -11.53 28.94 -13.30
CA ASN G 132 -12.30 30.11 -13.64
C ASN G 132 -11.38 31.28 -13.93
N ILE G 133 -10.36 31.44 -13.11
CA ILE G 133 -9.49 32.56 -13.35
C ILE G 133 -8.81 32.39 -14.69
N ALA G 134 -8.58 31.14 -15.09
CA ALA G 134 -7.89 30.84 -16.34
C ALA G 134 -8.75 31.20 -17.55
N LYS G 135 -10.04 31.33 -17.29
CA LYS G 135 -11.03 31.63 -18.32
C LYS G 135 -11.19 33.11 -18.53
N THR G 136 -10.64 33.94 -17.64
CA THR G 136 -10.86 35.38 -17.76
C THR G 136 -9.90 35.90 -18.81
N SER G 137 -10.19 37.05 -19.39
CA SER G 137 -9.23 37.56 -20.35
C SER G 137 -8.21 38.45 -19.63
N ASN G 138 -8.64 39.13 -18.56
CA ASN G 138 -7.79 40.12 -17.91
C ASN G 138 -6.96 39.72 -16.69
N LEU G 139 -7.09 38.48 -16.19
CA LEU G 139 -6.26 38.01 -15.06
C LEU G 139 -5.43 36.83 -15.47
N ASP G 140 -4.25 36.70 -14.87
CA ASP G 140 -3.32 35.66 -15.27
C ASP G 140 -3.05 34.77 -14.05
N LEU G 141 -3.41 33.49 -14.15
CA LEU G 141 -3.32 32.57 -13.02
C LEU G 141 -1.95 32.54 -12.32
N CYS G 142 -0.89 32.75 -13.08
CA CYS G 142 0.45 32.81 -12.52
C CYS G 142 0.60 33.90 -11.45
N ASP G 143 -0.35 34.82 -11.39
CA ASP G 143 -0.26 36.00 -10.54
C ASP G 143 -0.95 35.67 -9.24
N PHE G 144 -1.40 34.42 -9.12
CA PHE G 144 -2.26 34.04 -8.00
C PHE G 144 -1.63 32.92 -7.24
N SER G 145 -1.84 32.96 -5.93
CA SER G 145 -1.45 31.86 -5.05
C SER G 145 -2.50 31.62 -3.94
N CYS G 146 -2.28 30.59 -3.14
CA CYS G 146 -3.22 30.18 -2.15
C CYS G 146 -2.52 29.62 -0.93
N ARG G 147 -3.24 29.69 0.20
CA ARG G 147 -2.98 28.93 1.41
C ARG G 147 -4.20 28.11 1.62
N PHE G 148 -4.08 26.99 2.34
CA PHE G 148 -5.24 26.19 2.68
C PHE G 148 -5.02 25.40 3.95
N VAL G 149 -6.10 25.02 4.64
CA VAL G 149 -5.97 24.25 5.85
C VAL G 149 -6.97 23.14 5.82
N ILE G 150 -6.49 21.94 6.13
CA ILE G 150 -7.30 20.74 6.21
C ILE G 150 -7.83 20.48 7.61
N PHE G 151 -9.11 20.19 7.73
CA PHE G 151 -9.69 19.76 8.99
C PHE G 151 -10.10 18.29 8.85
N GLU G 152 -9.40 17.43 9.59
CA GLU G 152 -9.68 16.01 9.56
C GLU G 152 -11.08 15.74 10.08
N ALA G 153 -11.53 14.49 9.84
CA ALA G 153 -12.62 13.80 10.55
C ALA G 153 -13.44 14.67 11.47
N THR G 154 -13.22 14.54 12.76
CA THR G 154 -14.11 15.13 13.75
C THR G 154 -14.01 16.63 13.91
N GLY G 155 -13.10 17.25 13.15
CA GLY G 155 -12.89 18.68 13.27
C GLY G 155 -13.64 19.41 12.19
N SER G 156 -14.28 18.69 11.29
CA SER G 156 -14.86 19.38 10.15
C SER G 156 -15.86 20.47 10.58
N ASP G 157 -16.50 20.28 11.75
CA ASP G 157 -17.45 21.28 12.31
C ASP G 157 -16.86 22.73 12.24
N MET G 158 -15.59 22.85 12.63
CA MET G 158 -14.84 24.09 12.68
C MET G 158 -14.64 24.84 11.35
N ILE G 159 -14.82 24.19 10.21
CA ILE G 159 -14.50 24.84 8.95
C ILE G 159 -15.18 26.21 8.84
N SER G 160 -16.51 26.29 9.02
CA SER G 160 -17.23 27.58 8.94
C SER G 160 -16.69 28.65 9.84
N THR G 161 -16.20 28.23 11.00
CA THR G 161 -15.84 29.20 12.01
C THR G 161 -14.53 29.91 11.66
N VAL G 162 -13.53 29.13 11.29
CA VAL G 162 -12.33 29.73 10.76
C VAL G 162 -12.61 30.53 9.48
N GLU G 163 -13.29 29.93 8.49
CA GLU G 163 -13.63 30.71 7.31
C GLU G 163 -14.13 32.08 7.80
N ALA G 164 -15.20 32.09 8.61
CA ALA G 164 -15.83 33.33 9.06
C ALA G 164 -14.84 34.31 9.67
N ALA G 165 -14.01 33.82 10.59
CA ALA G 165 -12.95 34.68 11.17
C ALA G 165 -12.08 35.37 10.09
N LEU G 166 -11.64 34.57 9.10
CA LEU G 166 -10.77 35.09 8.05
C LEU G 166 -11.50 36.18 7.28
N ILE G 167 -12.78 35.95 6.99
CA ILE G 167 -13.46 36.92 6.15
C ILE G 167 -13.57 38.19 6.93
N LYS G 168 -13.88 38.04 8.21
CA LYS G 168 -14.09 39.17 9.06
C LYS G 168 -12.73 39.85 9.35
N ILE G 169 -11.65 39.09 9.40
CA ILE G 169 -10.37 39.74 9.64
C ILE G 169 -9.96 40.48 8.40
N TYR G 170 -9.83 39.76 7.27
CA TYR G 170 -9.17 40.31 6.07
C TYR G 170 -10.09 41.04 5.12
N LYS G 171 -11.40 40.89 5.34
CA LYS G 171 -12.42 41.51 4.47
C LYS G 171 -12.10 41.44 2.97
N PRO G 172 -11.99 40.23 2.42
CA PRO G 172 -11.32 40.23 1.11
C PRO G 172 -12.18 40.83 0.02
N LEU G 173 -11.54 41.33 -1.04
CA LEU G 173 -12.23 42.10 -2.06
C LEU G 173 -13.31 41.30 -2.73
N TRP G 174 -13.03 40.03 -2.99
CA TRP G 174 -14.00 39.21 -3.76
C TRP G 174 -15.09 38.69 -2.88
N ASN G 175 -14.99 38.84 -1.57
CA ASN G 175 -16.07 38.41 -0.70
C ASN G 175 -16.94 39.61 -0.34
N THR G 176 -16.35 40.80 -0.37
CA THR G 176 -17.06 41.91 0.22
C THR G 176 -17.42 43.03 -0.74
N VAL G 177 -16.72 43.15 -1.85
CA VAL G 177 -16.95 44.30 -2.71
C VAL G 177 -17.28 43.83 -4.13
N VAL G 178 -16.51 42.88 -4.66
CA VAL G 178 -16.75 42.29 -5.99
C VAL G 178 -17.19 40.79 -5.93
N ASP G 179 -18.47 40.59 -5.62
CA ASP G 179 -19.15 39.30 -5.52
C ASP G 179 -19.21 38.53 -6.81
N GLY G 180 -19.35 37.20 -6.70
CA GLY G 180 -19.65 36.32 -7.81
C GLY G 180 -18.58 35.27 -8.09
N PHE G 181 -17.39 35.45 -7.53
CA PHE G 181 -16.38 34.42 -7.77
C PHE G 181 -16.88 33.07 -7.20
N GLY G 182 -17.52 33.09 -6.05
CA GLY G 182 -18.02 31.86 -5.45
C GLY G 182 -19.13 31.08 -6.16
N ASN G 183 -19.82 31.69 -7.11
CA ASN G 183 -20.94 31.04 -7.78
C ASN G 183 -20.51 29.84 -8.56
N HIS G 184 -21.11 28.70 -8.25
CA HIS G 184 -21.17 27.71 -9.28
C HIS G 184 -22.15 28.24 -10.31
N THR G 185 -22.20 27.58 -11.44
CA THR G 185 -23.15 27.96 -12.42
C THR G 185 -24.59 27.96 -11.81
N PRO G 186 -25.37 29.02 -12.06
CA PRO G 186 -26.67 29.14 -11.42
C PRO G 186 -27.66 28.21 -12.04
N GLY G 187 -27.43 27.88 -13.32
CA GLY G 187 -28.26 26.91 -14.09
C GLY G 187 -29.54 27.48 -14.67
N ALA G 188 -30.24 26.68 -15.49
CA ALA G 188 -31.57 27.04 -16.02
C ALA G 188 -32.54 27.19 -14.84
N GLY G 189 -33.69 27.78 -15.02
CA GLY G 189 -34.38 28.05 -13.73
C GLY G 189 -33.80 29.26 -12.94
N ARG G 190 -32.52 29.60 -13.17
CA ARG G 190 -31.97 30.89 -12.79
C ARG G 190 -31.43 31.77 -13.98
N PHE G 191 -31.97 31.59 -15.18
CA PHE G 191 -31.48 32.32 -16.36
C PHE G 191 -31.78 33.83 -16.33
N ALA G 192 -32.75 34.19 -15.49
CA ALA G 192 -33.21 35.55 -15.35
C ALA G 192 -32.38 36.35 -14.34
N GLN G 193 -31.55 35.72 -13.53
CA GLN G 193 -30.80 36.55 -12.61
C GLN G 193 -29.79 37.43 -13.33
N ALA G 194 -29.40 38.50 -12.65
CA ALA G 194 -28.42 39.41 -13.15
C ALA G 194 -27.11 38.73 -13.07
N LYS G 195 -26.27 38.92 -14.06
CA LYS G 195 -24.94 38.39 -13.98
C LYS G 195 -24.25 39.19 -12.89
N SER G 196 -23.14 38.69 -12.36
CA SER G 196 -22.57 39.17 -11.14
C SER G 196 -21.41 40.12 -11.40
N ASP G 197 -21.21 41.01 -10.44
CA ASP G 197 -20.11 42.00 -10.49
C ASP G 197 -18.78 41.37 -10.94
N TRP G 198 -18.39 40.25 -10.30
CA TRP G 198 -17.12 39.60 -10.65
C TRP G 198 -17.09 39.38 -12.16
N ASP G 199 -18.07 38.62 -12.65
CA ASP G 199 -18.19 38.35 -14.08
C ASP G 199 -18.23 39.58 -14.97
N VAL G 200 -18.91 40.64 -14.52
CA VAL G 200 -18.96 41.82 -15.35
C VAL G 200 -17.54 42.40 -15.60
N ILE G 201 -16.69 42.47 -14.59
CA ILE G 201 -15.34 42.96 -14.86
C ILE G 201 -14.34 41.86 -15.26
N HIS G 202 -14.66 40.61 -14.96
CA HIS G 202 -13.80 39.49 -15.35
C HIS G 202 -14.58 38.53 -16.22
N PRO G 203 -14.98 38.97 -17.41
CA PRO G 203 -15.52 37.99 -18.36
C PRO G 203 -14.40 37.01 -18.84
N GLY G 204 -14.73 35.79 -19.28
CA GLY G 204 -16.06 35.25 -19.32
C GLY G 204 -16.06 33.77 -18.98
N ARG G 205 -16.75 33.43 -17.89
CA ARG G 205 -17.21 32.09 -17.74
C ARG G 205 -18.40 32.10 -18.68
N GLU G 206 -18.54 31.05 -19.50
CA GLU G 206 -19.62 31.01 -20.49
C GLU G 206 -20.98 31.19 -19.88
N TRP G 207 -21.19 30.65 -18.69
CA TRP G 207 -22.51 30.73 -18.05
C TRP G 207 -22.95 32.13 -17.60
N ALA G 208 -22.01 32.99 -17.23
CA ALA G 208 -22.28 34.41 -17.02
C ALA G 208 -23.04 35.03 -18.21
N GLU G 209 -22.58 34.72 -19.42
CA GLU G 209 -23.10 35.36 -20.59
C GLU G 209 -24.56 34.98 -20.74
N LYS G 210 -24.93 33.81 -20.23
CA LYS G 210 -26.31 33.33 -20.28
C LYS G 210 -27.20 33.92 -19.18
N CYS G 211 -26.63 34.77 -18.32
CA CYS G 211 -27.43 35.45 -17.28
C CYS G 211 -27.92 36.77 -17.81
N THR G 212 -29.24 36.99 -17.78
CA THR G 212 -29.80 38.03 -18.62
C THR G 212 -30.56 39.12 -17.87
N GLY G 213 -30.63 39.00 -16.55
CA GLY G 213 -31.13 40.10 -15.71
C GLY G 213 -30.25 41.35 -15.76
N VAL G 214 -30.71 42.41 -15.12
CA VAL G 214 -29.98 43.68 -15.19
C VAL G 214 -28.86 43.81 -14.13
N HIS G 215 -27.64 44.01 -14.60
CA HIS G 215 -26.49 43.96 -13.71
C HIS G 215 -25.83 45.31 -13.47
N SER G 216 -25.02 45.44 -12.40
CA SER G 216 -24.21 46.63 -12.19
C SER G 216 -23.23 46.79 -13.35
N GLU G 217 -23.01 48.03 -13.75
CA GLU G 217 -22.10 48.39 -14.85
C GLU G 217 -20.75 48.79 -14.23
N PRO G 218 -19.68 48.72 -15.04
CA PRO G 218 -18.31 48.85 -14.57
C PRO G 218 -17.96 50.04 -13.68
N TYR G 219 -18.31 51.27 -14.08
CA TYR G 219 -18.12 52.43 -13.24
C TYR G 219 -18.37 52.17 -11.74
N PHE G 220 -19.54 51.60 -11.42
CA PHE G 220 -19.97 51.39 -10.06
C PHE G 220 -19.03 50.45 -9.37
N ILE G 221 -18.90 49.25 -9.92
CA ILE G 221 -17.91 48.27 -9.44
C ILE G 221 -16.57 48.96 -9.27
N GLU G 222 -16.03 49.44 -10.39
CA GLU G 222 -14.73 50.09 -10.40
C GLU G 222 -14.59 51.16 -9.30
N GLU G 223 -15.63 51.95 -9.04
CA GLU G 223 -15.53 52.94 -7.95
C GLU G 223 -15.39 52.28 -6.60
N ARG G 224 -16.04 51.13 -6.42
CA ARG G 224 -16.05 50.50 -5.12
C ARG G 224 -14.71 49.80 -4.84
N ILE G 225 -14.10 49.22 -5.87
CA ILE G 225 -12.73 48.79 -5.77
C ILE G 225 -11.85 49.95 -5.26
N LYS G 226 -11.93 51.12 -5.87
CA LYS G 226 -11.06 52.23 -5.42
C LYS G 226 -11.31 52.57 -3.94
N GLN G 227 -12.58 52.50 -3.56
CA GLN G 227 -13.05 52.88 -2.25
C GLN G 227 -12.44 51.93 -1.25
N TYR G 228 -12.26 50.68 -1.68
CA TYR G 228 -11.65 49.65 -0.85
C TYR G 228 -10.18 50.01 -0.54
N PHE G 229 -9.45 50.43 -1.54
CA PHE G 229 -8.07 50.81 -1.33
C PHE G 229 -7.91 52.27 -0.92
N SER G 230 -9.03 52.93 -0.57
CA SER G 230 -9.08 54.29 0.03
C SER G 230 -8.63 55.40 -0.91
N LYS G 231 -8.42 55.08 -2.19
CA LYS G 231 -7.85 56.03 -3.15
C LYS G 231 -8.69 56.20 -4.44
N HIS H 23 -61.77 -36.70 40.96
CA HIS H 23 -61.36 -36.50 42.40
C HIS H 23 -61.83 -37.60 43.43
N ASN H 24 -62.88 -37.29 44.22
CA ASN H 24 -63.35 -38.04 45.42
C ASN H 24 -63.02 -37.31 46.73
N LYS H 25 -62.02 -36.43 46.67
CA LYS H 25 -61.51 -35.71 47.85
C LYS H 25 -62.37 -34.48 48.25
N LYS H 26 -61.83 -33.68 49.16
CA LYS H 26 -62.13 -32.26 49.19
C LYS H 26 -61.08 -31.65 48.24
N PHE H 27 -61.07 -30.33 48.10
CA PHE H 27 -59.96 -29.69 47.44
C PHE H 27 -59.19 -28.99 48.52
N ASP H 28 -57.92 -29.30 48.67
CA ASP H 28 -57.10 -28.72 49.72
C ASP H 28 -55.79 -28.25 49.14
N ARG H 29 -55.81 -27.07 48.53
CA ARG H 29 -54.64 -26.48 47.92
C ARG H 29 -53.37 -26.88 48.64
N SER H 30 -53.40 -26.75 49.96
CA SER H 30 -52.30 -27.15 50.83
C SER H 30 -51.66 -28.55 50.51
N GLU H 31 -52.47 -29.56 50.19
CA GLU H 31 -51.95 -30.90 49.79
C GLU H 31 -51.09 -31.00 48.52
N HIS H 32 -50.94 -29.89 47.79
CA HIS H 32 -50.14 -29.85 46.56
C HIS H 32 -48.92 -29.00 46.70
N VAL H 33 -48.68 -28.47 47.89
CA VAL H 33 -47.61 -27.48 48.07
C VAL H 33 -46.31 -28.19 48.40
N TYR H 34 -45.24 -27.84 47.69
CA TYR H 34 -43.94 -28.39 47.98
C TYR H 34 -43.05 -27.29 48.58
N ARG H 35 -42.74 -27.40 49.87
CA ARG H 35 -41.89 -26.44 50.55
C ARG H 35 -40.45 -26.90 50.36
N ASN H 36 -39.63 -26.04 49.75
CA ASN H 36 -38.20 -26.30 49.65
C ASN H 36 -37.32 -25.05 49.52
N ASP H 37 -36.13 -25.11 50.12
CA ASP H 37 -35.28 -23.96 50.38
C ASP H 37 -33.85 -24.11 49.90
N SER H 38 -33.42 -25.35 49.76
CA SER H 38 -32.02 -25.61 49.46
C SER H 38 -31.77 -25.71 47.99
N PHE H 39 -32.82 -25.80 47.18
CA PHE H 39 -32.57 -25.85 45.75
C PHE H 39 -32.08 -24.51 45.24
N LEU H 40 -32.60 -23.44 45.83
CA LEU H 40 -32.12 -22.08 45.61
C LEU H 40 -30.61 -21.93 45.82
N GLU H 41 -30.05 -22.61 46.82
CA GLU H 41 -28.60 -22.63 47.07
C GLU H 41 -27.82 -23.27 45.93
N LEU H 42 -28.45 -24.20 45.23
CA LEU H 42 -27.77 -24.84 44.12
C LEU H 42 -27.56 -23.84 43.00
N ILE H 43 -28.61 -23.07 42.72
CA ILE H 43 -28.53 -21.99 41.73
C ILE H 43 -27.45 -20.98 42.12
N LYS H 44 -27.51 -20.53 43.37
CA LYS H 44 -26.47 -19.68 43.89
C LYS H 44 -25.10 -20.26 43.51
N ASP H 45 -24.86 -21.52 43.86
CA ASP H 45 -23.56 -22.13 43.59
C ASP H 45 -23.23 -22.08 42.10
N ALA H 46 -24.23 -22.32 41.27
CA ALA H 46 -24.04 -22.39 39.84
C ALA H 46 -23.81 -21.01 39.27
N VAL H 47 -24.61 -20.07 39.73
CA VAL H 47 -24.50 -18.66 39.37
C VAL H 47 -23.14 -18.07 39.81
N ARG H 48 -22.72 -18.34 41.03
CA ARG H 48 -21.41 -17.86 41.47
C ARG H 48 -20.29 -18.55 40.69
N PHE H 49 -20.41 -19.85 40.44
CA PHE H 49 -19.39 -20.55 39.68
C PHE H 49 -19.26 -19.97 38.30
N PHE H 50 -20.40 -19.76 37.64
CA PHE H 50 -20.38 -19.18 36.32
C PHE H 50 -19.50 -17.94 36.36
N SER H 51 -19.85 -17.00 37.23
CA SER H 51 -19.03 -15.79 37.48
C SER H 51 -17.52 -15.99 37.53
N GLY H 52 -17.06 -17.17 37.92
CA GLY H 52 -15.63 -17.40 38.09
C GLY H 52 -14.92 -17.88 36.85
N THR H 53 -15.69 -18.35 35.88
CA THR H 53 -15.14 -19.10 34.77
C THR H 53 -14.34 -18.18 33.86
N PRO H 54 -13.32 -18.72 33.16
CA PRO H 54 -12.41 -17.91 32.35
C PRO H 54 -13.12 -17.22 31.24
N VAL H 55 -12.77 -15.97 31.00
CA VAL H 55 -13.35 -15.17 29.93
C VAL H 55 -12.58 -15.43 28.65
N HIS H 56 -13.30 -15.65 27.55
CA HIS H 56 -12.67 -15.78 26.25
C HIS H 56 -13.33 -14.83 25.27
N SER H 57 -12.62 -14.47 24.20
CA SER H 57 -13.22 -13.68 23.11
C SER H 57 -14.39 -14.41 22.44
N LEU H 58 -15.02 -13.79 21.45
CA LEU H 58 -16.14 -14.44 20.76
C LEU H 58 -15.79 -14.69 19.30
N PRO H 59 -15.76 -15.98 18.87
CA PRO H 59 -16.00 -17.15 19.73
C PRO H 59 -14.75 -17.52 20.50
N PRO H 60 -14.86 -18.42 21.48
CA PRO H 60 -13.69 -18.98 22.16
C PRO H 60 -12.68 -19.58 21.17
N PRO H 61 -11.38 -19.57 21.52
CA PRO H 61 -10.28 -19.99 20.64
C PRO H 61 -10.34 -21.42 20.10
N GLU H 62 -11.05 -22.32 20.79
CA GLU H 62 -11.12 -23.70 20.37
C GLU H 62 -12.54 -24.17 20.45
N ARG H 63 -12.85 -25.21 19.69
CA ARG H 63 -14.15 -25.86 19.81
C ARG H 63 -14.12 -26.94 20.89
N PHE H 64 -15.28 -27.23 21.46
CA PHE H 64 -15.38 -28.10 22.60
C PHE H 64 -16.77 -28.71 22.65
N GLN H 65 -16.85 -29.88 23.28
CA GLN H 65 -18.10 -30.59 23.41
C GLN H 65 -18.78 -30.24 24.71
N GLY H 66 -20.11 -30.27 24.71
CA GLY H 66 -20.92 -29.96 25.90
C GLY H 66 -22.16 -29.14 25.63
N ALA H 67 -23.10 -29.22 26.56
CA ALA H 67 -24.30 -28.37 26.50
C ALA H 67 -24.28 -27.48 27.73
N GLY H 68 -24.91 -26.31 27.69
CA GLY H 68 -24.93 -25.50 28.89
C GLY H 68 -25.34 -24.09 28.67
N VAL H 69 -24.74 -23.18 29.47
CA VAL H 69 -25.09 -21.77 29.43
C VAL H 69 -23.88 -20.87 29.05
N PHE H 70 -24.14 -19.68 28.50
CA PHE H 70 -23.07 -18.75 28.16
C PHE H 70 -23.60 -17.34 28.31
N ALA H 71 -22.67 -16.40 28.51
CA ALA H 71 -22.96 -14.98 28.53
C ALA H 71 -22.05 -14.23 27.55
N LEU H 72 -22.58 -13.18 26.96
CA LEU H 72 -21.79 -12.28 26.09
C LEU H 72 -21.45 -10.90 26.68
N TYR H 73 -20.22 -10.44 26.41
CA TYR H 73 -19.75 -9.15 26.92
C TYR H 73 -19.37 -8.12 25.87
N TYR H 74 -19.79 -6.87 26.09
CA TYR H 74 -19.35 -5.76 25.23
C TYR H 74 -18.34 -4.83 25.88
N THR H 75 -17.34 -4.44 25.10
CA THR H 75 -16.30 -3.54 25.58
C THR H 75 -16.03 -2.39 24.58
N GLY H 76 -16.87 -2.32 23.55
CA GLY H 76 -16.67 -1.36 22.47
C GLY H 76 -17.26 0.03 22.67
N HIS H 77 -17.20 0.80 21.59
CA HIS H 77 -17.56 2.19 21.65
C HIS H 77 -18.62 2.55 20.66
N TYR H 78 -19.39 1.60 20.16
CA TYR H 78 -20.58 2.00 19.42
C TYR H 78 -21.46 2.90 20.33
N SER H 79 -21.73 4.12 19.85
CA SER H 79 -22.33 5.21 20.67
C SER H 79 -23.26 4.70 21.76
N LEU H 80 -24.39 4.11 21.35
CA LEU H 80 -25.46 3.66 22.30
C LEU H 80 -24.93 2.80 23.45
N TYR H 81 -23.92 1.99 23.17
CA TYR H 81 -23.44 0.98 24.11
C TYR H 81 -22.14 1.39 24.82
N ASP H 82 -21.72 2.63 24.56
CA ASP H 82 -20.42 3.13 24.99
C ASP H 82 -20.20 2.93 26.48
N GLU H 83 -21.26 3.10 27.25
CA GLU H 83 -21.28 2.92 28.71
C GLU H 83 -20.65 1.58 29.21
N TYR H 84 -20.84 0.52 28.42
CA TYR H 84 -20.24 -0.77 28.73
C TYR H 84 -18.72 -0.68 28.78
N SER H 85 -18.14 0.11 27.89
CA SER H 85 -16.69 0.26 27.90
C SER H 85 -16.23 0.86 29.22
N ARG H 86 -17.15 1.50 29.94
CA ARG H 86 -16.83 2.03 31.27
C ARG H 86 -17.24 1.04 32.37
N ILE H 87 -18.32 0.29 32.18
CA ILE H 87 -18.74 -0.73 33.16
C ILE H 87 -17.81 -1.95 33.17
N ASN H 88 -17.47 -2.41 31.96
CA ASN H 88 -16.60 -3.55 31.81
C ASN H 88 -15.12 -3.21 31.64
N ARG H 89 -14.76 -1.95 31.90
CA ARG H 89 -13.39 -1.48 31.77
C ARG H 89 -12.41 -2.37 32.58
N LYS H 90 -12.69 -2.57 33.86
CA LYS H 90 -11.80 -3.31 34.78
C LYS H 90 -12.00 -4.82 34.86
N ALA H 91 -13.22 -5.28 34.58
CA ALA H 91 -13.58 -6.69 34.69
C ALA H 91 -14.79 -6.95 33.80
N TYR H 92 -15.03 -8.21 33.48
CA TYR H 92 -16.19 -8.55 32.69
C TYR H 92 -17.44 -8.71 33.57
N ASN H 93 -18.05 -7.58 33.90
CA ASN H 93 -19.07 -7.49 34.94
C ASN H 93 -20.48 -7.77 34.48
N LEU H 94 -20.94 -6.94 33.54
CA LEU H 94 -22.32 -6.89 33.09
C LEU H 94 -22.42 -7.38 31.66
N PRO H 95 -23.11 -8.51 31.46
CA PRO H 95 -23.35 -9.12 30.15
C PRO H 95 -24.41 -8.36 29.32
N ILE H 96 -24.33 -8.45 28.01
CA ILE H 96 -25.29 -7.75 27.15
C ILE H 96 -26.36 -8.73 26.74
N TYR H 97 -26.02 -10.02 26.84
CA TYR H 97 -26.91 -11.09 26.47
C TYR H 97 -26.51 -12.43 27.06
N VAL H 98 -27.52 -13.19 27.49
CA VAL H 98 -27.35 -14.51 28.09
C VAL H 98 -28.24 -15.52 27.40
N GLY H 99 -27.66 -16.65 27.00
CA GLY H 99 -28.45 -17.67 26.31
C GLY H 99 -28.17 -19.05 26.84
N LYS H 100 -28.77 -20.06 26.21
CA LYS H 100 -28.47 -21.47 26.55
C LYS H 100 -28.34 -22.33 25.29
N ALA H 101 -27.78 -23.51 25.46
CA ALA H 101 -27.75 -24.53 24.39
C ALA H 101 -27.84 -25.89 25.07
N VAL H 102 -28.83 -26.69 24.67
CA VAL H 102 -29.33 -27.83 25.44
C VAL H 102 -28.91 -29.01 24.58
N PRO H 103 -28.75 -30.22 25.14
CA PRO H 103 -28.18 -31.19 24.18
C PRO H 103 -29.24 -31.72 23.20
N ALA H 104 -28.78 -32.29 22.08
CA ALA H 104 -29.63 -32.73 20.96
C ALA H 104 -30.55 -33.88 21.35
N GLY H 105 -31.82 -33.74 20.99
CA GLY H 105 -32.85 -34.68 21.40
C GLY H 105 -33.40 -34.42 22.78
N TRP H 106 -33.28 -33.18 23.25
CA TRP H 106 -33.83 -32.75 24.55
C TRP H 106 -35.33 -32.59 24.50
N ARG H 107 -35.86 -32.17 23.33
CA ARG H 107 -37.27 -31.81 23.18
C ARG H 107 -38.15 -33.03 23.29
N GLN H 108 -37.63 -34.19 22.91
CA GLN H 108 -38.39 -35.42 23.03
C GLN H 108 -37.62 -36.46 23.80
N SER H 109 -36.73 -35.94 24.65
CA SER H 109 -36.07 -36.69 25.71
C SER H 109 -35.40 -37.98 25.22
N ARG H 110 -35.10 -38.04 23.93
CA ARG H 110 -34.27 -39.10 23.39
C ARG H 110 -32.87 -38.50 23.25
N ILE H 111 -32.03 -38.70 24.28
CA ILE H 111 -30.71 -38.08 24.43
C ILE H 111 -29.62 -38.73 23.54
N SER H 112 -28.35 -38.46 23.82
CA SER H 112 -27.28 -39.30 23.30
C SER H 112 -27.66 -40.67 23.83
N ASP H 113 -28.39 -41.45 23.02
CA ASP H 113 -28.97 -42.76 23.44
C ASP H 113 -28.03 -43.99 23.37
N HIS H 114 -27.51 -44.46 22.22
CA HIS H 114 -27.78 -44.12 20.78
C HIS H 114 -27.79 -42.64 20.29
N GLU H 115 -26.66 -42.06 19.86
CA GLU H 115 -25.29 -42.58 19.97
C GLU H 115 -24.34 -41.35 20.13
N THR H 116 -24.68 -40.46 21.07
CA THR H 116 -23.99 -39.19 21.23
C THR H 116 -23.73 -38.78 22.70
N ARG H 117 -24.24 -37.60 23.09
CA ARG H 117 -23.81 -36.80 24.27
C ARG H 117 -22.45 -36.10 24.04
N ALA H 118 -21.63 -36.68 23.14
CA ALA H 118 -20.40 -36.06 22.62
C ALA H 118 -20.65 -34.92 21.57
N GLY H 119 -21.88 -34.40 21.52
CA GLY H 119 -22.26 -33.24 20.70
C GLY H 119 -21.62 -31.98 21.24
N SER H 120 -21.63 -30.90 20.47
CA SER H 120 -21.00 -29.69 20.93
C SER H 120 -21.88 -28.50 20.61
N GLU H 121 -23.10 -28.57 21.14
CA GLU H 121 -24.10 -27.58 20.85
C GLU H 121 -23.81 -26.24 21.56
N LEU H 122 -23.26 -26.26 22.77
CA LEU H 122 -22.92 -24.98 23.41
C LEU H 122 -22.00 -24.17 22.56
N SER H 123 -20.84 -24.73 22.22
CA SER H 123 -19.85 -24.13 21.33
C SER H 123 -20.50 -23.62 20.07
N ASN H 124 -21.21 -24.51 19.37
CA ASN H 124 -21.89 -24.16 18.14
C ASN H 124 -22.83 -22.97 18.18
N ARG H 125 -23.65 -22.85 19.22
CA ARG H 125 -24.49 -21.65 19.33
C ARG H 125 -23.73 -20.40 19.67
N ILE H 126 -22.70 -20.54 20.49
CA ILE H 126 -21.83 -19.40 20.76
C ILE H 126 -21.31 -18.87 19.41
N ARG H 127 -20.96 -19.76 18.50
CA ARG H 127 -20.43 -19.33 17.21
C ARG H 127 -21.49 -18.73 16.27
N GLU H 128 -22.71 -19.30 16.25
CA GLU H 128 -23.77 -18.74 15.42
C GLU H 128 -24.02 -17.34 15.92
N HIS H 129 -23.79 -17.16 17.21
CA HIS H 129 -23.93 -15.83 17.74
C HIS H 129 -22.84 -14.88 17.22
N GLY H 130 -21.59 -15.32 17.29
CA GLY H 130 -20.48 -14.56 16.80
C GLY H 130 -20.85 -14.16 15.40
N ARG H 131 -21.28 -15.12 14.61
CA ARG H 131 -21.47 -14.89 13.18
C ARG H 131 -22.52 -13.86 12.87
N ASN H 132 -23.65 -13.93 13.59
CA ASN H 132 -24.71 -12.90 13.48
C ASN H 132 -24.18 -11.51 13.75
N ILE H 133 -23.48 -11.38 14.87
CA ILE H 133 -22.77 -10.14 15.16
C ILE H 133 -21.88 -9.70 14.01
N ALA H 134 -21.05 -10.61 13.49
CA ALA H 134 -20.16 -10.28 12.36
C ALA H 134 -20.94 -9.70 11.19
N LYS H 135 -22.23 -10.04 11.11
CA LYS H 135 -23.07 -9.58 10.00
C LYS H 135 -23.53 -8.13 10.09
N THR H 136 -23.57 -7.59 11.30
CA THR H 136 -24.06 -6.23 11.50
C THR H 136 -23.11 -5.23 10.88
N SER H 137 -23.65 -4.08 10.50
CA SER H 137 -22.79 -3.06 9.92
C SER H 137 -22.17 -2.17 11.01
N ASN H 138 -22.76 -2.22 12.22
CA ASN H 138 -22.33 -1.32 13.31
C ASN H 138 -21.79 -1.92 14.61
N LEU H 139 -21.56 -3.24 14.65
CA LEU H 139 -20.85 -3.85 15.76
C LEU H 139 -19.59 -4.61 15.32
N ASP H 140 -18.55 -4.47 16.12
CA ASP H 140 -17.32 -5.17 15.85
C ASP H 140 -17.11 -6.34 16.78
N LEU H 141 -16.90 -7.51 16.19
CA LEU H 141 -16.80 -8.78 16.90
C LEU H 141 -15.70 -8.83 17.98
N CYS H 142 -14.59 -8.13 17.70
CA CYS H 142 -13.45 -8.04 18.61
C CYS H 142 -13.80 -7.34 19.89
N ASP H 143 -14.91 -6.60 19.88
CA ASP H 143 -15.38 -5.85 21.06
C ASP H 143 -16.26 -6.69 21.94
N PHE H 144 -16.35 -7.98 21.63
CA PHE H 144 -17.16 -8.92 22.38
C PHE H 144 -16.36 -10.04 22.99
N SER H 145 -16.75 -10.41 24.19
CA SER H 145 -16.16 -11.55 24.84
C SER H 145 -17.26 -12.43 25.38
N CYS H 146 -16.89 -13.60 25.92
CA CYS H 146 -17.91 -14.48 26.50
C CYS H 146 -17.42 -15.33 27.66
N ARG H 147 -18.38 -15.82 28.43
CA ARG H 147 -18.18 -16.83 29.48
C ARG H 147 -19.12 -17.98 29.18
N PHE H 148 -18.79 -19.19 29.58
CA PHE H 148 -19.74 -20.29 29.41
C PHE H 148 -19.56 -21.35 30.47
N VAL H 149 -20.65 -22.04 30.81
CA VAL H 149 -20.57 -23.16 31.71
C VAL H 149 -21.14 -24.38 31.00
N ILE H 150 -20.41 -25.49 31.06
CA ILE H 150 -20.92 -26.77 30.59
C ILE H 150 -21.54 -27.50 31.79
N PHE H 151 -22.80 -27.92 31.65
CA PHE H 151 -23.43 -28.86 32.58
C PHE H 151 -23.34 -30.23 31.97
N GLU H 152 -22.76 -31.19 32.68
CA GLU H 152 -22.69 -32.53 32.12
C GLU H 152 -23.97 -33.32 32.36
N ALA H 153 -24.06 -34.46 31.68
CA ALA H 153 -25.20 -35.38 31.77
C ALA H 153 -25.93 -35.27 33.10
N THR H 154 -27.26 -35.26 33.08
CA THR H 154 -28.04 -35.22 34.34
C THR H 154 -27.96 -33.90 35.09
N GLY H 155 -26.97 -33.07 34.76
CA GLY H 155 -26.99 -31.69 35.21
C GLY H 155 -27.67 -30.86 34.12
N SER H 156 -27.81 -31.43 32.92
CA SER H 156 -28.44 -30.66 31.85
C SER H 156 -29.91 -30.30 32.09
N ASP H 157 -30.64 -31.11 32.85
CA ASP H 157 -31.94 -30.70 33.36
C ASP H 157 -31.94 -29.27 33.91
N MET H 158 -30.80 -28.82 34.43
CA MET H 158 -30.70 -27.52 35.08
C MET H 158 -30.52 -26.32 34.15
N ILE H 159 -30.14 -26.59 32.90
CA ILE H 159 -29.66 -25.53 32.03
C ILE H 159 -30.63 -24.35 31.97
N SER H 160 -31.79 -24.61 31.40
CA SER H 160 -32.96 -23.75 31.53
C SER H 160 -32.95 -22.80 32.71
N THR H 161 -32.78 -23.35 33.91
CA THR H 161 -33.00 -22.59 35.13
C THR H 161 -31.84 -21.63 35.43
N VAL H 162 -30.60 -22.07 35.20
CA VAL H 162 -29.45 -21.22 35.49
C VAL H 162 -29.53 -19.98 34.61
N GLU H 163 -29.86 -20.20 33.35
CA GLU H 163 -30.06 -19.11 32.38
C GLU H 163 -31.08 -18.13 32.92
N ALA H 164 -32.23 -18.63 33.36
CA ALA H 164 -33.25 -17.73 33.94
C ALA H 164 -32.74 -16.91 35.12
N ALA H 165 -32.05 -17.54 36.07
CA ALA H 165 -31.42 -16.81 37.17
C ALA H 165 -30.42 -15.77 36.71
N LEU H 166 -29.52 -16.16 35.80
CA LEU H 166 -28.54 -15.24 35.25
C LEU H 166 -29.22 -14.03 34.66
N ILE H 167 -30.33 -14.25 33.99
CA ILE H 167 -31.04 -13.14 33.41
C ILE H 167 -31.69 -12.31 34.50
N LYS H 168 -32.20 -12.97 35.54
CA LYS H 168 -32.82 -12.21 36.63
C LYS H 168 -31.81 -11.32 37.34
N ILE H 169 -30.56 -11.75 37.32
CA ILE H 169 -29.53 -11.10 38.12
C ILE H 169 -28.91 -9.94 37.36
N TYR H 170 -28.56 -10.19 36.11
CA TYR H 170 -27.89 -9.21 35.32
C TYR H 170 -28.82 -8.39 34.45
N LYS H 171 -30.07 -8.82 34.29
CA LYS H 171 -30.99 -8.13 33.37
C LYS H 171 -30.20 -7.56 32.18
N PRO H 172 -29.71 -8.42 31.29
CA PRO H 172 -28.87 -8.03 30.17
C PRO H 172 -29.64 -7.36 29.07
N LEU H 173 -29.19 -6.18 28.68
CA LEU H 173 -29.88 -5.31 27.74
C LEU H 173 -30.66 -6.02 26.63
N TRP H 174 -29.98 -6.92 25.94
CA TRP H 174 -30.59 -7.64 24.84
C TRP H 174 -31.72 -8.56 25.32
N ASN H 175 -31.54 -9.30 26.41
CA ASN H 175 -32.65 -10.11 26.89
C ASN H 175 -33.78 -9.25 27.37
N THR H 176 -33.48 -8.20 28.12
CA THR H 176 -34.54 -7.44 28.78
C THR H 176 -35.05 -6.19 28.08
N VAL H 177 -34.24 -5.63 27.18
CA VAL H 177 -34.68 -4.44 26.43
C VAL H 177 -34.60 -4.62 24.92
N VAL H 178 -33.42 -4.83 24.36
CA VAL H 178 -33.34 -4.83 22.89
C VAL H 178 -33.49 -6.22 22.30
N ASP H 179 -34.73 -6.71 22.27
CA ASP H 179 -35.11 -8.05 21.82
C ASP H 179 -34.71 -8.46 20.42
N GLY H 180 -34.50 -9.75 20.22
CA GLY H 180 -34.35 -10.19 18.84
C GLY H 180 -33.10 -10.98 18.54
N PHE H 181 -31.97 -10.61 19.14
CA PHE H 181 -30.73 -11.36 18.89
C PHE H 181 -30.88 -12.88 18.97
N GLY H 182 -31.86 -13.35 19.74
CA GLY H 182 -32.04 -14.76 19.92
C GLY H 182 -32.55 -15.46 18.69
N ASN H 183 -33.31 -14.74 17.87
CA ASN H 183 -34.00 -15.29 16.71
C ASN H 183 -33.05 -16.03 15.80
N HIS H 184 -33.34 -17.29 15.51
CA HIS H 184 -32.95 -17.87 14.24
C HIS H 184 -33.86 -17.32 13.15
N THR H 185 -33.63 -17.70 11.90
CA THR H 185 -34.50 -17.19 10.85
C THR H 185 -35.96 -17.68 11.03
N PRO H 186 -36.94 -16.75 10.95
CA PRO H 186 -38.30 -17.20 11.19
C PRO H 186 -38.80 -18.04 10.03
N GLY H 187 -38.26 -17.77 8.85
CA GLY H 187 -38.56 -18.55 7.65
C GLY H 187 -39.88 -18.14 7.06
N ALA H 188 -40.16 -18.65 5.86
CA ALA H 188 -41.49 -18.47 5.26
C ALA H 188 -42.52 -18.97 6.28
N GLY H 189 -43.80 -18.75 6.04
CA GLY H 189 -44.70 -19.19 7.08
C GLY H 189 -44.81 -18.16 8.18
N ARG H 190 -43.72 -17.45 8.47
CA ARG H 190 -43.72 -16.35 9.45
C ARG H 190 -43.29 -14.97 8.91
N PHE H 191 -43.10 -14.85 7.60
CA PHE H 191 -42.59 -13.61 7.00
C PHE H 191 -43.38 -12.35 7.31
N ALA H 192 -44.60 -12.48 7.82
CA ALA H 192 -45.43 -11.32 8.00
C ALA H 192 -45.26 -10.74 9.38
N GLN H 193 -44.33 -11.24 10.16
CA GLN H 193 -44.11 -10.61 11.48
C GLN H 193 -43.21 -9.39 11.40
N ALA H 194 -43.07 -8.69 12.51
CA ALA H 194 -42.33 -7.44 12.53
C ALA H 194 -40.85 -7.64 12.82
N LYS H 195 -40.00 -6.95 12.08
CA LYS H 195 -38.56 -6.90 12.30
C LYS H 195 -38.37 -6.68 13.77
N SER H 196 -37.50 -7.44 14.43
CA SER H 196 -37.22 -7.24 15.88
C SER H 196 -36.42 -5.95 16.23
N ASP H 197 -36.74 -5.35 17.37
CA ASP H 197 -35.96 -4.27 17.93
C ASP H 197 -34.47 -4.44 17.60
N TRP H 198 -33.84 -5.54 18.00
CA TRP H 198 -32.40 -5.77 17.72
C TRP H 198 -32.01 -5.53 16.27
N ASP H 199 -32.83 -6.01 15.35
CA ASP H 199 -32.49 -5.93 13.95
C ASP H 199 -32.63 -4.50 13.51
N VAL H 200 -33.70 -3.85 13.99
CA VAL H 200 -33.96 -2.50 13.54
C VAL H 200 -32.85 -1.53 13.92
N ILE H 201 -32.13 -1.84 15.01
CA ILE H 201 -30.89 -1.09 15.32
C ILE H 201 -29.59 -1.72 14.79
N HIS H 202 -29.60 -3.01 14.51
CA HIS H 202 -28.41 -3.65 13.97
C HIS H 202 -28.71 -4.44 12.70
N PRO H 203 -28.91 -3.76 11.56
CA PRO H 203 -28.85 -4.53 10.33
C PRO H 203 -27.40 -5.02 10.18
N GLY H 204 -27.12 -6.03 9.35
CA GLY H 204 -28.07 -6.59 8.42
C GLY H 204 -28.00 -8.08 8.42
N ARG H 205 -28.89 -8.67 9.19
CA ARG H 205 -29.21 -10.04 8.99
C ARG H 205 -30.17 -10.16 7.80
N GLU H 206 -29.68 -10.65 6.68
CA GLU H 206 -30.51 -11.00 5.50
C GLU H 206 -32.01 -11.18 5.79
N TRP H 207 -32.33 -12.08 6.72
CA TRP H 207 -33.70 -12.51 6.89
C TRP H 207 -34.64 -11.46 7.51
N ALA H 208 -34.07 -10.53 8.30
CA ALA H 208 -34.87 -9.48 8.95
C ALA H 208 -35.56 -8.60 7.90
N GLU H 209 -34.86 -8.31 6.79
CA GLU H 209 -35.40 -7.56 5.66
C GLU H 209 -36.63 -8.24 5.10
N LYS H 210 -36.69 -9.58 5.12
CA LYS H 210 -37.88 -10.26 4.64
C LYS H 210 -39.16 -10.06 5.50
N CYS H 211 -39.00 -9.74 6.79
CA CYS H 211 -40.15 -9.49 7.66
C CYS H 211 -40.89 -8.18 7.31
N THR H 212 -42.21 -8.22 7.40
CA THR H 212 -43.01 -7.11 6.89
C THR H 212 -43.97 -6.47 7.91
N GLY H 213 -44.02 -7.03 9.11
CA GLY H 213 -44.83 -6.43 10.18
C GLY H 213 -44.47 -4.98 10.47
N VAL H 214 -45.42 -4.25 11.05
CA VAL H 214 -45.09 -2.92 11.51
C VAL H 214 -44.23 -3.09 12.77
N HIS H 215 -43.01 -2.58 12.70
CA HIS H 215 -42.02 -2.77 13.74
C HIS H 215 -41.86 -1.47 14.55
N SER H 216 -41.24 -1.55 15.72
CA SER H 216 -40.96 -0.40 16.55
C SER H 216 -39.96 0.59 15.92
N GLU H 217 -39.92 1.80 16.48
CA GLU H 217 -39.17 2.88 15.87
C GLU H 217 -37.83 3.04 16.56
N PRO H 218 -36.74 3.21 15.77
CA PRO H 218 -35.42 3.49 16.31
C PRO H 218 -35.38 4.48 17.50
N TYR H 219 -36.05 5.61 17.39
CA TYR H 219 -36.05 6.63 18.48
C TYR H 219 -36.51 6.06 19.81
N PHE H 220 -37.49 5.16 19.77
CA PHE H 220 -38.04 4.61 20.98
C PHE H 220 -37.22 3.47 21.51
N ILE H 221 -36.56 2.78 20.59
CA ILE H 221 -35.53 1.79 20.92
C ILE H 221 -34.29 2.47 21.55
N GLU H 222 -33.75 3.52 20.90
CA GLU H 222 -32.65 4.27 21.49
C GLU H 222 -33.07 4.85 22.84
N GLU H 223 -34.31 5.30 22.94
CA GLU H 223 -34.83 5.93 24.15
C GLU H 223 -34.96 4.92 25.25
N ARG H 224 -35.20 3.66 24.88
CA ARG H 224 -35.20 2.59 25.86
C ARG H 224 -33.77 2.25 26.32
N ILE H 225 -32.81 2.26 25.39
CA ILE H 225 -31.41 1.99 25.76
C ILE H 225 -30.92 3.08 26.72
N LYS H 226 -31.17 4.35 26.40
CA LYS H 226 -30.83 5.42 27.34
C LYS H 226 -31.42 5.13 28.71
N GLN H 227 -32.67 4.66 28.76
CA GLN H 227 -33.28 4.37 30.05
C GLN H 227 -32.56 3.26 30.83
N TYR H 228 -32.13 2.21 30.13
CA TYR H 228 -31.45 1.12 30.79
C TYR H 228 -30.30 1.62 31.63
N PHE H 229 -29.61 2.65 31.15
CA PHE H 229 -28.43 3.12 31.85
C PHE H 229 -28.71 4.26 32.79
N SER H 230 -29.99 4.55 33.08
CA SER H 230 -30.32 5.72 33.90
C SER H 230 -30.79 5.49 35.35
N LYS H 231 -31.11 4.24 35.69
CA LYS H 231 -31.11 3.79 37.09
C LYS H 231 -31.16 2.24 37.13
P PO4 Q . -65.05 -48.41 30.99
O1 PO4 Q . -65.90 -49.56 31.51
O2 PO4 Q . -65.84 -47.45 30.14
O3 PO4 Q . -64.52 -47.66 32.18
O4 PO4 Q . -63.89 -48.98 30.21
P PO4 R . -4.61 -30.86 -50.23
O1 PO4 R . -5.22 -31.86 -49.28
O2 PO4 R . -5.57 -29.72 -50.48
O3 PO4 R . -3.35 -30.27 -49.64
O4 PO4 R . -4.26 -31.55 -51.55
P PO4 S . -13.60 -48.90 -24.66
O1 PO4 S . -13.97 -50.36 -24.70
O2 PO4 S . -13.98 -48.35 -23.31
O3 PO4 S . -12.11 -48.81 -24.85
O4 PO4 S . -14.29 -48.14 -25.76
P PO4 T . 14.16 -1.30 -48.14
O1 PO4 T . 13.41 -2.49 -48.69
O2 PO4 T . 13.13 -0.25 -47.78
O3 PO4 T . 15.00 -1.72 -46.96
O4 PO4 T . 15.11 -0.74 -49.17
P PO4 U . 9.18 0.66 -35.74
O1 PO4 U . 7.88 1.10 -35.10
O2 PO4 U . 9.69 1.59 -36.82
O3 PO4 U . 10.24 0.52 -34.70
O4 PO4 U . 9.00 -0.70 -36.35
P PO4 V . 68.10 -0.81 -1.75
O1 PO4 V . 67.44 -0.86 -3.10
O2 PO4 V . 67.27 0.05 -0.82
O3 PO4 V . 68.17 -2.22 -1.20
O4 PO4 V . 69.50 -0.24 -1.89
P PO4 W . 66.52 33.76 -24.37
O1 PO4 W . 65.75 34.29 -23.18
O2 PO4 W . 66.23 34.64 -25.55
O3 PO4 W . 68.00 33.76 -24.06
O4 PO4 W . 66.09 32.34 -24.67
P PO4 X . 54.19 15.00 -21.13
O1 PO4 X . 53.50 16.32 -21.39
O2 PO4 X . 55.46 15.27 -20.33
O3 PO4 X . 53.29 14.09 -20.34
O4 PO4 X . 54.51 14.36 -22.47
P PO4 Y . -30.03 40.96 28.91
O1 PO4 Y . -30.84 40.61 30.14
O2 PO4 Y . -30.91 41.71 27.96
O3 PO4 Y . -28.83 41.82 29.24
O4 PO4 Y . -29.53 39.68 28.27
P PO4 Z . -37.60 -0.66 7.64
O1 PO4 Z . -38.41 -1.85 7.19
O2 PO4 Z . -38.46 0.58 7.50
O3 PO4 Z . -37.23 -0.88 9.09
O4 PO4 Z . -36.32 -0.51 6.85
P PO4 AA . -42.37 1.29 20.16
O1 PO4 AA . -43.74 0.71 20.38
O2 PO4 AA . -42.32 2.27 18.99
O3 PO4 AA . -41.96 1.93 21.45
O4 PO4 AA . -41.34 0.23 19.87
#